data_2BPY
# 
_entry.id   2BPY 
# 
_audit_conform.dict_name       mmcif_pdbx.dic 
_audit_conform.dict_version    5.387 
_audit_conform.dict_location   http://mmcif.pdb.org/dictionaries/ascii/mmcif_pdbx.dic 
# 
loop_
_database_2.database_id 
_database_2.database_code 
_database_2.pdbx_database_accession 
_database_2.pdbx_DOI 
PDB   2BPY         pdb_00002bpy 10.2210/pdb2bpy/pdb 
WWPDB D_1000177858 ?            ?                   
# 
loop_
_pdbx_audit_revision_history.ordinal 
_pdbx_audit_revision_history.data_content_type 
_pdbx_audit_revision_history.major_revision 
_pdbx_audit_revision_history.minor_revision 
_pdbx_audit_revision_history.revision_date 
1 'Structure model' 1 0 1999-02-23 
2 'Structure model' 1 1 2008-03-24 
3 'Structure model' 1 2 2011-07-13 
4 'Structure model' 1 3 2012-05-09 
5 'Structure model' 1 4 2024-02-14 
# 
_pdbx_audit_revision_details.ordinal             1 
_pdbx_audit_revision_details.revision_ordinal    1 
_pdbx_audit_revision_details.data_content_type   'Structure model' 
_pdbx_audit_revision_details.provider            repository 
_pdbx_audit_revision_details.type                'Initial release' 
_pdbx_audit_revision_details.description         ? 
_pdbx_audit_revision_details.details             ? 
# 
loop_
_pdbx_audit_revision_group.ordinal 
_pdbx_audit_revision_group.revision_ordinal 
_pdbx_audit_revision_group.data_content_type 
_pdbx_audit_revision_group.group 
1 2 'Structure model' 'Version format compliance' 
2 3 'Structure model' 'Version format compliance' 
3 4 'Structure model' 'Structure summary'         
4 5 'Structure model' 'Data collection'           
5 5 'Structure model' 'Database references'       
6 5 'Structure model' 'Derived calculations'      
7 5 'Structure model' Other                       
# 
loop_
_pdbx_audit_revision_category.ordinal 
_pdbx_audit_revision_category.revision_ordinal 
_pdbx_audit_revision_category.data_content_type 
_pdbx_audit_revision_category.category 
1 5 'Structure model' chem_comp_atom       
2 5 'Structure model' chem_comp_bond       
3 5 'Structure model' database_2           
4 5 'Structure model' pdbx_database_status 
5 5 'Structure model' struct_site          
# 
loop_
_pdbx_audit_revision_item.ordinal 
_pdbx_audit_revision_item.revision_ordinal 
_pdbx_audit_revision_item.data_content_type 
_pdbx_audit_revision_item.item 
1 5 'Structure model' '_database_2.pdbx_DOI'                
2 5 'Structure model' '_database_2.pdbx_database_accession' 
3 5 'Structure model' '_pdbx_database_status.process_site'  
4 5 'Structure model' '_struct_site.pdbx_auth_asym_id'      
5 5 'Structure model' '_struct_site.pdbx_auth_comp_id'      
6 5 'Structure model' '_struct_site.pdbx_auth_seq_id'       
# 
_pdbx_database_status.status_code                     REL 
_pdbx_database_status.entry_id                        2BPY 
_pdbx_database_status.recvd_initial_deposition_date   1998-01-22 
_pdbx_database_status.deposit_site                    ? 
_pdbx_database_status.process_site                    BNL 
_pdbx_database_status.SG_entry                        . 
_pdbx_database_status.status_code_sf                  ? 
_pdbx_database_status.status_code_mr                  ? 
_pdbx_database_status.status_code_cs                  ? 
_pdbx_database_status.methods_development_category    ? 
_pdbx_database_status.pdb_format_compatible           Y 
_pdbx_database_status.status_code_nmr_data            ? 
# 
loop_
_audit_author.name 
_audit_author.pdbx_ordinal 
'Munshi, S.' 1 
'Chen, Z.'   2 
# 
loop_
_citation.id 
_citation.title 
_citation.journal_abbrev 
_citation.journal_volume 
_citation.page_first 
_citation.page_last 
_citation.year 
_citation.journal_id_ASTM 
_citation.country 
_citation.journal_id_ISSN 
_citation.journal_id_CSD 
_citation.book_publisher 
_citation.pdbx_database_id_PubMed 
_citation.pdbx_database_id_DOI 
primary 
'Rapid X-ray diffraction analysis of HIV-1 protease-inhibitor complexes: inhibitor exchange in single crystals of the bound enzyme.' 
'Acta Crystallogr.,Sect.D' 54  1053  1060 1998 ABCRE6 DK 0907-4449 0766 ? 9757136 10.1107/S0907444998003588 
1       
;Crystal Structure at 1.9-A Resolution of Human Immunodeficiency Virus (HIV) II Protease Complexed with L-735,524, an Orally Bioavailable Inhibitor of the HIV Proteases
;
J.Biol.Chem.               269 26344 ?    1994 JBCHA3 US 0021-9258 0071 ? ?       ?                         
# 
loop_
_citation_author.citation_id 
_citation_author.name 
_citation_author.ordinal 
_citation_author.identifier_ORCID 
primary 'Munshi, S.'    1  ? 
primary 'Chen, Z.'      2  ? 
primary 'Li, Y.'        3  ? 
primary 'Olsen, D.B.'   4  ? 
primary 'Fraley, M.E.'  5  ? 
primary 'Hungate, R.W.' 6  ? 
primary 'Kuo, L.C.'     7  ? 
1       'Chen, Z.'      8  ? 
1       'Li, Y.'        9  ? 
1       'Chen, E.'      10 ? 
1       'Hall, D.L.'    11 ? 
1       'Darke, P.L.'   12 ? 
1       'Culberson, C.' 13 ? 
1       'Shafer, J.A.'  14 ? 
1       'Kuo, L.C.'     15 ? 
# 
loop_
_entity.id 
_entity.type 
_entity.src_method 
_entity.pdbx_description 
_entity.formula_weight 
_entity.pdbx_number_of_molecules 
_entity.pdbx_ec 
_entity.pdbx_mutation 
_entity.pdbx_fragment 
_entity.details 
1 polymer     man 'HIV-1 PROTEASE' 10803.756 2   3.4.23.16 ? ? 'COMPLEXED WITH L-739,622' 
2 non-polymer syn 
;N-[2(S)-CYCLOPENTYL-1(R)-HYDROXY-3(R)METHYL]-5-[(2(S)-TERTIARY-BUTYLAMINO-CARBONYL)-4-(N1-(2)-(N-METHYLPIPERAZINYL)-3-CHLORO-PYRAZINYL-5-CARBONYL)-PIPERAZINO]-4(S)-HYDROXY-2(R)-PHENYLMETHYL-PENTANAMIDE
;
727.336   1   ?         ? ? ?                          
3 water       nat water 18.015    115 ?         ? ? ?                          
# 
_entity_poly.entity_id                      1 
_entity_poly.type                           'polypeptide(L)' 
_entity_poly.nstd_linkage                   no 
_entity_poly.nstd_monomer                   no 
_entity_poly.pdbx_seq_one_letter_code       
;PQITLWQRPLVTIKIGGQLKEALLDTGADDTVLEEMSLPGRWKPKMIGGIGGFIKVRQYDQILIEICGHKAIGTVLVGPT
PVNIIGRNLLTQIGCTLNF
;
_entity_poly.pdbx_seq_one_letter_code_can   
;PQITLWQRPLVTIKIGGQLKEALLDTGADDTVLEEMSLPGRWKPKMIGGIGGFIKVRQYDQILIEICGHKAIGTVLVGPT
PVNIIGRNLLTQIGCTLNF
;
_entity_poly.pdbx_strand_id                 A,B 
_entity_poly.pdbx_target_identifier         ? 
# 
loop_
_pdbx_entity_nonpoly.entity_id 
_pdbx_entity_nonpoly.name 
_pdbx_entity_nonpoly.comp_id 
2 
;N-[2(S)-CYCLOPENTYL-1(R)-HYDROXY-3(R)METHYL]-5-[(2(S)-TERTIARY-BUTYLAMINO-CARBONYL)-4-(N1-(2)-(N-METHYLPIPERAZINYL)-3-CHLORO-PYRAZINYL-5-CARBONYL)-PIPERAZINO]-4(S)-HYDROXY-2(R)-PHENYLMETHYL-PENTANAMIDE
;
3IN 
3 water HOH 
# 
loop_
_entity_poly_seq.entity_id 
_entity_poly_seq.num 
_entity_poly_seq.mon_id 
_entity_poly_seq.hetero 
1 1  PRO n 
1 2  GLN n 
1 3  ILE n 
1 4  THR n 
1 5  LEU n 
1 6  TRP n 
1 7  GLN n 
1 8  ARG n 
1 9  PRO n 
1 10 LEU n 
1 11 VAL n 
1 12 THR n 
1 13 ILE n 
1 14 LYS n 
1 15 ILE n 
1 16 GLY n 
1 17 GLY n 
1 18 GLN n 
1 19 LEU n 
1 20 LYS n 
1 21 GLU n 
1 22 ALA n 
1 23 LEU n 
1 24 LEU n 
1 25 ASP n 
1 26 THR n 
1 27 GLY n 
1 28 ALA n 
1 29 ASP n 
1 30 ASP n 
1 31 THR n 
1 32 VAL n 
1 33 LEU n 
1 34 GLU n 
1 35 GLU n 
1 36 MET n 
1 37 SER n 
1 38 LEU n 
1 39 PRO n 
1 40 GLY n 
1 41 ARG n 
1 42 TRP n 
1 43 LYS n 
1 44 PRO n 
1 45 LYS n 
1 46 MET n 
1 47 ILE n 
1 48 GLY n 
1 49 GLY n 
1 50 ILE n 
1 51 GLY n 
1 52 GLY n 
1 53 PHE n 
1 54 ILE n 
1 55 LYS n 
1 56 VAL n 
1 57 ARG n 
1 58 GLN n 
1 59 TYR n 
1 60 ASP n 
1 61 GLN n 
1 62 ILE n 
1 63 LEU n 
1 64 ILE n 
1 65 GLU n 
1 66 ILE n 
1 67 CYS n 
1 68 GLY n 
1 69 HIS n 
1 70 LYS n 
1 71 ALA n 
1 72 ILE n 
1 73 GLY n 
1 74 THR n 
1 75 VAL n 
1 76 LEU n 
1 77 VAL n 
1 78 GLY n 
1 79 PRO n 
1 80 THR n 
1 81 PRO n 
1 82 VAL n 
1 83 ASN n 
1 84 ILE n 
1 85 ILE n 
1 86 GLY n 
1 87 ARG n 
1 88 ASN n 
1 89 LEU n 
1 90 LEU n 
1 91 THR n 
1 92 GLN n 
1 93 ILE n 
1 94 GLY n 
1 95 CYS n 
1 96 THR n 
1 97 LEU n 
1 98 ASN n 
1 99 PHE n 
# 
_entity_src_gen.entity_id                          1 
_entity_src_gen.pdbx_src_id                        1 
_entity_src_gen.pdbx_alt_source_flag               sample 
_entity_src_gen.pdbx_seq_type                      ? 
_entity_src_gen.pdbx_beg_seq_num                   ? 
_entity_src_gen.pdbx_end_seq_num                   ? 
_entity_src_gen.gene_src_common_name               ? 
_entity_src_gen.gene_src_genus                     Lentivirus 
_entity_src_gen.pdbx_gene_src_gene                 'HIV-1 PROTEASE FROM THE NY5 ISOLATE' 
_entity_src_gen.gene_src_species                   ? 
_entity_src_gen.gene_src_strain                    ? 
_entity_src_gen.gene_src_tissue                    ? 
_entity_src_gen.gene_src_tissue_fraction           ? 
_entity_src_gen.gene_src_details                   ? 
_entity_src_gen.pdbx_gene_src_fragment             ? 
_entity_src_gen.pdbx_gene_src_scientific_name      'Human immunodeficiency virus 1' 
_entity_src_gen.pdbx_gene_src_ncbi_taxonomy_id     11676 
_entity_src_gen.pdbx_gene_src_variant              ? 
_entity_src_gen.pdbx_gene_src_cell_line            ? 
_entity_src_gen.pdbx_gene_src_atcc                 ? 
_entity_src_gen.pdbx_gene_src_organ                ? 
_entity_src_gen.pdbx_gene_src_organelle            ? 
_entity_src_gen.pdbx_gene_src_cell                 ? 
_entity_src_gen.pdbx_gene_src_cellular_location    ? 
_entity_src_gen.host_org_common_name               ? 
_entity_src_gen.pdbx_host_org_scientific_name      'Escherichia coli' 
_entity_src_gen.pdbx_host_org_ncbi_taxonomy_id     562 
_entity_src_gen.host_org_genus                     Escherichia 
_entity_src_gen.pdbx_host_org_gene                 ? 
_entity_src_gen.pdbx_host_org_organ                ? 
_entity_src_gen.host_org_species                   ? 
_entity_src_gen.pdbx_host_org_tissue               ? 
_entity_src_gen.pdbx_host_org_tissue_fraction      ? 
_entity_src_gen.pdbx_host_org_strain               ? 
_entity_src_gen.pdbx_host_org_variant              ? 
_entity_src_gen.pdbx_host_org_cell_line            ? 
_entity_src_gen.pdbx_host_org_atcc                 ? 
_entity_src_gen.pdbx_host_org_culture_collection   ? 
_entity_src_gen.pdbx_host_org_cell                 ? 
_entity_src_gen.pdbx_host_org_organelle            ? 
_entity_src_gen.pdbx_host_org_cellular_location    ? 
_entity_src_gen.pdbx_host_org_vector_type          ? 
_entity_src_gen.pdbx_host_org_vector               ? 
_entity_src_gen.host_org_details                   ? 
_entity_src_gen.expression_system_id               ? 
_entity_src_gen.plasmid_name                       ? 
_entity_src_gen.plasmid_details                    ? 
_entity_src_gen.pdbx_description                   ? 
# 
loop_
_chem_comp.id 
_chem_comp.type 
_chem_comp.mon_nstd_flag 
_chem_comp.name 
_chem_comp.pdbx_synonyms 
_chem_comp.formula 
_chem_comp.formula_weight 
3IN non-polymer         . 
;N-[2(S)-CYCLOPENTYL-1(R)-HYDROXY-3(R)METHYL]-5-[(2(S)-TERTIARY-BUTYLAMINO-CARBONYL)-4-(N1-(2)-(N-METHYLPIPERAZINYL)-3-CHLORO-PYRAZINYL-5-CARBONYL)-PIPERAZINO]-4(S)-HYDROXY-2(R)-PHENYLMETHYL-PENTANAMIDE
;
? 'C37 H55 Cl N8 O5' 727.336 
ALA 'L-peptide linking' y ALANINE ? 'C3 H7 N O2'       89.093  
ARG 'L-peptide linking' y ARGININE ? 'C6 H15 N4 O2 1'   175.209 
ASN 'L-peptide linking' y ASPARAGINE ? 'C4 H8 N2 O3'      132.118 
ASP 'L-peptide linking' y 'ASPARTIC ACID' ? 'C4 H7 N O4'       133.103 
CYS 'L-peptide linking' y CYSTEINE ? 'C3 H7 N O2 S'     121.158 
GLN 'L-peptide linking' y GLUTAMINE ? 'C5 H10 N2 O3'     146.144 
GLU 'L-peptide linking' y 'GLUTAMIC ACID' ? 'C5 H9 N O4'       147.129 
GLY 'peptide linking'   y GLYCINE ? 'C2 H5 N O2'       75.067  
HIS 'L-peptide linking' y HISTIDINE ? 'C6 H10 N3 O2 1'   156.162 
HOH non-polymer         . WATER ? 'H2 O'             18.015  
ILE 'L-peptide linking' y ISOLEUCINE ? 'C6 H13 N O2'      131.173 
LEU 'L-peptide linking' y LEUCINE ? 'C6 H13 N O2'      131.173 
LYS 'L-peptide linking' y LYSINE ? 'C6 H15 N2 O2 1'   147.195 
MET 'L-peptide linking' y METHIONINE ? 'C5 H11 N O2 S'    149.211 
PHE 'L-peptide linking' y PHENYLALANINE ? 'C9 H11 N O2'      165.189 
PRO 'L-peptide linking' y PROLINE ? 'C5 H9 N O2'       115.130 
SER 'L-peptide linking' y SERINE ? 'C3 H7 N O3'       105.093 
THR 'L-peptide linking' y THREONINE ? 'C4 H9 N O3'       119.119 
TRP 'L-peptide linking' y TRYPTOPHAN ? 'C11 H12 N2 O2'    204.225 
TYR 'L-peptide linking' y TYROSINE ? 'C9 H11 N O3'      181.189 
VAL 'L-peptide linking' y VALINE ? 'C5 H11 N O2'      117.146 
# 
loop_
_pdbx_poly_seq_scheme.asym_id 
_pdbx_poly_seq_scheme.entity_id 
_pdbx_poly_seq_scheme.seq_id 
_pdbx_poly_seq_scheme.mon_id 
_pdbx_poly_seq_scheme.ndb_seq_num 
_pdbx_poly_seq_scheme.pdb_seq_num 
_pdbx_poly_seq_scheme.auth_seq_num 
_pdbx_poly_seq_scheme.pdb_mon_id 
_pdbx_poly_seq_scheme.auth_mon_id 
_pdbx_poly_seq_scheme.pdb_strand_id 
_pdbx_poly_seq_scheme.pdb_ins_code 
_pdbx_poly_seq_scheme.hetero 
A 1 1  PRO 1  1  1  PRO PRO A . n 
A 1 2  GLN 2  2  2  GLN GLN A . n 
A 1 3  ILE 3  3  3  ILE ILE A . n 
A 1 4  THR 4  4  4  THR THR A . n 
A 1 5  LEU 5  5  5  LEU LEU A . n 
A 1 6  TRP 6  6  6  TRP TRP A . n 
A 1 7  GLN 7  7  7  GLN GLN A . n 
A 1 8  ARG 8  8  8  ARG ARG A . n 
A 1 9  PRO 9  9  9  PRO PRO A . n 
A 1 10 LEU 10 10 10 LEU LEU A . n 
A 1 11 VAL 11 11 11 VAL VAL A . n 
A 1 12 THR 12 12 12 THR THR A . n 
A 1 13 ILE 13 13 13 ILE ILE A . n 
A 1 14 LYS 14 14 14 LYS LYS A . n 
A 1 15 ILE 15 15 15 ILE ILE A . n 
A 1 16 GLY 16 16 16 GLY GLY A . n 
A 1 17 GLY 17 17 17 GLY GLY A . n 
A 1 18 GLN 18 18 18 GLN GLN A . n 
A 1 19 LEU 19 19 19 LEU LEU A . n 
A 1 20 LYS 20 20 20 LYS LYS A . n 
A 1 21 GLU 21 21 21 GLU GLU A . n 
A 1 22 ALA 22 22 22 ALA ALA A . n 
A 1 23 LEU 23 23 23 LEU LEU A . n 
A 1 24 LEU 24 24 24 LEU LEU A . n 
A 1 25 ASP 25 25 25 ASP ASP A . n 
A 1 26 THR 26 26 26 THR THR A . n 
A 1 27 GLY 27 27 27 GLY GLY A . n 
A 1 28 ALA 28 28 28 ALA ALA A . n 
A 1 29 ASP 29 29 29 ASP ASP A . n 
A 1 30 ASP 30 30 30 ASP ASP A . n 
A 1 31 THR 31 31 31 THR THR A . n 
A 1 32 VAL 32 32 32 VAL VAL A . n 
A 1 33 LEU 33 33 33 LEU LEU A . n 
A 1 34 GLU 34 34 34 GLU GLU A . n 
A 1 35 GLU 35 35 35 GLU GLU A . n 
A 1 36 MET 36 36 36 MET MET A . n 
A 1 37 SER 37 37 37 SER SER A . n 
A 1 38 LEU 38 38 38 LEU LEU A . n 
A 1 39 PRO 39 39 39 PRO PRO A . n 
A 1 40 GLY 40 40 40 GLY GLY A . n 
A 1 41 ARG 41 41 41 ARG ARG A . n 
A 1 42 TRP 42 42 42 TRP TRP A . n 
A 1 43 LYS 43 43 43 LYS LYS A . n 
A 1 44 PRO 44 44 44 PRO PRO A . n 
A 1 45 LYS 45 45 45 LYS LYS A . n 
A 1 46 MET 46 46 46 MET MET A . n 
A 1 47 ILE 47 47 47 ILE ILE A . n 
A 1 48 GLY 48 48 48 GLY GLY A . n 
A 1 49 GLY 49 49 49 GLY GLY A . n 
A 1 50 ILE 50 50 50 ILE ILE A . n 
A 1 51 GLY 51 51 51 GLY GLY A . n 
A 1 52 GLY 52 52 52 GLY GLY A . n 
A 1 53 PHE 53 53 53 PHE PHE A . n 
A 1 54 ILE 54 54 54 ILE ILE A . n 
A 1 55 LYS 55 55 55 LYS LYS A . n 
A 1 56 VAL 56 56 56 VAL VAL A . n 
A 1 57 ARG 57 57 57 ARG ARG A . n 
A 1 58 GLN 58 58 58 GLN GLN A . n 
A 1 59 TYR 59 59 59 TYR TYR A . n 
A 1 60 ASP 60 60 60 ASP ASP A . n 
A 1 61 GLN 61 61 61 GLN GLN A . n 
A 1 62 ILE 62 62 62 ILE ILE A . n 
A 1 63 LEU 63 63 63 LEU LEU A . n 
A 1 64 ILE 64 64 64 ILE ILE A . n 
A 1 65 GLU 65 65 65 GLU GLU A . n 
A 1 66 ILE 66 66 66 ILE ILE A . n 
A 1 67 CYS 67 67 67 CYS CYS A . n 
A 1 68 GLY 68 68 68 GLY GLY A . n 
A 1 69 HIS 69 69 69 HIS HIS A . n 
A 1 70 LYS 70 70 70 LYS LYS A . n 
A 1 71 ALA 71 71 71 ALA ALA A . n 
A 1 72 ILE 72 72 72 ILE ILE A . n 
A 1 73 GLY 73 73 73 GLY GLY A . n 
A 1 74 THR 74 74 74 THR THR A . n 
A 1 75 VAL 75 75 75 VAL VAL A . n 
A 1 76 LEU 76 76 76 LEU LEU A . n 
A 1 77 VAL 77 77 77 VAL VAL A . n 
A 1 78 GLY 78 78 78 GLY GLY A . n 
A 1 79 PRO 79 79 79 PRO PRO A . n 
A 1 80 THR 80 80 80 THR THR A . n 
A 1 81 PRO 81 81 81 PRO PRO A . n 
A 1 82 VAL 82 82 82 VAL VAL A . n 
A 1 83 ASN 83 83 83 ASN ASN A . n 
A 1 84 ILE 84 84 84 ILE ILE A . n 
A 1 85 ILE 85 85 85 ILE ILE A . n 
A 1 86 GLY 86 86 86 GLY GLY A . n 
A 1 87 ARG 87 87 87 ARG ARG A . n 
A 1 88 ASN 88 88 88 ASN ASN A . n 
A 1 89 LEU 89 89 89 LEU LEU A . n 
A 1 90 LEU 90 90 90 LEU LEU A . n 
A 1 91 THR 91 91 91 THR THR A . n 
A 1 92 GLN 92 92 92 GLN GLN A . n 
A 1 93 ILE 93 93 93 ILE ILE A . n 
A 1 94 GLY 94 94 94 GLY GLY A . n 
A 1 95 CYS 95 95 95 CYS CYS A . n 
A 1 96 THR 96 96 96 THR THR A . n 
A 1 97 LEU 97 97 97 LEU LEU A . n 
A 1 98 ASN 98 98 98 ASN ASN A . n 
A 1 99 PHE 99 99 99 PHE PHE A . n 
B 1 1  PRO 1  1  1  PRO PRO B . n 
B 1 2  GLN 2  2  2  GLN GLN B . n 
B 1 3  ILE 3  3  3  ILE ILE B . n 
B 1 4  THR 4  4  4  THR THR B . n 
B 1 5  LEU 5  5  5  LEU LEU B . n 
B 1 6  TRP 6  6  6  TRP TRP B . n 
B 1 7  GLN 7  7  7  GLN GLN B . n 
B 1 8  ARG 8  8  8  ARG ARG B . n 
B 1 9  PRO 9  9  9  PRO PRO B . n 
B 1 10 LEU 10 10 10 LEU LEU B . n 
B 1 11 VAL 11 11 11 VAL VAL B . n 
B 1 12 THR 12 12 12 THR THR B . n 
B 1 13 ILE 13 13 13 ILE ILE B . n 
B 1 14 LYS 14 14 14 LYS LYS B . n 
B 1 15 ILE 15 15 15 ILE ILE B . n 
B 1 16 GLY 16 16 16 GLY GLY B . n 
B 1 17 GLY 17 17 17 GLY GLY B . n 
B 1 18 GLN 18 18 18 GLN GLN B . n 
B 1 19 LEU 19 19 19 LEU LEU B . n 
B 1 20 LYS 20 20 20 LYS LYS B . n 
B 1 21 GLU 21 21 21 GLU GLU B . n 
B 1 22 ALA 22 22 22 ALA ALA B . n 
B 1 23 LEU 23 23 23 LEU LEU B . n 
B 1 24 LEU 24 24 24 LEU LEU B . n 
B 1 25 ASP 25 25 25 ASP ASP B . n 
B 1 26 THR 26 26 26 THR THR B . n 
B 1 27 GLY 27 27 27 GLY GLY B . n 
B 1 28 ALA 28 28 28 ALA ALA B . n 
B 1 29 ASP 29 29 29 ASP ASP B . n 
B 1 30 ASP 30 30 30 ASP ASP B . n 
B 1 31 THR 31 31 31 THR THR B . n 
B 1 32 VAL 32 32 32 VAL VAL B . n 
B 1 33 LEU 33 33 33 LEU LEU B . n 
B 1 34 GLU 34 34 34 GLU GLU B . n 
B 1 35 GLU 35 35 35 GLU GLU B . n 
B 1 36 MET 36 36 36 MET MET B . n 
B 1 37 SER 37 37 37 SER SER B . n 
B 1 38 LEU 38 38 38 LEU LEU B . n 
B 1 39 PRO 39 39 39 PRO PRO B . n 
B 1 40 GLY 40 40 40 GLY GLY B . n 
B 1 41 ARG 41 41 41 ARG ARG B . n 
B 1 42 TRP 42 42 42 TRP TRP B . n 
B 1 43 LYS 43 43 43 LYS LYS B . n 
B 1 44 PRO 44 44 44 PRO PRO B . n 
B 1 45 LYS 45 45 45 LYS LYS B . n 
B 1 46 MET 46 46 46 MET MET B . n 
B 1 47 ILE 47 47 47 ILE ILE B . n 
B 1 48 GLY 48 48 48 GLY GLY B . n 
B 1 49 GLY 49 49 49 GLY GLY B . n 
B 1 50 ILE 50 50 50 ILE ILE B . n 
B 1 51 GLY 51 51 51 GLY GLY B . n 
B 1 52 GLY 52 52 52 GLY GLY B . n 
B 1 53 PHE 53 53 53 PHE PHE B . n 
B 1 54 ILE 54 54 54 ILE ILE B . n 
B 1 55 LYS 55 55 55 LYS LYS B . n 
B 1 56 VAL 56 56 56 VAL VAL B . n 
B 1 57 ARG 57 57 57 ARG ARG B . n 
B 1 58 GLN 58 58 58 GLN GLN B . n 
B 1 59 TYR 59 59 59 TYR TYR B . n 
B 1 60 ASP 60 60 60 ASP ASP B . n 
B 1 61 GLN 61 61 61 GLN GLN B . n 
B 1 62 ILE 62 62 62 ILE ILE B . n 
B 1 63 LEU 63 63 63 LEU LEU B . n 
B 1 64 ILE 64 64 64 ILE ILE B . n 
B 1 65 GLU 65 65 65 GLU GLU B . n 
B 1 66 ILE 66 66 66 ILE ILE B . n 
B 1 67 CYS 67 67 67 CYS CYS B . n 
B 1 68 GLY 68 68 68 GLY GLY B . n 
B 1 69 HIS 69 69 69 HIS HIS B . n 
B 1 70 LYS 70 70 70 LYS LYS B . n 
B 1 71 ALA 71 71 71 ALA ALA B . n 
B 1 72 ILE 72 72 72 ILE ILE B . n 
B 1 73 GLY 73 73 73 GLY GLY B . n 
B 1 74 THR 74 74 74 THR THR B . n 
B 1 75 VAL 75 75 75 VAL VAL B . n 
B 1 76 LEU 76 76 76 LEU LEU B . n 
B 1 77 VAL 77 77 77 VAL VAL B . n 
B 1 78 GLY 78 78 78 GLY GLY B . n 
B 1 79 PRO 79 79 79 PRO PRO B . n 
B 1 80 THR 80 80 80 THR THR B . n 
B 1 81 PRO 81 81 81 PRO PRO B . n 
B 1 82 VAL 82 82 82 VAL VAL B . n 
B 1 83 ASN 83 83 83 ASN ASN B . n 
B 1 84 ILE 84 84 84 ILE ILE B . n 
B 1 85 ILE 85 85 85 ILE ILE B . n 
B 1 86 GLY 86 86 86 GLY GLY B . n 
B 1 87 ARG 87 87 87 ARG ARG B . n 
B 1 88 ASN 88 88 88 ASN ASN B . n 
B 1 89 LEU 89 89 89 LEU LEU B . n 
B 1 90 LEU 90 90 90 LEU LEU B . n 
B 1 91 THR 91 91 91 THR THR B . n 
B 1 92 GLN 92 92 92 GLN GLN B . n 
B 1 93 ILE 93 93 93 ILE ILE B . n 
B 1 94 GLY 94 94 94 GLY GLY B . n 
B 1 95 CYS 95 95 95 CYS CYS B . n 
B 1 96 THR 96 96 96 THR THR B . n 
B 1 97 LEU 97 97 97 LEU LEU B . n 
B 1 98 ASN 98 98 98 ASN ASN B . n 
B 1 99 PHE 99 99 99 PHE PHE B . n 
# 
loop_
_pdbx_nonpoly_scheme.asym_id 
_pdbx_nonpoly_scheme.entity_id 
_pdbx_nonpoly_scheme.mon_id 
_pdbx_nonpoly_scheme.ndb_seq_num 
_pdbx_nonpoly_scheme.pdb_seq_num 
_pdbx_nonpoly_scheme.auth_seq_num 
_pdbx_nonpoly_scheme.pdb_mon_id 
_pdbx_nonpoly_scheme.auth_mon_id 
_pdbx_nonpoly_scheme.pdb_strand_id 
_pdbx_nonpoly_scheme.pdb_ins_code 
C 2 3IN 1  902 902 3IN 3IN B . 
D 3 HOH 1  305 305 HOH HOH A . 
D 3 HOH 2  307 307 HOH HOH A . 
D 3 HOH 3  309 309 HOH HOH A . 
D 3 HOH 4  314 314 HOH HOH A . 
D 3 HOH 5  315 315 HOH HOH A . 
D 3 HOH 6  324 324 HOH HOH A . 
D 3 HOH 7  325 325 HOH HOH A . 
D 3 HOH 8  327 327 HOH HOH A . 
D 3 HOH 9  328 328 HOH HOH A . 
D 3 HOH 10 329 329 HOH HOH A . 
D 3 HOH 11 331 331 HOH HOH A . 
D 3 HOH 12 332 332 HOH HOH A . 
D 3 HOH 13 344 344 HOH HOH A . 
D 3 HOH 14 345 345 HOH HOH A . 
D 3 HOH 15 377 377 HOH HOH A . 
D 3 HOH 16 384 384 HOH HOH A . 
D 3 HOH 17 386 386 HOH HOH A . 
D 3 HOH 18 389 389 HOH HOH A . 
D 3 HOH 19 394 394 HOH HOH A . 
D 3 HOH 20 406 406 HOH HOH A . 
D 3 HOH 21 408 408 HOH HOH A . 
D 3 HOH 22 416 416 HOH HOH A . 
D 3 HOH 23 422 422 HOH HOH A . 
D 3 HOH 24 439 439 HOH HOH A . 
D 3 HOH 25 457 457 HOH HOH A . 
D 3 HOH 26 501 501 HOH HOH A . 
D 3 HOH 27 503 503 HOH HOH A . 
D 3 HOH 28 510 510 HOH HOH A . 
D 3 HOH 29 524 524 HOH HOH A . 
D 3 HOH 30 529 529 HOH HOH A . 
D 3 HOH 31 531 531 HOH HOH A . 
D 3 HOH 32 532 532 HOH HOH A . 
D 3 HOH 33 561 561 HOH HOH A . 
D 3 HOH 34 567 567 HOH HOH A . 
D 3 HOH 35 572 572 HOH HOH A . 
D 3 HOH 36 575 575 HOH HOH A . 
D 3 HOH 37 618 618 HOH HOH A . 
D 3 HOH 38 619 619 HOH HOH A . 
D 3 HOH 39 620 620 HOH HOH A . 
E 3 HOH 1  301 301 HOH HOH B . 
E 3 HOH 2  304 304 HOH HOH B . 
E 3 HOH 3  306 306 HOH HOH B . 
E 3 HOH 4  308 308 HOH HOH B . 
E 3 HOH 5  312 312 HOH HOH B . 
E 3 HOH 6  313 313 HOH HOH B . 
E 3 HOH 7  316 316 HOH HOH B . 
E 3 HOH 8  317 317 HOH HOH B . 
E 3 HOH 9  318 318 HOH HOH B . 
E 3 HOH 10 319 319 HOH HOH B . 
E 3 HOH 11 321 321 HOH HOH B . 
E 3 HOH 12 323 323 HOH HOH B . 
E 3 HOH 13 326 326 HOH HOH B . 
E 3 HOH 14 333 333 HOH HOH B . 
E 3 HOH 15 334 334 HOH HOH B . 
E 3 HOH 16 335 335 HOH HOH B . 
E 3 HOH 17 338 338 HOH HOH B . 
E 3 HOH 18 339 339 HOH HOH B . 
E 3 HOH 19 340 340 HOH HOH B . 
E 3 HOH 20 346 346 HOH HOH B . 
E 3 HOH 21 347 347 HOH HOH B . 
E 3 HOH 22 348 348 HOH HOH B . 
E 3 HOH 23 349 349 HOH HOH B . 
E 3 HOH 24 350 350 HOH HOH B . 
E 3 HOH 25 354 354 HOH HOH B . 
E 3 HOH 26 355 355 HOH HOH B . 
E 3 HOH 27 356 356 HOH HOH B . 
E 3 HOH 28 357 357 HOH HOH B . 
E 3 HOH 29 358 358 HOH HOH B . 
E 3 HOH 30 359 359 HOH HOH B . 
E 3 HOH 31 362 362 HOH HOH B . 
E 3 HOH 32 364 364 HOH HOH B . 
E 3 HOH 33 367 367 HOH HOH B . 
E 3 HOH 34 369 369 HOH HOH B . 
E 3 HOH 35 370 370 HOH HOH B . 
E 3 HOH 36 374 374 HOH HOH B . 
E 3 HOH 37 375 375 HOH HOH B . 
E 3 HOH 38 376 376 HOH HOH B . 
E 3 HOH 39 379 379 HOH HOH B . 
E 3 HOH 40 381 381 HOH HOH B . 
E 3 HOH 41 383 383 HOH HOH B . 
E 3 HOH 42 387 387 HOH HOH B . 
E 3 HOH 43 388 388 HOH HOH B . 
E 3 HOH 44 392 392 HOH HOH B . 
E 3 HOH 45 393 393 HOH HOH B . 
E 3 HOH 46 395 395 HOH HOH B . 
E 3 HOH 47 400 400 HOH HOH B . 
E 3 HOH 48 401 401 HOH HOH B . 
E 3 HOH 49 405 405 HOH HOH B . 
E 3 HOH 50 410 410 HOH HOH B . 
E 3 HOH 51 414 414 HOH HOH B . 
E 3 HOH 52 419 419 HOH HOH B . 
E 3 HOH 53 420 420 HOH HOH B . 
E 3 HOH 54 425 425 HOH HOH B . 
E 3 HOH 55 436 436 HOH HOH B . 
E 3 HOH 56 443 443 HOH HOH B . 
E 3 HOH 57 461 461 HOH HOH B . 
E 3 HOH 58 468 468 HOH HOH B . 
E 3 HOH 59 471 471 HOH HOH B . 
E 3 HOH 60 500 500 HOH HOH B . 
E 3 HOH 61 505 505 HOH HOH B . 
E 3 HOH 62 506 506 HOH HOH B . 
E 3 HOH 63 509 509 HOH HOH B . 
E 3 HOH 64 514 514 HOH HOH B . 
E 3 HOH 65 515 515 HOH HOH B . 
E 3 HOH 66 517 517 HOH HOH B . 
E 3 HOH 67 525 525 HOH HOH B . 
E 3 HOH 68 526 526 HOH HOH B . 
E 3 HOH 69 549 549 HOH HOH B . 
E 3 HOH 70 553 553 HOH HOH B . 
E 3 HOH 71 564 564 HOH HOH B . 
E 3 HOH 72 568 568 HOH HOH B . 
E 3 HOH 73 591 591 HOH HOH B . 
E 3 HOH 74 595 595 HOH HOH B . 
E 3 HOH 75 613 613 HOH HOH B . 
E 3 HOH 76 617 617 HOH HOH B . 
# 
loop_
_software.name 
_software.classification 
_software.version 
_software.citation_id 
_software.pdbx_ordinal 
X-PLOR 'model building' . ? 1 
X-PLOR refinement       . ? 2 
X-PLOR phasing          . ? 3 
# 
_cell.entry_id           2BPY 
_cell.length_a           58.640 
_cell.length_b           87.280 
_cell.length_c           46.830 
_cell.angle_alpha        90.00 
_cell.angle_beta         90.00 
_cell.angle_gamma        90.00 
_cell.Z_PDB              8 
_cell.pdbx_unique_axis   ? 
_cell.length_a_esd       ? 
_cell.length_b_esd       ? 
_cell.length_c_esd       ? 
_cell.angle_alpha_esd    ? 
_cell.angle_beta_esd     ? 
_cell.angle_gamma_esd    ? 
# 
_symmetry.entry_id                         2BPY 
_symmetry.space_group_name_H-M             'P 21 21 2' 
_symmetry.pdbx_full_space_group_name_H-M   ? 
_symmetry.cell_setting                     ? 
_symmetry.Int_Tables_number                18 
_symmetry.space_group_name_Hall            ? 
# 
_exptl.entry_id          2BPY 
_exptl.method            'X-RAY DIFFRACTION' 
_exptl.crystals_number   ? 
# 
_exptl_crystal.id                    1 
_exptl_crystal.density_meas          ? 
_exptl_crystal.density_Matthews      2.77 
_exptl_crystal.density_percent_sol   55.62 
_exptl_crystal.description           ? 
_exptl_crystal.F_000                 ? 
_exptl_crystal.preparation           ? 
# 
_diffrn.id                     1 
_diffrn.ambient_temp           ? 
_diffrn.ambient_temp_details   ? 
_diffrn.crystal_id             1 
# 
_diffrn_radiation.diffrn_id                        1 
_diffrn_radiation.wavelength_id                    1 
_diffrn_radiation.pdbx_monochromatic_or_laue_m_l   ? 
_diffrn_radiation.monochromator                    ? 
_diffrn_radiation.pdbx_diffrn_protocol             ? 
_diffrn_radiation.pdbx_scattering_type             x-ray 
# 
_diffrn_radiation_wavelength.id           1 
_diffrn_radiation_wavelength.wavelength   . 
_diffrn_radiation_wavelength.wt           1.0 
# 
_refine.entry_id                                 2BPY 
_refine.ls_number_reflns_obs                     ? 
_refine.ls_number_reflns_all                     ? 
_refine.pdbx_ls_sigma_I                          ? 
_refine.pdbx_ls_sigma_F                          ? 
_refine.pdbx_data_cutoff_high_absF               ? 
_refine.pdbx_data_cutoff_low_absF                ? 
_refine.pdbx_data_cutoff_high_rms_absF           ? 
_refine.ls_d_res_low                             ? 
_refine.ls_d_res_high                            1.9 
_refine.ls_percent_reflns_obs                    ? 
_refine.ls_R_factor_obs                          0.1970000 
_refine.ls_R_factor_all                          ? 
_refine.ls_R_factor_R_work                       0.1970000 
_refine.ls_R_factor_R_free                       ? 
_refine.ls_R_factor_R_free_error                 ? 
_refine.ls_R_factor_R_free_error_details         ? 
_refine.ls_percent_reflns_R_free                 ? 
_refine.ls_number_reflns_R_free                  ? 
_refine.ls_number_parameters                     ? 
_refine.ls_number_restraints                     ? 
_refine.occupancy_min                            ? 
_refine.occupancy_max                            ? 
_refine.B_iso_mean                               ? 
_refine.aniso_B[1][1]                            ? 
_refine.aniso_B[2][2]                            ? 
_refine.aniso_B[3][3]                            ? 
_refine.aniso_B[1][2]                            ? 
_refine.aniso_B[1][3]                            ? 
_refine.aniso_B[2][3]                            ? 
_refine.solvent_model_details                    ? 
_refine.solvent_model_param_ksol                 ? 
_refine.solvent_model_param_bsol                 ? 
_refine.pdbx_ls_cross_valid_method               ? 
_refine.details                                  ? 
_refine.pdbx_starting_model                      ? 
_refine.pdbx_method_to_determine_struct          ? 
_refine.pdbx_isotropic_thermal_model             ? 
_refine.pdbx_stereochemistry_target_values       ? 
_refine.pdbx_stereochem_target_val_spec_case     ? 
_refine.pdbx_R_Free_selection_details            ? 
_refine.pdbx_overall_ESU_R                       ? 
_refine.pdbx_overall_ESU_R_Free                  ? 
_refine.overall_SU_ML                            ? 
_refine.overall_SU_B                             ? 
_refine.pdbx_refine_id                           'X-RAY DIFFRACTION' 
_refine.pdbx_diffrn_id                           1 
_refine.ls_redundancy_reflns_obs                 ? 
_refine.pdbx_overall_phase_error                 ? 
_refine.B_iso_min                                ? 
_refine.B_iso_max                                ? 
_refine.correlation_coeff_Fo_to_Fc               ? 
_refine.correlation_coeff_Fo_to_Fc_free          ? 
_refine.pdbx_solvent_vdw_probe_radii             ? 
_refine.pdbx_solvent_ion_probe_radii             ? 
_refine.pdbx_solvent_shrinkage_radii             ? 
_refine.overall_SU_R_Cruickshank_DPI             ? 
_refine.overall_SU_R_free                        ? 
_refine.ls_wR_factor_R_free                      ? 
_refine.ls_wR_factor_R_work                      ? 
_refine.overall_FOM_free_R_set                   ? 
_refine.overall_FOM_work_R_set                   ? 
_refine.pdbx_TLS_residual_ADP_flag               ? 
_refine.pdbx_overall_SU_R_free_Cruickshank_DPI   ? 
_refine.pdbx_overall_SU_R_Blow_DPI               ? 
_refine.pdbx_overall_SU_R_free_Blow_DPI          ? 
# 
_refine_hist.pdbx_refine_id                   'X-RAY DIFFRACTION' 
_refine_hist.cycle_id                         LAST 
_refine_hist.pdbx_number_atoms_protein        1514 
_refine_hist.pdbx_number_atoms_nucleic_acid   0 
_refine_hist.pdbx_number_atoms_ligand         51 
_refine_hist.number_atoms_solvent             115 
_refine_hist.number_atoms_total               1680 
_refine_hist.d_res_high                       1.9 
_refine_hist.d_res_low                        . 
# 
loop_
_refine_ls_restr.type 
_refine_ls_restr.dev_ideal 
_refine_ls_restr.dev_ideal_target 
_refine_ls_restr.weight 
_refine_ls_restr.number 
_refine_ls_restr.pdbx_refine_id 
_refine_ls_restr.pdbx_restraint_function 
x_bond_d                0.014 ? ? ? 'X-RAY DIFFRACTION' ? 
x_bond_d_na             ?     ? ? ? 'X-RAY DIFFRACTION' ? 
x_bond_d_prot           ?     ? ? ? 'X-RAY DIFFRACTION' ? 
x_angle_d               ?     ? ? ? 'X-RAY DIFFRACTION' ? 
x_angle_d_na            ?     ? ? ? 'X-RAY DIFFRACTION' ? 
x_angle_d_prot          ?     ? ? ? 'X-RAY DIFFRACTION' ? 
x_angle_deg             2.1   ? ? ? 'X-RAY DIFFRACTION' ? 
x_angle_deg_na          ?     ? ? ? 'X-RAY DIFFRACTION' ? 
x_angle_deg_prot        ?     ? ? ? 'X-RAY DIFFRACTION' ? 
x_dihedral_angle_d      ?     ? ? ? 'X-RAY DIFFRACTION' ? 
x_dihedral_angle_d_na   ?     ? ? ? 'X-RAY DIFFRACTION' ? 
x_dihedral_angle_d_prot ?     ? ? ? 'X-RAY DIFFRACTION' ? 
x_improper_angle_d      ?     ? ? ? 'X-RAY DIFFRACTION' ? 
x_improper_angle_d_na   ?     ? ? ? 'X-RAY DIFFRACTION' ? 
x_improper_angle_d_prot ?     ? ? ? 'X-RAY DIFFRACTION' ? 
x_mcbond_it             ?     ? ? ? 'X-RAY DIFFRACTION' ? 
x_mcangle_it            ?     ? ? ? 'X-RAY DIFFRACTION' ? 
x_scbond_it             ?     ? ? ? 'X-RAY DIFFRACTION' ? 
x_scangle_it            ?     ? ? ? 'X-RAY DIFFRACTION' ? 
# 
_struct.entry_id                  2BPY 
_struct.title                     'HIV-1 protease-inhibitor complex' 
_struct.pdbx_model_details        ? 
_struct.pdbx_CASP_flag            ? 
_struct.pdbx_model_type_details   ? 
# 
_struct_keywords.entry_id        2BPY 
_struct_keywords.pdbx_keywords   'HYDROLASE/HYDROLASE INHIBITOR' 
_struct_keywords.text            'ACID PROTEASE, HYDROLASE-HYDROLASE INHIBITOR complex' 
# 
loop_
_struct_asym.id 
_struct_asym.pdbx_blank_PDB_chainid_flag 
_struct_asym.pdbx_modified 
_struct_asym.entity_id 
_struct_asym.details 
A N N 1 ? 
B N N 1 ? 
C N N 2 ? 
D N N 3 ? 
E N N 3 ? 
# 
_struct_ref.id                         1 
_struct_ref.db_name                    UNP 
_struct_ref.db_code                    POL_HV1B5 
_struct_ref.entity_id                  1 
_struct_ref.pdbx_db_accession          P04587 
_struct_ref.pdbx_align_begin           1 
_struct_ref.pdbx_seq_one_letter_code   
;FFREDLAFLQGKAREFSSEQTRANSPTISSEQTRANSPTRRELQVWGRDNNSPSEAGADRQGTVSFNFPQITLWQRPLVT
IKIGGQLKEALLDTGADDTVLEEMSLPGRWKPKMIGGIGGFIKVRQYDQILIEICGHKAIGTVLVGPTPVNIIGRNLLTQ
IGCTLNFPISPIETVPVKLKPGMDGPKVKQWPLTEEKIKALVEICTEMEKEGKISKIGPENPYNTPVFAIKKKDSTKWRK
LVDFRELNRRTQDFWEVQLGIPHPAGLKKKKSVTVLDVGDAYFSVPLDEDFRKYTAFTIPSINNETPGSGYQYNVLPQGW
KGSPAIFQSSMTKILEPFRKQNPDIVIYQYMDDLYVGSDLEIGQHRTKIEELRQHLLRWGFTTPDKKHQKEPPFLWMGYE
LHPDKWTIQPIVLPEKDSWTVNDIQKLVGKLNWASQIYPGIKVRQLCKLLRGTKALTEVIPLTEEAELELAENREILKEP
VHGVYYDPSKDLIAEIQKQGQGQWTYQIYQEPFKNLKTGKYARMRGAHTNDVKQLTEAVQKITTESIVIWGKTPKFKLPI
QKETWETWWTEYWQATWIPEWEFVNTPPLVKLWYQLEKEPIVGAETFYVDGAASRETKLGKAGYVTNRGRQKVVTLTHTT
NQKTELQAIHLALQDSGLEVNIVTDSQYALGIIQAQPDKSESELVNQIIEQLIKKEKVYLAWVPAHKGIGGNEQVDKLVS
AGIRKILFLDGIDKAQEEHEKYHSNWRAMASDFNLPPVVAKEIVASCDKCQLKGEAMHGQVDCSPGIWQLDCTHLEGKVI
LVAVHVASGYIEAEVIPAETGQETAYFLLKLAGRWPVKTIHTDNGSNFTSATVKAACWWAGIKQEFGIPYNPQSQGVVES
MNKELKKIIGQVRDQAEHLKTAVQMAVFIHNFKRKGGIGGYSAGERIVDIIATDIQTKELQKQITKIQNFRVYYRDSRNP
LWKGPAKLLWKGEGAVVIQDNSDIKVVPRRKAKIIRDYGKQMAGDDCVASRQDED
;
_struct_ref.pdbx_db_isoform            ? 
# 
loop_
_struct_ref_seq.align_id 
_struct_ref_seq.ref_id 
_struct_ref_seq.pdbx_PDB_id_code 
_struct_ref_seq.pdbx_strand_id 
_struct_ref_seq.seq_align_beg 
_struct_ref_seq.pdbx_seq_align_beg_ins_code 
_struct_ref_seq.seq_align_end 
_struct_ref_seq.pdbx_seq_align_end_ins_code 
_struct_ref_seq.pdbx_db_accession 
_struct_ref_seq.db_align_beg 
_struct_ref_seq.pdbx_db_align_beg_ins_code 
_struct_ref_seq.db_align_end 
_struct_ref_seq.pdbx_db_align_end_ins_code 
_struct_ref_seq.pdbx_auth_seq_align_beg 
_struct_ref_seq.pdbx_auth_seq_align_end 
1 1 2BPY A 1 ? 99 ? P04587 69 ? 167 ? 1 99 
2 1 2BPY B 1 ? 99 ? P04587 69 ? 167 ? 1 99 
# 
_pdbx_struct_assembly.id                   1 
_pdbx_struct_assembly.details              author_and_software_defined_assembly 
_pdbx_struct_assembly.method_details       PISA 
_pdbx_struct_assembly.oligomeric_details   dimeric 
_pdbx_struct_assembly.oligomeric_count     2 
# 
loop_
_pdbx_struct_assembly_prop.biol_id 
_pdbx_struct_assembly_prop.type 
_pdbx_struct_assembly_prop.value 
_pdbx_struct_assembly_prop.details 
1 'ABSA (A^2)' 3600  ? 
1 MORE         -27   ? 
1 'SSA (A^2)'  10780 ? 
# 
_pdbx_struct_assembly_gen.assembly_id       1 
_pdbx_struct_assembly_gen.oper_expression   1 
_pdbx_struct_assembly_gen.asym_id_list      A,B,C,D,E 
# 
_pdbx_struct_oper_list.id                   1 
_pdbx_struct_oper_list.type                 'identity operation' 
_pdbx_struct_oper_list.name                 1_555 
_pdbx_struct_oper_list.symmetry_operation   x,y,z 
_pdbx_struct_oper_list.matrix[1][1]         1.0000000000 
_pdbx_struct_oper_list.matrix[1][2]         0.0000000000 
_pdbx_struct_oper_list.matrix[1][3]         0.0000000000 
_pdbx_struct_oper_list.vector[1]            0.0000000000 
_pdbx_struct_oper_list.matrix[2][1]         0.0000000000 
_pdbx_struct_oper_list.matrix[2][2]         1.0000000000 
_pdbx_struct_oper_list.matrix[2][3]         0.0000000000 
_pdbx_struct_oper_list.vector[2]            0.0000000000 
_pdbx_struct_oper_list.matrix[3][1]         0.0000000000 
_pdbx_struct_oper_list.matrix[3][2]         0.0000000000 
_pdbx_struct_oper_list.matrix[3][3]         1.0000000000 
_pdbx_struct_oper_list.vector[3]            0.0000000000 
# 
_struct_biol.id                    1 
_struct_biol.details               
;THERE IS ONE PROTEASE DIMER IN AN ASYMMETRICAL UNIT.  THE
TWO MOLECULES ARE LABELED AS CHAIN A AND CHAIN B.  THERE
IS ONE L-739,622 INHIBITOR MOLECULE LABELED AS 3IN.
;
_struct_biol.pdbx_parent_biol_id   ? 
# 
loop_
_struct_conf.conf_type_id 
_struct_conf.id 
_struct_conf.pdbx_PDB_helix_id 
_struct_conf.beg_label_comp_id 
_struct_conf.beg_label_asym_id 
_struct_conf.beg_label_seq_id 
_struct_conf.pdbx_beg_PDB_ins_code 
_struct_conf.end_label_comp_id 
_struct_conf.end_label_asym_id 
_struct_conf.end_label_seq_id 
_struct_conf.pdbx_end_PDB_ins_code 
_struct_conf.beg_auth_comp_id 
_struct_conf.beg_auth_asym_id 
_struct_conf.beg_auth_seq_id 
_struct_conf.end_auth_comp_id 
_struct_conf.end_auth_asym_id 
_struct_conf.end_auth_seq_id 
_struct_conf.pdbx_PDB_helix_class 
_struct_conf.details 
_struct_conf.pdbx_PDB_helix_length 
HELX_P HELX_P1 1 ARG A 87 ? ILE A 93 ? ARG A 87 ILE A 93 1 ? 7 
HELX_P HELX_P2 2 ARG B 87 ? LEU B 90 ? ARG B 87 LEU B 90 1 ? 4 
# 
_struct_conf_type.id          HELX_P 
_struct_conf_type.criteria    ? 
_struct_conf_type.reference   ? 
# 
loop_
_struct_sheet.id 
_struct_sheet.type 
_struct_sheet.number_strands 
_struct_sheet.details 
A ? 2 ? 
B ? 4 ? 
C ? 2 ? 
D ? 2 ? 
E ? 3 ? 
F ? 2 ? 
# 
loop_
_struct_sheet_order.sheet_id 
_struct_sheet_order.range_id_1 
_struct_sheet_order.range_id_2 
_struct_sheet_order.offset 
_struct_sheet_order.sense 
A 1 2 ? anti-parallel 
B 1 2 ? parallel      
B 2 3 ? anti-parallel 
B 3 4 ? anti-parallel 
C 1 2 ? anti-parallel 
D 1 2 ? anti-parallel 
E 1 2 ? anti-parallel 
E 2 3 ? anti-parallel 
F 1 2 ? anti-parallel 
# 
loop_
_struct_sheet_range.sheet_id 
_struct_sheet_range.id 
_struct_sheet_range.beg_label_comp_id 
_struct_sheet_range.beg_label_asym_id 
_struct_sheet_range.beg_label_seq_id 
_struct_sheet_range.pdbx_beg_PDB_ins_code 
_struct_sheet_range.end_label_comp_id 
_struct_sheet_range.end_label_asym_id 
_struct_sheet_range.end_label_seq_id 
_struct_sheet_range.pdbx_end_PDB_ins_code 
_struct_sheet_range.beg_auth_comp_id 
_struct_sheet_range.beg_auth_asym_id 
_struct_sheet_range.beg_auth_seq_id 
_struct_sheet_range.end_auth_comp_id 
_struct_sheet_range.end_auth_asym_id 
_struct_sheet_range.end_auth_seq_id 
A 1 LEU A 10 ? ILE A 15 ? LEU A 10 ILE A 15 
A 2 GLN A 18 ? LEU A 23 ? GLN A 18 LEU A 23 
B 1 VAL A 32 ? GLU A 34 ? VAL A 32 GLU A 34 
B 2 VAL A 75 ? GLY A 78 ? VAL A 75 GLY A 78 
B 3 GLY A 52 ? TYR A 59 ? GLY A 52 TYR A 59 
B 4 TRP A 42 ? GLY A 49 ? TRP A 42 GLY A 49 
C 1 ILE A 62 ? ILE A 66 ? ILE A 62 ILE A 66 
C 2 HIS A 69 ? GLY A 73 ? HIS A 69 GLY A 73 
D 1 LEU B 10 ? ILE B 15 ? LEU B 10 ILE B 15 
D 2 GLN B 18 ? LEU B 23 ? GLN B 18 LEU B 23 
E 1 LYS B 43 ? GLY B 48 ? LYS B 43 GLY B 48 
E 2 PHE B 53 ? TYR B 59 ? PHE B 53 TYR B 59 
E 3 VAL B 75 ? VAL B 77 ? VAL B 75 VAL B 77 
F 1 ILE B 62 ? ILE B 66 ? ILE B 62 ILE B 66 
F 2 HIS B 69 ? GLY B 73 ? HIS B 69 GLY B 73 
# 
loop_
_pdbx_struct_sheet_hbond.sheet_id 
_pdbx_struct_sheet_hbond.range_id_1 
_pdbx_struct_sheet_hbond.range_id_2 
_pdbx_struct_sheet_hbond.range_1_label_atom_id 
_pdbx_struct_sheet_hbond.range_1_label_comp_id 
_pdbx_struct_sheet_hbond.range_1_label_asym_id 
_pdbx_struct_sheet_hbond.range_1_label_seq_id 
_pdbx_struct_sheet_hbond.range_1_PDB_ins_code 
_pdbx_struct_sheet_hbond.range_1_auth_atom_id 
_pdbx_struct_sheet_hbond.range_1_auth_comp_id 
_pdbx_struct_sheet_hbond.range_1_auth_asym_id 
_pdbx_struct_sheet_hbond.range_1_auth_seq_id 
_pdbx_struct_sheet_hbond.range_2_label_atom_id 
_pdbx_struct_sheet_hbond.range_2_label_comp_id 
_pdbx_struct_sheet_hbond.range_2_label_asym_id 
_pdbx_struct_sheet_hbond.range_2_label_seq_id 
_pdbx_struct_sheet_hbond.range_2_PDB_ins_code 
_pdbx_struct_sheet_hbond.range_2_auth_atom_id 
_pdbx_struct_sheet_hbond.range_2_auth_comp_id 
_pdbx_struct_sheet_hbond.range_2_auth_asym_id 
_pdbx_struct_sheet_hbond.range_2_auth_seq_id 
A 1 2 O VAL A 11 ? O VAL A 11 N ALA A 22 ? N ALA A 22 
B 1 2 O LEU A 33 ? O LEU A 33 N LEU A 76 ? N LEU A 76 
B 2 3 O VAL A 75 ? O VAL A 75 N TYR A 59 ? N TYR A 59 
B 3 4 O GLY A 52 ? O GLY A 52 N GLY A 49 ? N GLY A 49 
C 1 2 O ILE A 62 ? O ILE A 62 N GLY A 73 ? N GLY A 73 
D 1 2 O VAL B 11 ? O VAL B 11 N ALA B 22 ? N ALA B 22 
E 1 2 O LYS B 43 ? O LYS B 43 N GLN B 58 ? N GLN B 58 
E 2 3 O ARG B 57 ? O ARG B 57 N VAL B 77 ? N VAL B 77 
F 1 2 O ILE B 62 ? O ILE B 62 N GLY B 73 ? N GLY B 73 
# 
_struct_site.id                   AC1 
_struct_site.pdbx_evidence_code   Software 
_struct_site.pdbx_auth_asym_id    B 
_struct_site.pdbx_auth_comp_id    3IN 
_struct_site.pdbx_auth_seq_id     902 
_struct_site.pdbx_auth_ins_code   ? 
_struct_site.pdbx_num_residues    16 
_struct_site.details              'BINDING SITE FOR RESIDUE 3IN B 902' 
# 
loop_
_struct_site_gen.id 
_struct_site_gen.site_id 
_struct_site_gen.pdbx_num_res 
_struct_site_gen.label_comp_id 
_struct_site_gen.label_asym_id 
_struct_site_gen.label_seq_id 
_struct_site_gen.pdbx_auth_ins_code 
_struct_site_gen.auth_comp_id 
_struct_site_gen.auth_asym_id 
_struct_site_gen.auth_seq_id 
_struct_site_gen.label_atom_id 
_struct_site_gen.label_alt_id 
_struct_site_gen.symmetry 
_struct_site_gen.details 
1  AC1 16 TRP A 6  ? TRP A 6   . ? 4_455 ? 
2  AC1 16 ARG A 8  ? ARG A 8   . ? 1_555 ? 
3  AC1 16 ASP A 25 ? ASP A 25  . ? 1_555 ? 
4  AC1 16 GLY A 48 ? GLY A 48  . ? 1_555 ? 
5  AC1 16 GLY A 49 ? GLY A 49  . ? 1_555 ? 
6  AC1 16 PHE A 53 ? PHE A 53  . ? 1_555 ? 
7  AC1 16 HOH D .  ? HOH A 332 . ? 1_555 ? 
8  AC1 16 ARG B 8  ? ARG B 8   . ? 1_555 ? 
9  AC1 16 ASP B 25 ? ASP B 25  . ? 1_555 ? 
10 AC1 16 GLY B 27 ? GLY B 27  . ? 1_555 ? 
11 AC1 16 ALA B 28 ? ALA B 28  . ? 1_555 ? 
12 AC1 16 ASP B 29 ? ASP B 29  . ? 1_555 ? 
13 AC1 16 GLY B 48 ? GLY B 48  . ? 1_555 ? 
14 AC1 16 GLY B 49 ? GLY B 49  . ? 1_555 ? 
15 AC1 16 VAL B 82 ? VAL B 82  . ? 1_555 ? 
16 AC1 16 HOH E .  ? HOH B 308 . ? 1_555 ? 
# 
loop_
_pdbx_validate_rmsd_angle.id 
_pdbx_validate_rmsd_angle.PDB_model_num 
_pdbx_validate_rmsd_angle.auth_atom_id_1 
_pdbx_validate_rmsd_angle.auth_asym_id_1 
_pdbx_validate_rmsd_angle.auth_comp_id_1 
_pdbx_validate_rmsd_angle.auth_seq_id_1 
_pdbx_validate_rmsd_angle.PDB_ins_code_1 
_pdbx_validate_rmsd_angle.label_alt_id_1 
_pdbx_validate_rmsd_angle.auth_atom_id_2 
_pdbx_validate_rmsd_angle.auth_asym_id_2 
_pdbx_validate_rmsd_angle.auth_comp_id_2 
_pdbx_validate_rmsd_angle.auth_seq_id_2 
_pdbx_validate_rmsd_angle.PDB_ins_code_2 
_pdbx_validate_rmsd_angle.label_alt_id_2 
_pdbx_validate_rmsd_angle.auth_atom_id_3 
_pdbx_validate_rmsd_angle.auth_asym_id_3 
_pdbx_validate_rmsd_angle.auth_comp_id_3 
_pdbx_validate_rmsd_angle.auth_seq_id_3 
_pdbx_validate_rmsd_angle.PDB_ins_code_3 
_pdbx_validate_rmsd_angle.label_alt_id_3 
_pdbx_validate_rmsd_angle.angle_value 
_pdbx_validate_rmsd_angle.angle_target_value 
_pdbx_validate_rmsd_angle.angle_deviation 
_pdbx_validate_rmsd_angle.angle_standard_deviation 
_pdbx_validate_rmsd_angle.linker_flag 
1 1 CA  A LEU 10 ? ? CB A LEU 10 ? ? CG  A LEU 10 ? ? 130.87 115.30 15.57  2.30 N 
2 1 CA  A LEU 23 ? ? CB A LEU 23 ? ? CG  A LEU 23 ? ? 130.97 115.30 15.67  2.30 N 
3 1 CG1 A ILE 84 ? ? CB A ILE 84 ? ? CG2 A ILE 84 ? ? 96.77  111.40 -14.63 2.20 N 
4 1 CA  B PRO 1  ? ? N  B PRO 1  ? ? CD  B PRO 1  ? ? 100.88 111.50 -10.62 1.40 N 
# 
_pdbx_validate_torsion.id              1 
_pdbx_validate_torsion.PDB_model_num   1 
_pdbx_validate_torsion.auth_comp_id    GLU 
_pdbx_validate_torsion.auth_asym_id    A 
_pdbx_validate_torsion.auth_seq_id     35 
_pdbx_validate_torsion.PDB_ins_code    ? 
_pdbx_validate_torsion.label_alt_id    ? 
_pdbx_validate_torsion.phi             -39.83 
_pdbx_validate_torsion.psi             126.99 
# 
loop_
_chem_comp_atom.comp_id 
_chem_comp_atom.atom_id 
_chem_comp_atom.type_symbol 
_chem_comp_atom.pdbx_aromatic_flag 
_chem_comp_atom.pdbx_stereo_config 
_chem_comp_atom.pdbx_ordinal 
3IN C1   C  N N 1   
3IN C2   C  N S 2   
3IN C3   C  N N 3   
3IN O4   O  N N 4   
3IN O5   O  N N 5   
3IN N6   N  Y N 6   
3IN C7   C  N N 7   
3IN C8   C  N N 8   
3IN C9   C  N N 9   
3IN C10  C  N N 10  
3IN C11  C  N S 11  
3IN C12  C  N N 12  
3IN C13  C  N R 13  
3IN C14  C  N N 14  
3IN C15  C  Y N 15  
3IN C16  C  Y N 16  
3IN C19  C  Y N 17  
3IN C20  C  Y N 18  
3IN C21  C  N N 19  
3IN C22  C  N S 20  
3IN C24  C  N N 21  
3IN C27  C  N N 22  
3IN C30  C  N S 23  
3IN C31  C  N N 24  
3IN C32  C  Y N 25  
3IN C33  C  Y N 26  
3IN C34  C  Y N 27  
3IN C35  C  N N 28  
3IN N1   N  N N 29  
3IN O1   O  N N 30  
3IN N2   N  N N 31  
3IN C4   C  N N 32  
3IN C5   C  N N 33  
3IN C6   C  N N 34  
3IN N3   N  N N 35  
3IN O2   O  N N 36  
3IN C17  C  Y N 37  
3IN C18  C  Y N 38  
3IN O3   O  N N 39  
3IN N4   N  N N 40  
3IN C23  C  N R 41  
3IN C25  C  N N 42  
3IN C29  C  N N 43  
3IN N7   N  Y N 44  
3IN C36  C  Y N 45  
3IN CL1  CL N N 46  
3IN C26  C  N N 47  
3IN N8   N  N N 48  
3IN C37  C  N N 49  
3IN N5   N  N N 50  
3IN C28  C  N N 51  
3IN H11A H  N N 52  
3IN H12  H  N N 53  
3IN H2   H  N N 54  
3IN HO4  H  N N 55  
3IN H71  H  N N 56  
3IN H72  H  N N 57  
3IN H73  H  N N 58  
3IN H81  H  N N 59  
3IN H82  H  N N 60  
3IN H91  H  N N 61  
3IN H92  H  N N 62  
3IN H101 H  N N 63  
3IN H102 H  N N 64  
3IN H11  H  N N 65  
3IN H121 H  N N 66  
3IN H122 H  N N 67  
3IN H13  H  N N 68  
3IN H141 H  N N 69  
3IN H142 H  N N 70  
3IN H16  H  N N 71  
3IN H19  H  N N 72  
3IN H20  H  N N 73  
3IN H22  H  N N 74  
3IN H241 H  N N 75  
3IN H242 H  N N 76  
3IN H271 H  N N 77  
3IN H272 H  N N 78  
3IN H30  H  N N 79  
3IN H351 H  N N 80  
3IN H352 H  N N 81  
3IN HN2  H  N N 82  
3IN H51  H  N N 83  
3IN H52  H  N N 84  
3IN H53  H  N N 85  
3IN H61  H  N N 86  
3IN H62  H  N N 87  
3IN H63  H  N N 88  
3IN HO2  H  N N 89  
3IN H17  H  N N 90  
3IN H18  H  N N 91  
3IN HN4  H  N N 92  
3IN H23  H  N N 93  
3IN H251 H  N N 94  
3IN H252 H  N N 95  
3IN H291 H  N N 96  
3IN H292 H  N N 97  
3IN H293 H  N N 98  
3IN H36  H  N N 99  
3IN H261 H  N N 100 
3IN H262 H  N N 101 
3IN H371 H  N N 102 
3IN H372 H  N N 103 
3IN H281 H  N N 104 
3IN H282 H  N N 105 
3IN H283 H  N N 106 
ALA N    N  N N 107 
ALA CA   C  N S 108 
ALA C    C  N N 109 
ALA O    O  N N 110 
ALA CB   C  N N 111 
ALA OXT  O  N N 112 
ALA H    H  N N 113 
ALA H2   H  N N 114 
ALA HA   H  N N 115 
ALA HB1  H  N N 116 
ALA HB2  H  N N 117 
ALA HB3  H  N N 118 
ALA HXT  H  N N 119 
ARG N    N  N N 120 
ARG CA   C  N S 121 
ARG C    C  N N 122 
ARG O    O  N N 123 
ARG CB   C  N N 124 
ARG CG   C  N N 125 
ARG CD   C  N N 126 
ARG NE   N  N N 127 
ARG CZ   C  N N 128 
ARG NH1  N  N N 129 
ARG NH2  N  N N 130 
ARG OXT  O  N N 131 
ARG H    H  N N 132 
ARG H2   H  N N 133 
ARG HA   H  N N 134 
ARG HB2  H  N N 135 
ARG HB3  H  N N 136 
ARG HG2  H  N N 137 
ARG HG3  H  N N 138 
ARG HD2  H  N N 139 
ARG HD3  H  N N 140 
ARG HE   H  N N 141 
ARG HH11 H  N N 142 
ARG HH12 H  N N 143 
ARG HH21 H  N N 144 
ARG HH22 H  N N 145 
ARG HXT  H  N N 146 
ASN N    N  N N 147 
ASN CA   C  N S 148 
ASN C    C  N N 149 
ASN O    O  N N 150 
ASN CB   C  N N 151 
ASN CG   C  N N 152 
ASN OD1  O  N N 153 
ASN ND2  N  N N 154 
ASN OXT  O  N N 155 
ASN H    H  N N 156 
ASN H2   H  N N 157 
ASN HA   H  N N 158 
ASN HB2  H  N N 159 
ASN HB3  H  N N 160 
ASN HD21 H  N N 161 
ASN HD22 H  N N 162 
ASN HXT  H  N N 163 
ASP N    N  N N 164 
ASP CA   C  N S 165 
ASP C    C  N N 166 
ASP O    O  N N 167 
ASP CB   C  N N 168 
ASP CG   C  N N 169 
ASP OD1  O  N N 170 
ASP OD2  O  N N 171 
ASP OXT  O  N N 172 
ASP H    H  N N 173 
ASP H2   H  N N 174 
ASP HA   H  N N 175 
ASP HB2  H  N N 176 
ASP HB3  H  N N 177 
ASP HD2  H  N N 178 
ASP HXT  H  N N 179 
CYS N    N  N N 180 
CYS CA   C  N R 181 
CYS C    C  N N 182 
CYS O    O  N N 183 
CYS CB   C  N N 184 
CYS SG   S  N N 185 
CYS OXT  O  N N 186 
CYS H    H  N N 187 
CYS H2   H  N N 188 
CYS HA   H  N N 189 
CYS HB2  H  N N 190 
CYS HB3  H  N N 191 
CYS HG   H  N N 192 
CYS HXT  H  N N 193 
GLN N    N  N N 194 
GLN CA   C  N S 195 
GLN C    C  N N 196 
GLN O    O  N N 197 
GLN CB   C  N N 198 
GLN CG   C  N N 199 
GLN CD   C  N N 200 
GLN OE1  O  N N 201 
GLN NE2  N  N N 202 
GLN OXT  O  N N 203 
GLN H    H  N N 204 
GLN H2   H  N N 205 
GLN HA   H  N N 206 
GLN HB2  H  N N 207 
GLN HB3  H  N N 208 
GLN HG2  H  N N 209 
GLN HG3  H  N N 210 
GLN HE21 H  N N 211 
GLN HE22 H  N N 212 
GLN HXT  H  N N 213 
GLU N    N  N N 214 
GLU CA   C  N S 215 
GLU C    C  N N 216 
GLU O    O  N N 217 
GLU CB   C  N N 218 
GLU CG   C  N N 219 
GLU CD   C  N N 220 
GLU OE1  O  N N 221 
GLU OE2  O  N N 222 
GLU OXT  O  N N 223 
GLU H    H  N N 224 
GLU H2   H  N N 225 
GLU HA   H  N N 226 
GLU HB2  H  N N 227 
GLU HB3  H  N N 228 
GLU HG2  H  N N 229 
GLU HG3  H  N N 230 
GLU HE2  H  N N 231 
GLU HXT  H  N N 232 
GLY N    N  N N 233 
GLY CA   C  N N 234 
GLY C    C  N N 235 
GLY O    O  N N 236 
GLY OXT  O  N N 237 
GLY H    H  N N 238 
GLY H2   H  N N 239 
GLY HA2  H  N N 240 
GLY HA3  H  N N 241 
GLY HXT  H  N N 242 
HIS N    N  N N 243 
HIS CA   C  N S 244 
HIS C    C  N N 245 
HIS O    O  N N 246 
HIS CB   C  N N 247 
HIS CG   C  Y N 248 
HIS ND1  N  Y N 249 
HIS CD2  C  Y N 250 
HIS CE1  C  Y N 251 
HIS NE2  N  Y N 252 
HIS OXT  O  N N 253 
HIS H    H  N N 254 
HIS H2   H  N N 255 
HIS HA   H  N N 256 
HIS HB2  H  N N 257 
HIS HB3  H  N N 258 
HIS HD1  H  N N 259 
HIS HD2  H  N N 260 
HIS HE1  H  N N 261 
HIS HE2  H  N N 262 
HIS HXT  H  N N 263 
HOH O    O  N N 264 
HOH H1   H  N N 265 
HOH H2   H  N N 266 
ILE N    N  N N 267 
ILE CA   C  N S 268 
ILE C    C  N N 269 
ILE O    O  N N 270 
ILE CB   C  N S 271 
ILE CG1  C  N N 272 
ILE CG2  C  N N 273 
ILE CD1  C  N N 274 
ILE OXT  O  N N 275 
ILE H    H  N N 276 
ILE H2   H  N N 277 
ILE HA   H  N N 278 
ILE HB   H  N N 279 
ILE HG12 H  N N 280 
ILE HG13 H  N N 281 
ILE HG21 H  N N 282 
ILE HG22 H  N N 283 
ILE HG23 H  N N 284 
ILE HD11 H  N N 285 
ILE HD12 H  N N 286 
ILE HD13 H  N N 287 
ILE HXT  H  N N 288 
LEU N    N  N N 289 
LEU CA   C  N S 290 
LEU C    C  N N 291 
LEU O    O  N N 292 
LEU CB   C  N N 293 
LEU CG   C  N N 294 
LEU CD1  C  N N 295 
LEU CD2  C  N N 296 
LEU OXT  O  N N 297 
LEU H    H  N N 298 
LEU H2   H  N N 299 
LEU HA   H  N N 300 
LEU HB2  H  N N 301 
LEU HB3  H  N N 302 
LEU HG   H  N N 303 
LEU HD11 H  N N 304 
LEU HD12 H  N N 305 
LEU HD13 H  N N 306 
LEU HD21 H  N N 307 
LEU HD22 H  N N 308 
LEU HD23 H  N N 309 
LEU HXT  H  N N 310 
LYS N    N  N N 311 
LYS CA   C  N S 312 
LYS C    C  N N 313 
LYS O    O  N N 314 
LYS CB   C  N N 315 
LYS CG   C  N N 316 
LYS CD   C  N N 317 
LYS CE   C  N N 318 
LYS NZ   N  N N 319 
LYS OXT  O  N N 320 
LYS H    H  N N 321 
LYS H2   H  N N 322 
LYS HA   H  N N 323 
LYS HB2  H  N N 324 
LYS HB3  H  N N 325 
LYS HG2  H  N N 326 
LYS HG3  H  N N 327 
LYS HD2  H  N N 328 
LYS HD3  H  N N 329 
LYS HE2  H  N N 330 
LYS HE3  H  N N 331 
LYS HZ1  H  N N 332 
LYS HZ2  H  N N 333 
LYS HZ3  H  N N 334 
LYS HXT  H  N N 335 
MET N    N  N N 336 
MET CA   C  N S 337 
MET C    C  N N 338 
MET O    O  N N 339 
MET CB   C  N N 340 
MET CG   C  N N 341 
MET SD   S  N N 342 
MET CE   C  N N 343 
MET OXT  O  N N 344 
MET H    H  N N 345 
MET H2   H  N N 346 
MET HA   H  N N 347 
MET HB2  H  N N 348 
MET HB3  H  N N 349 
MET HG2  H  N N 350 
MET HG3  H  N N 351 
MET HE1  H  N N 352 
MET HE2  H  N N 353 
MET HE3  H  N N 354 
MET HXT  H  N N 355 
PHE N    N  N N 356 
PHE CA   C  N S 357 
PHE C    C  N N 358 
PHE O    O  N N 359 
PHE CB   C  N N 360 
PHE CG   C  Y N 361 
PHE CD1  C  Y N 362 
PHE CD2  C  Y N 363 
PHE CE1  C  Y N 364 
PHE CE2  C  Y N 365 
PHE CZ   C  Y N 366 
PHE OXT  O  N N 367 
PHE H    H  N N 368 
PHE H2   H  N N 369 
PHE HA   H  N N 370 
PHE HB2  H  N N 371 
PHE HB3  H  N N 372 
PHE HD1  H  N N 373 
PHE HD2  H  N N 374 
PHE HE1  H  N N 375 
PHE HE2  H  N N 376 
PHE HZ   H  N N 377 
PHE HXT  H  N N 378 
PRO N    N  N N 379 
PRO CA   C  N S 380 
PRO C    C  N N 381 
PRO O    O  N N 382 
PRO CB   C  N N 383 
PRO CG   C  N N 384 
PRO CD   C  N N 385 
PRO OXT  O  N N 386 
PRO H    H  N N 387 
PRO HA   H  N N 388 
PRO HB2  H  N N 389 
PRO HB3  H  N N 390 
PRO HG2  H  N N 391 
PRO HG3  H  N N 392 
PRO HD2  H  N N 393 
PRO HD3  H  N N 394 
PRO HXT  H  N N 395 
SER N    N  N N 396 
SER CA   C  N S 397 
SER C    C  N N 398 
SER O    O  N N 399 
SER CB   C  N N 400 
SER OG   O  N N 401 
SER OXT  O  N N 402 
SER H    H  N N 403 
SER H2   H  N N 404 
SER HA   H  N N 405 
SER HB2  H  N N 406 
SER HB3  H  N N 407 
SER HG   H  N N 408 
SER HXT  H  N N 409 
THR N    N  N N 410 
THR CA   C  N S 411 
THR C    C  N N 412 
THR O    O  N N 413 
THR CB   C  N R 414 
THR OG1  O  N N 415 
THR CG2  C  N N 416 
THR OXT  O  N N 417 
THR H    H  N N 418 
THR H2   H  N N 419 
THR HA   H  N N 420 
THR HB   H  N N 421 
THR HG1  H  N N 422 
THR HG21 H  N N 423 
THR HG22 H  N N 424 
THR HG23 H  N N 425 
THR HXT  H  N N 426 
TRP N    N  N N 427 
TRP CA   C  N S 428 
TRP C    C  N N 429 
TRP O    O  N N 430 
TRP CB   C  N N 431 
TRP CG   C  Y N 432 
TRP CD1  C  Y N 433 
TRP CD2  C  Y N 434 
TRP NE1  N  Y N 435 
TRP CE2  C  Y N 436 
TRP CE3  C  Y N 437 
TRP CZ2  C  Y N 438 
TRP CZ3  C  Y N 439 
TRP CH2  C  Y N 440 
TRP OXT  O  N N 441 
TRP H    H  N N 442 
TRP H2   H  N N 443 
TRP HA   H  N N 444 
TRP HB2  H  N N 445 
TRP HB3  H  N N 446 
TRP HD1  H  N N 447 
TRP HE1  H  N N 448 
TRP HE3  H  N N 449 
TRP HZ2  H  N N 450 
TRP HZ3  H  N N 451 
TRP HH2  H  N N 452 
TRP HXT  H  N N 453 
TYR N    N  N N 454 
TYR CA   C  N S 455 
TYR C    C  N N 456 
TYR O    O  N N 457 
TYR CB   C  N N 458 
TYR CG   C  Y N 459 
TYR CD1  C  Y N 460 
TYR CD2  C  Y N 461 
TYR CE1  C  Y N 462 
TYR CE2  C  Y N 463 
TYR CZ   C  Y N 464 
TYR OH   O  N N 465 
TYR OXT  O  N N 466 
TYR H    H  N N 467 
TYR H2   H  N N 468 
TYR HA   H  N N 469 
TYR HB2  H  N N 470 
TYR HB3  H  N N 471 
TYR HD1  H  N N 472 
TYR HD2  H  N N 473 
TYR HE1  H  N N 474 
TYR HE2  H  N N 475 
TYR HH   H  N N 476 
TYR HXT  H  N N 477 
VAL N    N  N N 478 
VAL CA   C  N S 479 
VAL C    C  N N 480 
VAL O    O  N N 481 
VAL CB   C  N N 482 
VAL CG1  C  N N 483 
VAL CG2  C  N N 484 
VAL OXT  O  N N 485 
VAL H    H  N N 486 
VAL H2   H  N N 487 
VAL HA   H  N N 488 
VAL HB   H  N N 489 
VAL HG11 H  N N 490 
VAL HG12 H  N N 491 
VAL HG13 H  N N 492 
VAL HG21 H  N N 493 
VAL HG22 H  N N 494 
VAL HG23 H  N N 495 
VAL HXT  H  N N 496 
# 
loop_
_chem_comp_bond.comp_id 
_chem_comp_bond.atom_id_1 
_chem_comp_bond.atom_id_2 
_chem_comp_bond.value_order 
_chem_comp_bond.pdbx_aromatic_flag 
_chem_comp_bond.pdbx_stereo_config 
_chem_comp_bond.pdbx_ordinal 
3IN C1  C2   sing N N 1   
3IN C1  N1   sing N N 2   
3IN C1  H11A sing N N 3   
3IN C1  H12  sing N N 4   
3IN C2  C3   sing N N 5   
3IN C2  N3   sing N N 6   
3IN C2  H2   sing N N 7   
3IN C3  O1   doub N N 8   
3IN C3  N2   sing N N 9   
3IN O4  C23  sing N N 10  
3IN O4  HO4  sing N N 11  
3IN O5  C31  doub N N 12  
3IN N6  C32  doub Y N 13  
3IN N6  C33  sing Y N 14  
3IN C7  C4   sing N N 15  
3IN C7  H71  sing N N 16  
3IN C7  H72  sing N N 17  
3IN C7  H73  sing N N 18  
3IN C8  C9   sing N N 19  
3IN C8  N3   sing N N 20  
3IN C8  H81  sing N N 21  
3IN C8  H82  sing N N 22  
3IN C9  N1   sing N N 23  
3IN C9  H91  sing N N 24  
3IN C9  H92  sing N N 25  
3IN C10 C11  sing N N 26  
3IN C10 N3   sing N N 27  
3IN C10 H101 sing N N 28  
3IN C10 H102 sing N N 29  
3IN C11 C12  sing N N 30  
3IN C11 O2   sing N N 31  
3IN C11 H11  sing N N 32  
3IN C12 C13  sing N N 33  
3IN C12 H121 sing N N 34  
3IN C12 H122 sing N N 35  
3IN C13 C14  sing N N 36  
3IN C13 C21  sing N N 37  
3IN C13 H13  sing N N 38  
3IN C14 C15  sing N N 39  
3IN C14 H141 sing N N 40  
3IN C14 H142 sing N N 41  
3IN C15 C16  doub Y N 42  
3IN C15 C20  sing Y N 43  
3IN C16 C17  sing Y N 44  
3IN C16 H16  sing N N 45  
3IN C19 C20  doub Y N 46  
3IN C19 C18  sing Y N 47  
3IN C19 H19  sing N N 48  
3IN C20 H20  sing N N 49  
3IN C21 O3   doub N N 50  
3IN C21 N4   sing N N 51  
3IN C22 C30  sing N N 52  
3IN C22 N4   sing N N 53  
3IN C22 C23  sing N N 54  
3IN C22 H22  sing N N 55  
3IN C24 C23  sing N N 56  
3IN C24 C25  sing N N 57  
3IN C24 H241 sing N N 58  
3IN C24 H242 sing N N 59  
3IN C27 C26  sing N N 60  
3IN C27 N8   sing N N 61  
3IN C27 H271 sing N N 62  
3IN C27 H272 sing N N 63  
3IN C30 C25  sing N N 64  
3IN C30 C29  sing N N 65  
3IN C30 H30  sing N N 66  
3IN C31 C32  sing N N 67  
3IN C31 N1   sing N N 68  
3IN C32 C36  sing Y N 69  
3IN C33 C34  doub Y N 70  
3IN C33 CL1  sing N N 71  
3IN C34 N7   sing Y N 72  
3IN C34 N5   sing N N 73  
3IN C35 N8   sing N N 74  
3IN C35 C37  sing N N 75  
3IN C35 H351 sing N N 76  
3IN C35 H352 sing N N 77  
3IN N2  C4   sing N N 78  
3IN N2  HN2  sing N N 79  
3IN C4  C5   sing N N 80  
3IN C4  C6   sing N N 81  
3IN C5  H51  sing N N 82  
3IN C5  H52  sing N N 83  
3IN C5  H53  sing N N 84  
3IN C6  H61  sing N N 85  
3IN C6  H62  sing N N 86  
3IN C6  H63  sing N N 87  
3IN O2  HO2  sing N N 88  
3IN C17 C18  doub Y N 89  
3IN C17 H17  sing N N 90  
3IN C18 H18  sing N N 91  
3IN N4  HN4  sing N N 92  
3IN C23 H23  sing N N 93  
3IN C25 H251 sing N N 94  
3IN C25 H252 sing N N 95  
3IN C29 H291 sing N N 96  
3IN C29 H292 sing N N 97  
3IN C29 H293 sing N N 98  
3IN N7  C36  doub Y N 99  
3IN C36 H36  sing N N 100 
3IN C26 N5   sing N N 101 
3IN C26 H261 sing N N 102 
3IN C26 H262 sing N N 103 
3IN N8  C28  sing N N 104 
3IN C37 N5   sing N N 105 
3IN C37 H371 sing N N 106 
3IN C37 H372 sing N N 107 
3IN C28 H281 sing N N 108 
3IN C28 H282 sing N N 109 
3IN C28 H283 sing N N 110 
ALA N   CA   sing N N 111 
ALA N   H    sing N N 112 
ALA N   H2   sing N N 113 
ALA CA  C    sing N N 114 
ALA CA  CB   sing N N 115 
ALA CA  HA   sing N N 116 
ALA C   O    doub N N 117 
ALA C   OXT  sing N N 118 
ALA CB  HB1  sing N N 119 
ALA CB  HB2  sing N N 120 
ALA CB  HB3  sing N N 121 
ALA OXT HXT  sing N N 122 
ARG N   CA   sing N N 123 
ARG N   H    sing N N 124 
ARG N   H2   sing N N 125 
ARG CA  C    sing N N 126 
ARG CA  CB   sing N N 127 
ARG CA  HA   sing N N 128 
ARG C   O    doub N N 129 
ARG C   OXT  sing N N 130 
ARG CB  CG   sing N N 131 
ARG CB  HB2  sing N N 132 
ARG CB  HB3  sing N N 133 
ARG CG  CD   sing N N 134 
ARG CG  HG2  sing N N 135 
ARG CG  HG3  sing N N 136 
ARG CD  NE   sing N N 137 
ARG CD  HD2  sing N N 138 
ARG CD  HD3  sing N N 139 
ARG NE  CZ   sing N N 140 
ARG NE  HE   sing N N 141 
ARG CZ  NH1  sing N N 142 
ARG CZ  NH2  doub N N 143 
ARG NH1 HH11 sing N N 144 
ARG NH1 HH12 sing N N 145 
ARG NH2 HH21 sing N N 146 
ARG NH2 HH22 sing N N 147 
ARG OXT HXT  sing N N 148 
ASN N   CA   sing N N 149 
ASN N   H    sing N N 150 
ASN N   H2   sing N N 151 
ASN CA  C    sing N N 152 
ASN CA  CB   sing N N 153 
ASN CA  HA   sing N N 154 
ASN C   O    doub N N 155 
ASN C   OXT  sing N N 156 
ASN CB  CG   sing N N 157 
ASN CB  HB2  sing N N 158 
ASN CB  HB3  sing N N 159 
ASN CG  OD1  doub N N 160 
ASN CG  ND2  sing N N 161 
ASN ND2 HD21 sing N N 162 
ASN ND2 HD22 sing N N 163 
ASN OXT HXT  sing N N 164 
ASP N   CA   sing N N 165 
ASP N   H    sing N N 166 
ASP N   H2   sing N N 167 
ASP CA  C    sing N N 168 
ASP CA  CB   sing N N 169 
ASP CA  HA   sing N N 170 
ASP C   O    doub N N 171 
ASP C   OXT  sing N N 172 
ASP CB  CG   sing N N 173 
ASP CB  HB2  sing N N 174 
ASP CB  HB3  sing N N 175 
ASP CG  OD1  doub N N 176 
ASP CG  OD2  sing N N 177 
ASP OD2 HD2  sing N N 178 
ASP OXT HXT  sing N N 179 
CYS N   CA   sing N N 180 
CYS N   H    sing N N 181 
CYS N   H2   sing N N 182 
CYS CA  C    sing N N 183 
CYS CA  CB   sing N N 184 
CYS CA  HA   sing N N 185 
CYS C   O    doub N N 186 
CYS C   OXT  sing N N 187 
CYS CB  SG   sing N N 188 
CYS CB  HB2  sing N N 189 
CYS CB  HB3  sing N N 190 
CYS SG  HG   sing N N 191 
CYS OXT HXT  sing N N 192 
GLN N   CA   sing N N 193 
GLN N   H    sing N N 194 
GLN N   H2   sing N N 195 
GLN CA  C    sing N N 196 
GLN CA  CB   sing N N 197 
GLN CA  HA   sing N N 198 
GLN C   O    doub N N 199 
GLN C   OXT  sing N N 200 
GLN CB  CG   sing N N 201 
GLN CB  HB2  sing N N 202 
GLN CB  HB3  sing N N 203 
GLN CG  CD   sing N N 204 
GLN CG  HG2  sing N N 205 
GLN CG  HG3  sing N N 206 
GLN CD  OE1  doub N N 207 
GLN CD  NE2  sing N N 208 
GLN NE2 HE21 sing N N 209 
GLN NE2 HE22 sing N N 210 
GLN OXT HXT  sing N N 211 
GLU N   CA   sing N N 212 
GLU N   H    sing N N 213 
GLU N   H2   sing N N 214 
GLU CA  C    sing N N 215 
GLU CA  CB   sing N N 216 
GLU CA  HA   sing N N 217 
GLU C   O    doub N N 218 
GLU C   OXT  sing N N 219 
GLU CB  CG   sing N N 220 
GLU CB  HB2  sing N N 221 
GLU CB  HB3  sing N N 222 
GLU CG  CD   sing N N 223 
GLU CG  HG2  sing N N 224 
GLU CG  HG3  sing N N 225 
GLU CD  OE1  doub N N 226 
GLU CD  OE2  sing N N 227 
GLU OE2 HE2  sing N N 228 
GLU OXT HXT  sing N N 229 
GLY N   CA   sing N N 230 
GLY N   H    sing N N 231 
GLY N   H2   sing N N 232 
GLY CA  C    sing N N 233 
GLY CA  HA2  sing N N 234 
GLY CA  HA3  sing N N 235 
GLY C   O    doub N N 236 
GLY C   OXT  sing N N 237 
GLY OXT HXT  sing N N 238 
HIS N   CA   sing N N 239 
HIS N   H    sing N N 240 
HIS N   H2   sing N N 241 
HIS CA  C    sing N N 242 
HIS CA  CB   sing N N 243 
HIS CA  HA   sing N N 244 
HIS C   O    doub N N 245 
HIS C   OXT  sing N N 246 
HIS CB  CG   sing N N 247 
HIS CB  HB2  sing N N 248 
HIS CB  HB3  sing N N 249 
HIS CG  ND1  sing Y N 250 
HIS CG  CD2  doub Y N 251 
HIS ND1 CE1  doub Y N 252 
HIS ND1 HD1  sing N N 253 
HIS CD2 NE2  sing Y N 254 
HIS CD2 HD2  sing N N 255 
HIS CE1 NE2  sing Y N 256 
HIS CE1 HE1  sing N N 257 
HIS NE2 HE2  sing N N 258 
HIS OXT HXT  sing N N 259 
HOH O   H1   sing N N 260 
HOH O   H2   sing N N 261 
ILE N   CA   sing N N 262 
ILE N   H    sing N N 263 
ILE N   H2   sing N N 264 
ILE CA  C    sing N N 265 
ILE CA  CB   sing N N 266 
ILE CA  HA   sing N N 267 
ILE C   O    doub N N 268 
ILE C   OXT  sing N N 269 
ILE CB  CG1  sing N N 270 
ILE CB  CG2  sing N N 271 
ILE CB  HB   sing N N 272 
ILE CG1 CD1  sing N N 273 
ILE CG1 HG12 sing N N 274 
ILE CG1 HG13 sing N N 275 
ILE CG2 HG21 sing N N 276 
ILE CG2 HG22 sing N N 277 
ILE CG2 HG23 sing N N 278 
ILE CD1 HD11 sing N N 279 
ILE CD1 HD12 sing N N 280 
ILE CD1 HD13 sing N N 281 
ILE OXT HXT  sing N N 282 
LEU N   CA   sing N N 283 
LEU N   H    sing N N 284 
LEU N   H2   sing N N 285 
LEU CA  C    sing N N 286 
LEU CA  CB   sing N N 287 
LEU CA  HA   sing N N 288 
LEU C   O    doub N N 289 
LEU C   OXT  sing N N 290 
LEU CB  CG   sing N N 291 
LEU CB  HB2  sing N N 292 
LEU CB  HB3  sing N N 293 
LEU CG  CD1  sing N N 294 
LEU CG  CD2  sing N N 295 
LEU CG  HG   sing N N 296 
LEU CD1 HD11 sing N N 297 
LEU CD1 HD12 sing N N 298 
LEU CD1 HD13 sing N N 299 
LEU CD2 HD21 sing N N 300 
LEU CD2 HD22 sing N N 301 
LEU CD2 HD23 sing N N 302 
LEU OXT HXT  sing N N 303 
LYS N   CA   sing N N 304 
LYS N   H    sing N N 305 
LYS N   H2   sing N N 306 
LYS CA  C    sing N N 307 
LYS CA  CB   sing N N 308 
LYS CA  HA   sing N N 309 
LYS C   O    doub N N 310 
LYS C   OXT  sing N N 311 
LYS CB  CG   sing N N 312 
LYS CB  HB2  sing N N 313 
LYS CB  HB3  sing N N 314 
LYS CG  CD   sing N N 315 
LYS CG  HG2  sing N N 316 
LYS CG  HG3  sing N N 317 
LYS CD  CE   sing N N 318 
LYS CD  HD2  sing N N 319 
LYS CD  HD3  sing N N 320 
LYS CE  NZ   sing N N 321 
LYS CE  HE2  sing N N 322 
LYS CE  HE3  sing N N 323 
LYS NZ  HZ1  sing N N 324 
LYS NZ  HZ2  sing N N 325 
LYS NZ  HZ3  sing N N 326 
LYS OXT HXT  sing N N 327 
MET N   CA   sing N N 328 
MET N   H    sing N N 329 
MET N   H2   sing N N 330 
MET CA  C    sing N N 331 
MET CA  CB   sing N N 332 
MET CA  HA   sing N N 333 
MET C   O    doub N N 334 
MET C   OXT  sing N N 335 
MET CB  CG   sing N N 336 
MET CB  HB2  sing N N 337 
MET CB  HB3  sing N N 338 
MET CG  SD   sing N N 339 
MET CG  HG2  sing N N 340 
MET CG  HG3  sing N N 341 
MET SD  CE   sing N N 342 
MET CE  HE1  sing N N 343 
MET CE  HE2  sing N N 344 
MET CE  HE3  sing N N 345 
MET OXT HXT  sing N N 346 
PHE N   CA   sing N N 347 
PHE N   H    sing N N 348 
PHE N   H2   sing N N 349 
PHE CA  C    sing N N 350 
PHE CA  CB   sing N N 351 
PHE CA  HA   sing N N 352 
PHE C   O    doub N N 353 
PHE C   OXT  sing N N 354 
PHE CB  CG   sing N N 355 
PHE CB  HB2  sing N N 356 
PHE CB  HB3  sing N N 357 
PHE CG  CD1  doub Y N 358 
PHE CG  CD2  sing Y N 359 
PHE CD1 CE1  sing Y N 360 
PHE CD1 HD1  sing N N 361 
PHE CD2 CE2  doub Y N 362 
PHE CD2 HD2  sing N N 363 
PHE CE1 CZ   doub Y N 364 
PHE CE1 HE1  sing N N 365 
PHE CE2 CZ   sing Y N 366 
PHE CE2 HE2  sing N N 367 
PHE CZ  HZ   sing N N 368 
PHE OXT HXT  sing N N 369 
PRO N   CA   sing N N 370 
PRO N   CD   sing N N 371 
PRO N   H    sing N N 372 
PRO CA  C    sing N N 373 
PRO CA  CB   sing N N 374 
PRO CA  HA   sing N N 375 
PRO C   O    doub N N 376 
PRO C   OXT  sing N N 377 
PRO CB  CG   sing N N 378 
PRO CB  HB2  sing N N 379 
PRO CB  HB3  sing N N 380 
PRO CG  CD   sing N N 381 
PRO CG  HG2  sing N N 382 
PRO CG  HG3  sing N N 383 
PRO CD  HD2  sing N N 384 
PRO CD  HD3  sing N N 385 
PRO OXT HXT  sing N N 386 
SER N   CA   sing N N 387 
SER N   H    sing N N 388 
SER N   H2   sing N N 389 
SER CA  C    sing N N 390 
SER CA  CB   sing N N 391 
SER CA  HA   sing N N 392 
SER C   O    doub N N 393 
SER C   OXT  sing N N 394 
SER CB  OG   sing N N 395 
SER CB  HB2  sing N N 396 
SER CB  HB3  sing N N 397 
SER OG  HG   sing N N 398 
SER OXT HXT  sing N N 399 
THR N   CA   sing N N 400 
THR N   H    sing N N 401 
THR N   H2   sing N N 402 
THR CA  C    sing N N 403 
THR CA  CB   sing N N 404 
THR CA  HA   sing N N 405 
THR C   O    doub N N 406 
THR C   OXT  sing N N 407 
THR CB  OG1  sing N N 408 
THR CB  CG2  sing N N 409 
THR CB  HB   sing N N 410 
THR OG1 HG1  sing N N 411 
THR CG2 HG21 sing N N 412 
THR CG2 HG22 sing N N 413 
THR CG2 HG23 sing N N 414 
THR OXT HXT  sing N N 415 
TRP N   CA   sing N N 416 
TRP N   H    sing N N 417 
TRP N   H2   sing N N 418 
TRP CA  C    sing N N 419 
TRP CA  CB   sing N N 420 
TRP CA  HA   sing N N 421 
TRP C   O    doub N N 422 
TRP C   OXT  sing N N 423 
TRP CB  CG   sing N N 424 
TRP CB  HB2  sing N N 425 
TRP CB  HB3  sing N N 426 
TRP CG  CD1  doub Y N 427 
TRP CG  CD2  sing Y N 428 
TRP CD1 NE1  sing Y N 429 
TRP CD1 HD1  sing N N 430 
TRP CD2 CE2  doub Y N 431 
TRP CD2 CE3  sing Y N 432 
TRP NE1 CE2  sing Y N 433 
TRP NE1 HE1  sing N N 434 
TRP CE2 CZ2  sing Y N 435 
TRP CE3 CZ3  doub Y N 436 
TRP CE3 HE3  sing N N 437 
TRP CZ2 CH2  doub Y N 438 
TRP CZ2 HZ2  sing N N 439 
TRP CZ3 CH2  sing Y N 440 
TRP CZ3 HZ3  sing N N 441 
TRP CH2 HH2  sing N N 442 
TRP OXT HXT  sing N N 443 
TYR N   CA   sing N N 444 
TYR N   H    sing N N 445 
TYR N   H2   sing N N 446 
TYR CA  C    sing N N 447 
TYR CA  CB   sing N N 448 
TYR CA  HA   sing N N 449 
TYR C   O    doub N N 450 
TYR C   OXT  sing N N 451 
TYR CB  CG   sing N N 452 
TYR CB  HB2  sing N N 453 
TYR CB  HB3  sing N N 454 
TYR CG  CD1  doub Y N 455 
TYR CG  CD2  sing Y N 456 
TYR CD1 CE1  sing Y N 457 
TYR CD1 HD1  sing N N 458 
TYR CD2 CE2  doub Y N 459 
TYR CD2 HD2  sing N N 460 
TYR CE1 CZ   doub Y N 461 
TYR CE1 HE1  sing N N 462 
TYR CE2 CZ   sing Y N 463 
TYR CE2 HE2  sing N N 464 
TYR CZ  OH   sing N N 465 
TYR OH  HH   sing N N 466 
TYR OXT HXT  sing N N 467 
VAL N   CA   sing N N 468 
VAL N   H    sing N N 469 
VAL N   H2   sing N N 470 
VAL CA  C    sing N N 471 
VAL CA  CB   sing N N 472 
VAL CA  HA   sing N N 473 
VAL C   O    doub N N 474 
VAL C   OXT  sing N N 475 
VAL CB  CG1  sing N N 476 
VAL CB  CG2  sing N N 477 
VAL CB  HB   sing N N 478 
VAL CG1 HG11 sing N N 479 
VAL CG1 HG12 sing N N 480 
VAL CG1 HG13 sing N N 481 
VAL CG2 HG21 sing N N 482 
VAL CG2 HG22 sing N N 483 
VAL CG2 HG23 sing N N 484 
VAL OXT HXT  sing N N 485 
# 
_atom_sites.entry_id                    2BPY 
_atom_sites.fract_transf_matrix[1][1]   -0.00524371 
_atom_sites.fract_transf_matrix[1][2]   -0.01477890 
_atom_sites.fract_transf_matrix[1][3]   0.00670017 
_atom_sites.fract_transf_matrix[2][1]   0.01075807 
_atom_sites.fract_transf_matrix[2][2]   -0.00240037 
_atom_sites.fract_transf_matrix[2][3]   0.00312491 
_atom_sites.fract_transf_matrix[3][1]   -0.00328982 
_atom_sites.fract_transf_matrix[3][2]   0.00966916 
_atom_sites.fract_transf_matrix[3][3]   0.01875307 
_atom_sites.fract_transf_vector[1]      0.270263 
_atom_sites.fract_transf_vector[2]      0.306784 
_atom_sites.fract_transf_vector[3]      0.076707 
# 
loop_
_atom_type.symbol 
C  
CL 
N  
O  
S  
# 
loop_
_atom_site.group_PDB 
_atom_site.id 
_atom_site.type_symbol 
_atom_site.label_atom_id 
_atom_site.label_alt_id 
_atom_site.label_comp_id 
_atom_site.label_asym_id 
_atom_site.label_entity_id 
_atom_site.label_seq_id 
_atom_site.pdbx_PDB_ins_code 
_atom_site.Cartn_x 
_atom_site.Cartn_y 
_atom_site.Cartn_z 
_atom_site.occupancy 
_atom_site.B_iso_or_equiv 
_atom_site.pdbx_formal_charge 
_atom_site.auth_seq_id 
_atom_site.auth_comp_id 
_atom_site.auth_asym_id 
_atom_site.auth_atom_id 
_atom_site.pdbx_PDB_model_num 
ATOM   1    N  N   . PRO A 1 1  ? 8.276   -13.516 10.551  1.00 27.91  ? 1   PRO A N   1 
ATOM   2    C  CA  . PRO A 1 1  ? 7.114   -14.388 10.216  1.00 29.34  ? 1   PRO A CA  1 
ATOM   3    C  C   . PRO A 1 1  ? 6.786   -14.307 8.730   1.00 27.80  ? 1   PRO A C   1 
ATOM   4    O  O   . PRO A 1 1  ? 7.392   -13.516 8.001   1.00 26.64  ? 1   PRO A O   1 
ATOM   5    C  CB  . PRO A 1 1  ? 5.927   -13.941 11.036  1.00 30.62  ? 1   PRO A CB  1 
ATOM   6    C  CG  . PRO A 1 1  ? 6.220   -12.507 11.238  1.00 32.81  ? 1   PRO A CG  1 
ATOM   7    C  CD  . PRO A 1 1  ? 7.703   -12.547 11.508  1.00 30.33  ? 1   PRO A CD  1 
ATOM   8    N  N   . GLN A 1 2  ? 5.901   -15.192 8.277   1.00 28.60  ? 2   GLN A N   1 
ATOM   9    C  CA  . GLN A 1 2  ? 5.445   -15.216 6.888   1.00 30.07  ? 2   GLN A CA  1 
ATOM   10   C  C   . GLN A 1 2  ? 3.971   -14.787 6.942   1.00 32.17  ? 2   GLN A C   1 
ATOM   11   O  O   . GLN A 1 2  ? 3.120   -15.529 7.444   1.00 33.57  ? 2   GLN A O   1 
ATOM   12   C  CB  . GLN A 1 2  ? 5.565   -16.606 6.297   1.00 30.78  ? 2   GLN A CB  1 
ATOM   13   C  CG  . GLN A 1 2  ? 4.972   -16.717 4.905   1.00 38.31  ? 2   GLN A CG  1 
ATOM   14   C  CD  . GLN A 1 2  ? 5.453   -17.946 4.160   1.00 43.43  ? 2   GLN A CD  1 
ATOM   15   O  OE1 . GLN A 1 2  ? 6.486   -17.907 3.487   1.00 47.79  ? 2   GLN A OE1 1 
ATOM   16   N  NE2 . GLN A 1 2  ? 4.714   -19.047 4.277   1.00 43.78  ? 2   GLN A NE2 1 
ATOM   17   N  N   . ILE A 1 3  ? 3.695   -13.575 6.468   1.00 28.89  ? 3   ILE A N   1 
ATOM   18   C  CA  . ILE A 1 3  ? 2.355   -13.002 6.480   1.00 24.85  ? 3   ILE A CA  1 
ATOM   19   C  C   . ILE A 1 3  ? 1.628   -13.145 5.139   1.00 22.97  ? 3   ILE A C   1 
ATOM   20   O  O   . ILE A 1 3  ? 2.151   -12.735 4.104   1.00 21.97  ? 3   ILE A O   1 
ATOM   21   C  CB  . ILE A 1 3  ? 2.434   -11.505 6.890   1.00 23.48  ? 3   ILE A CB  1 
ATOM   22   C  CG1 . ILE A 1 3  ? 3.076   -11.525 8.297   1.00 25.55  ? 3   ILE A CG1 1 
ATOM   23   C  CG2 . ILE A 1 3  ? 1.058   -10.844 6.906   1.00 25.47  ? 3   ILE A CG2 1 
ATOM   24   C  CD1 . ILE A 1 3  ? 3.451   -10.165 8.840   1.00 28.47  ? 3   ILE A CD1 1 
ATOM   25   N  N   . THR A 1 4  ? 0.455   -13.779 5.151   1.00 22.13  ? 4   THR A N   1 
ATOM   26   C  CA  . THR A 1 4  ? -0.329  -13.928 3.927   1.00 21.29  ? 4   THR A CA  1 
ATOM   27   C  C   . THR A 1 4  ? -1.236  -12.679 3.739   1.00 18.95  ? 4   THR A C   1 
ATOM   28   O  O   . THR A 1 4  ? -1.413  -11.880 4.666   1.00 17.83  ? 4   THR A O   1 
ATOM   29   C  CB  . THR A 1 4  ? -1.170  -15.239 3.907   1.00 20.99  ? 4   THR A CB  1 
ATOM   30   O  OG1 . THR A 1 4  ? -1.967  -15.341 5.096   1.00 21.62  ? 4   THR A OG1 1 
ATOM   31   C  CG2 . THR A 1 4  ? -0.254  -16.452 3.803   1.00 19.56  ? 4   THR A CG2 1 
ATOM   32   N  N   . LEU A 1 5  ? -1.782  -12.514 2.543   1.00 17.11  ? 5   LEU A N   1 
ATOM   33   C  CA  . LEU A 1 5  ? -2.615  -11.356 2.245   1.00 16.63  ? 5   LEU A CA  1 
ATOM   34   C  C   . LEU A 1 5  ? -4.107  -11.628 2.125   1.00 15.72  ? 5   LEU A C   1 
ATOM   35   O  O   . LEU A 1 5  ? -4.820  -10.858 1.479   1.00 16.51  ? 5   LEU A O   1 
ATOM   36   C  CB  . LEU A 1 5  ? -2.105  -10.669 0.977   1.00 15.07  ? 5   LEU A CB  1 
ATOM   37   C  CG  . LEU A 1 5  ? -0.886  -9.704  1.077   1.00 21.16  ? 5   LEU A CG  1 
ATOM   38   C  CD1 . LEU A 1 5  ? -0.268  -9.559  2.454   1.00 13.33  ? 5   LEU A CD1 1 
ATOM   39   C  CD2 . LEU A 1 5  ? 0.132   -10.187 0.058   1.00 13.96  ? 5   LEU A CD2 1 
ATOM   40   N  N   . TRP A 1 6  ? -4.588  -12.706 2.747   1.00 13.52  ? 6   TRP A N   1 
ATOM   41   C  CA  . TRP A 1 6  ? -6.018  -13.029 2.711   1.00 14.96  ? 6   TRP A CA  1 
ATOM   42   C  C   . TRP A 1 6  ? -6.760  -11.907 3.423   1.00 14.89  ? 6   TRP A C   1 
ATOM   43   O  O   . TRP A 1 6  ? -7.846  -11.515 3.018   1.00 18.01  ? 6   TRP A O   1 
ATOM   44   C  CB  . TRP A 1 6  ? -6.316  -14.357 3.395   1.00 10.49  ? 6   TRP A CB  1 
ATOM   45   C  CG  . TRP A 1 6  ? -5.795  -15.598 2.705   1.00 13.57  ? 6   TRP A CG  1 
ATOM   46   C  CD1 . TRP A 1 6  ? -4.938  -16.516 3.229   1.00 14.78  ? 6   TRP A CD1 1 
ATOM   47   C  CD2 . TRP A 1 6  ? -6.158  -16.103 1.401   1.00 14.68  ? 6   TRP A CD2 1 
ATOM   48   N  NE1 . TRP A 1 6  ? -4.751  -17.554 2.352   1.00 18.10  ? 6   TRP A NE1 1 
ATOM   49   C  CE2 . TRP A 1 6  ? -5.488  -17.323 1.223   1.00 16.90  ? 6   TRP A CE2 1 
ATOM   50   C  CE3 . TRP A 1 6  ? -6.993  -15.636 0.373   1.00 15.53  ? 6   TRP A CE3 1 
ATOM   51   C  CZ2 . TRP A 1 6  ? -5.623  -18.096 0.054   1.00 20.01  ? 6   TRP A CZ2 1 
ATOM   52   C  CZ3 . TRP A 1 6  ? -7.124  -16.405 -0.795  1.00 14.37  ? 6   TRP A CZ3 1 
ATOM   53   C  CH2 . TRP A 1 6  ? -6.447  -17.615 -0.938  1.00 16.09  ? 6   TRP A CH2 1 
ATOM   54   N  N   . GLN A 1 7  ? -6.168  -11.411 4.504   1.00 14.25  ? 7   GLN A N   1 
ATOM   55   C  CA  . GLN A 1 7  ? -6.711  -10.307 5.292   1.00 13.61  ? 7   GLN A CA  1 
ATOM   56   C  C   . GLN A 1 7  ? -5.666  -9.162  5.225   1.00 14.86  ? 7   GLN A C   1 
ATOM   57   O  O   . GLN A 1 7  ? -4.562  -9.362  4.717   1.00 11.66  ? 7   GLN A O   1 
ATOM   58   C  CB  . GLN A 1 7  ? -6.909  -10.729 6.770   1.00 15.60  ? 7   GLN A CB  1 
ATOM   59   C  CG  . GLN A 1 7  ? -7.989  -11.802 7.007   1.00 21.89  ? 7   GLN A CG  1 
ATOM   60   C  CD  . GLN A 1 7  ? -7.471  -13.227 6.877   1.00 26.30  ? 7   GLN A CD  1 
ATOM   61   O  OE1 . GLN A 1 7  ? -6.410  -13.576 7.406   1.00 31.56  ? 7   GLN A OE1 1 
ATOM   62   N  NE2 . GLN A 1 7  ? -8.236  -14.072 6.204   1.00 26.85  ? 7   GLN A NE2 1 
ATOM   63   N  N   . ARG A 1 8  ? -6.019  -7.978  5.708   1.00 14.17  ? 8   ARG A N   1 
ATOM   64   C  CA  . ARG A 1 8  ? -5.090  -6.857  5.716   1.00 16.29  ? 8   ARG A CA  1 
ATOM   65   C  C   . ARG A 1 8  ? -3.901  -7.231  6.635   1.00 15.89  ? 8   ARG A C   1 
ATOM   66   O  O   . ARG A 1 8  ? -4.099  -7.812  7.707   1.00 13.01  ? 8   ARG A O   1 
ATOM   67   C  CB  . ARG A 1 8  ? -5.781  -5.598  6.267   1.00 13.50  ? 8   ARG A CB  1 
ATOM   68   C  CG  . ARG A 1 8  ? -6.755  -4.934  5.324   1.00 14.45  ? 8   ARG A CG  1 
ATOM   69   C  CD  . ARG A 1 8  ? -7.323  -3.657  5.962   1.00 14.31  ? 8   ARG A CD  1 
ATOM   70   N  NE  . ARG A 1 8  ? -8.168  -2.919  5.035   1.00 14.56  ? 8   ARG A NE  1 
ATOM   71   C  CZ  . ARG A 1 8  ? -8.808  -1.797  5.345   1.00 17.96  ? 8   ARG A CZ  1 
ATOM   72   N  NH1 . ARG A 1 8  ? -8.729  -1.296  6.570   1.00 22.30  ? 8   ARG A NH1 1 
ATOM   73   N  NH2 . ARG A 1 8  ? -9.553  -1.187  4.437   1.00 17.62  ? 8   ARG A NH2 1 
ATOM   74   N  N   . PRO A 1 9  ? -2.667  -6.928  6.210   1.00 15.92  ? 9   PRO A N   1 
ATOM   75   C  CA  . PRO A 1 9  ? -1.497  -7.255  7.037   1.00 17.00  ? 9   PRO A CA  1 
ATOM   76   C  C   . PRO A 1 9  ? -1.281  -6.283  8.247   1.00 14.83  ? 9   PRO A C   1 
ATOM   77   O  O   . PRO A 1 9  ? -0.441  -5.381  8.191   1.00 15.49  ? 9   PRO A O   1 
ATOM   78   C  CB  . PRO A 1 9  ? -0.332  -7.201  6.022   1.00 15.41  ? 9   PRO A CB  1 
ATOM   79   C  CG  . PRO A 1 9  ? -0.782  -6.151  5.056   1.00 16.63  ? 9   PRO A CG  1 
ATOM   80   C  CD  . PRO A 1 9  ? -2.259  -6.501  4.861   1.00 16.17  ? 9   PRO A CD  1 
ATOM   81   N  N   . LEU A 1 10 ? -2.087  -6.455  9.291   1.00 16.35  ? 10  LEU A N   1 
ATOM   82   C  CA  . LEU A 1 10 ? -1.972  -5.642  10.494  1.00 17.03  ? 10  LEU A CA  1 
ATOM   83   C  C   . LEU A 1 10 ? -1.052  -6.282  11.466  1.00 18.63  ? 10  LEU A C   1 
ATOM   84   O  O   . LEU A 1 10 ? -1.044  -7.513  11.619  1.00 19.27  ? 10  LEU A O   1 
ATOM   85   C  CB  . LEU A 1 10 ? -3.321  -5.432  11.181  1.00 18.42  ? 10  LEU A CB  1 
ATOM   86   C  CG  . LEU A 1 10 ? -4.491  -4.539  10.816  1.00 22.73  ? 10  LEU A CG  1 
ATOM   87   C  CD1 . LEU A 1 10 ? -4.012  -3.208  10.270  1.00 22.65  ? 10  LEU A CD1 1 
ATOM   88   C  CD2 . LEU A 1 10 ? -5.351  -5.250  9.806   1.00 24.13  ? 10  LEU A CD2 1 
ATOM   89   N  N   . VAL A 1 11 ? -0.271  -5.444  12.144  1.00 18.26  ? 11  VAL A N   1 
ATOM   90   C  CA  . VAL A 1 11 ? 0.689   -5.875  13.156  1.00 17.47  ? 11  VAL A CA  1 
ATOM   91   C  C   . VAL A 1 11 ? 0.647   -4.901  14.295  1.00 17.43  ? 11  VAL A C   1 
ATOM   92   O  O   . VAL A 1 11 ? 0.137   -3.779  14.156  1.00 16.61  ? 11  VAL A O   1 
ATOM   93   C  CB  . VAL A 1 11 ? 2.170   -5.895  12.600  1.00 15.79  ? 11  VAL A CB  1 
ATOM   94   C  CG1 . VAL A 1 11 ? 2.315   -6.934  11.508  1.00 17.51  ? 11  VAL A CG1 1 
ATOM   95   C  CG2 . VAL A 1 11 ? 2.567   -4.512  12.076  1.00 14.15  ? 11  VAL A CG2 1 
ATOM   96   N  N   . THR A 1 12 ? 1.169   -5.317  15.439  1.00 16.45  ? 12  THR A N   1 
ATOM   97   C  CA  . THR A 1 12 ? 1.210   -4.441  16.594  1.00 19.16  ? 12  THR A CA  1 
ATOM   98   C  C   . THR A 1 12 ? 2.550   -3.718  16.583  1.00 18.62  ? 12  THR A C   1 
ATOM   99   O  O   . THR A 1 12 ? 3.597   -4.330  16.349  1.00 21.00  ? 12  THR A O   1 
ATOM   100  C  CB  . THR A 1 12 ? 1.041   -5.236  17.911  1.00 22.70  ? 12  THR A CB  1 
ATOM   101  O  OG1 . THR A 1 12 ? -0.131  -6.058  17.826  1.00 30.78  ? 12  THR A OG1 1 
ATOM   102  C  CG2 . THR A 1 12 ? 0.891   -4.292  19.096  1.00 26.34  ? 12  THR A CG2 1 
ATOM   103  N  N   . ILE A 1 13 ? 2.497   -2.405  16.740  1.00 17.29  ? 13  ILE A N   1 
ATOM   104  C  CA  . ILE A 1 13 ? 3.685   -1.573  16.775  1.00 18.38  ? 13  ILE A CA  1 
ATOM   105  C  C   . ILE A 1 13 ? 3.702   -0.818  18.116  1.00 19.57  ? 13  ILE A C   1 
ATOM   106  O  O   . ILE A 1 13 ? 2.657   -0.634  18.751  1.00 19.18  ? 13  ILE A O   1 
ATOM   107  C  CB  . ILE A 1 13 ? 3.710   -0.505  15.574  1.00 18.44  ? 13  ILE A CB  1 
ATOM   108  C  CG1 . ILE A 1 13 ? 2.558   0.516   15.720  1.00 20.16  ? 13  ILE A CG1 1 
ATOM   109  C  CG2 . ILE A 1 13 ? 3.695   -1.217  14.219  1.00 15.55  ? 13  ILE A CG2 1 
ATOM   110  C  CD1 . ILE A 1 13 ? 2.749   1.781   14.911  1.00 19.54  ? 13  ILE A CD1 1 
ATOM   111  N  N   . LYS A 1 14 ? 4.886   -0.421  18.557  1.00 21.35  ? 14  LYS A N   1 
ATOM   112  C  CA  . LYS A 1 14 ? 5.018   0.331   19.793  1.00 22.36  ? 14  LYS A CA  1 
ATOM   113  C  C   . LYS A 1 14 ? 5.732   1.591   19.472  1.00 19.06  ? 14  LYS A C   1 
ATOM   114  O  O   . LYS A 1 14 ? 6.799   1.573   18.856  1.00 18.53  ? 14  LYS A O   1 
ATOM   115  C  CB  . LYS A 1 14 ? 5.781   -0.450  20.855  1.00 27.19  ? 14  LYS A CB  1 
ATOM   116  C  CG  . LYS A 1 14 ? 5.743   0.245   22.228  1.00 38.61  ? 14  LYS A CG  1 
ATOM   117  C  CD  . LYS A 1 14 ? 6.939   -0.122  23.104  1.00 46.80  ? 14  LYS A CD  1 
ATOM   118  C  CE  . LYS A 1 14 ? 7.321   1.075   24.007  1.00 52.33  ? 14  LYS A CE  1 
ATOM   119  N  NZ  . LYS A 1 14 ? 7.641   2.293   23.190  1.00 54.63  ? 14  LYS A NZ  1 
ATOM   120  N  N   . ILE A 1 15 ? 5.118   2.707   19.836  1.00 21.15  ? 15  ILE A N   1 
ATOM   121  C  CA  . ILE A 1 15 ? 5.690   4.018   19.582  1.00 24.58  ? 15  ILE A CA  1 
ATOM   122  C  C   . ILE A 1 15 ? 5.320   4.944   20.708  1.00 27.68  ? 15  ILE A C   1 
ATOM   123  O  O   . ILE A 1 15 ? 4.154   5.039   21.095  1.00 27.36  ? 15  ILE A O   1 
ATOM   124  C  CB  . ILE A 1 15 ? 5.198   4.598   18.200  1.00 24.72  ? 15  ILE A CB  1 
ATOM   125  C  CG1 . ILE A 1 15 ? 5.844   5.957   17.921  1.00 23.92  ? 15  ILE A CG1 1 
ATOM   126  C  CG2 . ILE A 1 15 ? 3.671   4.594   18.133  1.00 22.35  ? 15  ILE A CG2 1 
ATOM   127  C  CD1 . ILE A 1 15 ? 5.513   6.518   16.547  1.00 24.72  ? 15  ILE A CD1 1 
ATOM   128  N  N   . GLY A 1 16 ? 6.339   5.553   21.305  1.00 32.58  ? 16  GLY A N   1 
ATOM   129  C  CA  . GLY A 1 16 ? 6.138   6.486   22.401  1.00 37.50  ? 16  GLY A CA  1 
ATOM   130  C  C   . GLY A 1 16 ? 5.436   5.905   23.613  1.00 39.85  ? 16  GLY A C   1 
ATOM   131  O  O   . GLY A 1 16 ? 4.740   6.625   24.328  1.00 45.24  ? 16  GLY A O   1 
ATOM   132  N  N   . GLY A 1 17 ? 5.629   4.609   23.850  1.00 40.17  ? 17  GLY A N   1 
ATOM   133  C  CA  . GLY A 1 17 ? 4.999   3.945   24.976  1.00 40.31  ? 17  GLY A CA  1 
ATOM   134  C  C   . GLY A 1 17 ? 3.686   3.276   24.608  1.00 40.20  ? 17  GLY A C   1 
ATOM   135  O  O   . GLY A 1 17 ? 3.357   2.213   25.132  1.00 43.92  ? 17  GLY A O   1 
ATOM   136  N  N   . GLN A 1 18 ? 2.948   3.889   23.686  1.00 36.72  ? 18  GLN A N   1 
ATOM   137  C  CA  . GLN A 1 18 ? 1.659   3.371   23.242  1.00 34.01  ? 18  GLN A CA  1 
ATOM   138  C  C   . GLN A 1 18 ? 1.781   2.222   22.275  1.00 32.40  ? 18  GLN A C   1 
ATOM   139  O  O   . GLN A 1 18 ? 2.704   2.186   21.460  1.00 30.64  ? 18  GLN A O   1 
ATOM   140  C  CB  . GLN A 1 18 ? 0.856   4.487   22.568  1.00 37.74  ? 18  GLN A CB  1 
ATOM   141  C  CG  . GLN A 1 18 ? 0.609   5.722   23.432  1.00 43.77  ? 18  GLN A CG  1 
ATOM   142  C  CD  . GLN A 1 18 ? 0.066   6.892   22.628  1.00 47.81  ? 18  GLN A CD  1 
ATOM   143  O  OE1 . GLN A 1 18 ? 0.677   7.958   22.571  1.00 52.57  ? 18  GLN A OE1 1 
ATOM   144  N  NE2 . GLN A 1 18 ? -1.092  6.701   22.007  1.00 49.58  ? 18  GLN A NE2 1 
ATOM   145  N  N   . LEU A 1 19 ? 0.865   1.263   22.387  1.00 30.59  ? 19  LEU A N   1 
ATOM   146  C  CA  . LEU A 1 19 ? 0.813   0.118   21.481  1.00 31.03  ? 19  LEU A CA  1 
ATOM   147  C  C   . LEU A 1 19 ? -0.286  0.438   20.481  1.00 29.02  ? 19  LEU A C   1 
ATOM   148  O  O   . LEU A 1 19 ? -1.370  0.870   20.878  1.00 29.45  ? 19  LEU A O   1 
ATOM   149  C  CB  . LEU A 1 19 ? 0.465   -1.189  22.242  1.00 32.00  ? 19  LEU A CB  1 
ATOM   150  C  CG  . LEU A 1 19 ? 1.490   -1.997  23.064  1.00 35.01  ? 19  LEU A CG  1 
ATOM   151  C  CD1 . LEU A 1 19 ? 0.749   -3.203  23.631  1.00 36.13  ? 19  LEU A CD1 1 
ATOM   152  C  CD2 . LEU A 1 19 ? 2.671   -2.463  22.223  1.00 35.31  ? 19  LEU A CD2 1 
ATOM   153  N  N   . LYS A 1 20 ? -0.008  0.268   19.189  1.00 27.45  ? 20  LYS A N   1 
ATOM   154  C  CA  . LYS A 1 20 ? -0.993  0.554   18.138  1.00 26.37  ? 20  LYS A CA  1 
ATOM   155  C  C   . LYS A 1 20 ? -1.010  -0.512  17.056  1.00 25.41  ? 20  LYS A C   1 
ATOM   156  O  O   . LYS A 1 20 ? -0.068  -1.292  16.932  1.00 24.95  ? 20  LYS A O   1 
ATOM   157  C  CB  . LYS A 1 20 ? -0.696  1.929   17.478  1.00 25.61  ? 20  LYS A CB  1 
ATOM   158  C  CG  . LYS A 1 20 ? -0.807  3.136   18.408  1.00 30.35  ? 20  LYS A CG  1 
ATOM   159  C  CD  . LYS A 1 20 ? -0.263  4.385   17.752  1.00 32.17  ? 20  LYS A CD  1 
ATOM   160  C  CE  . LYS A 1 20 ? -0.340  5.584   18.698  1.00 36.68  ? 20  LYS A CE  1 
ATOM   161  N  NZ  . LYS A 1 20 ? -1.743  5.998   18.987  1.00 43.45  ? 20  LYS A NZ  1 
ATOM   162  N  N   . GLU A 1 21 ? -2.098  -0.561  16.292  1.00 22.82  ? 21  GLU A N   1 
ATOM   163  C  CA  . GLU A 1 21 ? -2.233  -1.508  15.184  1.00 20.01  ? 21  GLU A CA  1 
ATOM   164  C  C   . GLU A 1 21 ? -1.897  -0.746  13.940  1.00 18.00  ? 21  GLU A C   1 
ATOM   165  O  O   . GLU A 1 21 ? -2.345  0.394   13.772  1.00 17.57  ? 21  GLU A O   1 
ATOM   166  C  CB  . GLU A 1 21 ? -3.643  -2.032  15.076  1.00 23.92  ? 21  GLU A CB  1 
ATOM   167  C  CG  . GLU A 1 21 ? -3.872  -3.371  15.734  1.00 37.27  ? 21  GLU A CG  1 
ATOM   168  C  CD  . GLU A 1 21 ? -4.947  -4.179  15.021  1.00 47.37  ? 21  GLU A CD  1 
ATOM   169  O  OE1 . GLU A 1 21 ? -6.065  -3.647  14.817  1.00 50.44  ? 21  GLU A OE1 1 
ATOM   170  O  OE2 . GLU A 1 21 ? -4.670  -5.344  14.653  1.00 52.61  ? 21  GLU A OE2 1 
ATOM   171  N  N   . ALA A 1 22 ? -1.115  -1.361  13.058  1.00 12.99  ? 22  ALA A N   1 
ATOM   172  C  CA  . ALA A 1 22 ? -0.705  -0.713  11.822  1.00 9.68   ? 22  ALA A CA  1 
ATOM   173  C  C   . ALA A 1 22 ? -0.577  -1.659  10.681  1.00 9.17   ? 22  ALA A C   1 
ATOM   174  O  O   . ALA A 1 22 ? -0.241  -2.838  10.856  1.00 10.68  ? 22  ALA A O   1 
ATOM   175  C  CB  . ALA A 1 22 ? 0.597   0.035   12.036  1.00 9.39   ? 22  ALA A CB  1 
ATOM   176  N  N   . LEU A 1 23 ? -0.789  -1.115  9.488   1.00 11.48  ? 23  LEU A N   1 
ATOM   177  C  CA  . LEU A 1 23 ? -0.743  -1.845  8.227   1.00 11.22  ? 23  LEU A CA  1 
ATOM   178  C  C   . LEU A 1 23 ? 0.637   -1.866  7.598   1.00 9.08   ? 23  LEU A C   1 
ATOM   179  O  O   . LEU A 1 23 ? 1.230   -0.808  7.404   1.00 12.50  ? 23  LEU A O   1 
ATOM   180  C  CB  . LEU A 1 23 ? -1.671  -1.159  7.250   1.00 14.36  ? 23  LEU A CB  1 
ATOM   181  C  CG  . LEU A 1 23 ? -2.741  -1.700  6.386   1.00 20.52  ? 23  LEU A CG  1 
ATOM   182  C  CD1 . LEU A 1 23 ? -3.059  -0.541  5.445   1.00 20.52  ? 23  LEU A CD1 1 
ATOM   183  C  CD2 . LEU A 1 23 ? -2.334  -2.918  5.607   1.00 21.96  ? 23  LEU A CD2 1 
ATOM   184  N  N   . LEU A 1 24 ? 1.126   -3.053  7.233   1.00 9.05   ? 24  LEU A N   1 
ATOM   185  C  CA  . LEU A 1 24 ? 2.424   -3.205  6.553   1.00 9.43   ? 24  LEU A CA  1 
ATOM   186  C  C   . LEU A 1 24 ? 2.104   -2.937  5.088   1.00 8.83   ? 24  LEU A C   1 
ATOM   187  O  O   . LEU A 1 24 ? 1.595   -3.814  4.386   1.00 9.14   ? 24  LEU A O   1 
ATOM   188  C  CB  . LEU A 1 24 ? 2.977   -4.632  6.729   1.00 8.05   ? 24  LEU A CB  1 
ATOM   189  C  CG  . LEU A 1 24 ? 3.251   -5.018  8.206   1.00 11.16  ? 24  LEU A CG  1 
ATOM   190  C  CD1 . LEU A 1 24 ? 3.810   -6.418  8.221   1.00 14.52  ? 24  LEU A CD1 1 
ATOM   191  C  CD2 . LEU A 1 24 ? 4.219   -4.056  8.887   1.00 13.42  ? 24  LEU A CD2 1 
ATOM   192  N  N   . ASP A 1 25 ? 2.449   -1.738  4.630   1.00 6.79   ? 25  ASP A N   1 
ATOM   193  C  CA  . ASP A 1 25 ? 2.116   -1.273  3.288   1.00 5.52   ? 25  ASP A CA  1 
ATOM   194  C  C   . ASP A 1 25 ? 3.290   -1.063  2.338   1.00 5.30   ? 25  ASP A C   1 
ATOM   195  O  O   . ASP A 1 25 ? 3.955   -0.028  2.369   1.00 8.44   ? 25  ASP A O   1 
ATOM   196  C  CB  . ASP A 1 25 ? 1.319   0.051   3.473   1.00 8.17   ? 25  ASP A CB  1 
ATOM   197  C  CG  . ASP A 1 25 ? 0.627   0.532   2.214   1.00 8.12   ? 25  ASP A CG  1 
ATOM   198  O  OD1 . ASP A 1 25 ? 0.853   -0.014  1.106   1.00 11.97  ? 25  ASP A OD1 1 
ATOM   199  O  OD2 . ASP A 1 25 ? -0.158  1.493   2.349   1.00 9.16   ? 25  ASP A OD2 1 
ATOM   200  N  N   . THR A 1 26 ? 3.477   -1.997  1.414   1.00 7.14   ? 26  THR A N   1 
ATOM   201  C  CA  . THR A 1 26 ? 4.561   -1.909  0.441   1.00 9.15   ? 26  THR A CA  1 
ATOM   202  C  C   . THR A 1 26 ? 4.324   -0.772  -0.611  1.00 11.73  ? 26  THR A C   1 
ATOM   203  O  O   . THR A 1 26 ? 5.257   -0.324  -1.293  1.00 11.06  ? 26  THR A O   1 
ATOM   204  C  CB  . THR A 1 26 ? 4.732   -3.240  -0.312  1.00 7.94   ? 26  THR A CB  1 
ATOM   205  O  OG1 . THR A 1 26 ? 3.526   -3.558  -1.021  1.00 10.06  ? 26  THR A OG1 1 
ATOM   206  C  CG2 . THR A 1 26 ? 5.063   -4.372  0.658   1.00 5.55   ? 26  THR A CG2 1 
ATOM   207  N  N   . GLY A 1 27 ? 3.073   -0.335  -0.729  1.00 9.42   ? 27  GLY A N   1 
ATOM   208  C  CA  . GLY A 1 27 ? 2.747   0.709   -1.683  1.00 7.90   ? 27  GLY A CA  1 
ATOM   209  C  C   . GLY A 1 27 ? 3.032   2.107   -1.171  1.00 8.29   ? 27  GLY A C   1 
ATOM   210  O  O   . GLY A 1 27 ? 3.097   3.058   -1.948  1.00 9.12   ? 27  GLY A O   1 
ATOM   211  N  N   . ALA A 1 28 ? 3.205   2.221   0.145   1.00 7.27   ? 28  ALA A N   1 
ATOM   212  C  CA  . ALA A 1 28 ? 3.473   3.489   0.815   1.00 8.28   ? 28  ALA A CA  1 
ATOM   213  C  C   . ALA A 1 28 ? 4.986   3.814   0.919   1.00 10.88  ? 28  ALA A C   1 
ATOM   214  O  O   . ALA A 1 28 ? 5.757   3.024   1.459   1.00 12.11  ? 28  ALA A O   1 
ATOM   215  C  CB  . ALA A 1 28 ? 2.866   3.455   2.206   1.00 5.62   ? 28  ALA A CB  1 
ATOM   216  N  N   . ASP A 1 29 ? 5.400   4.971   0.416   1.00 9.19   ? 29  ASP A N   1 
ATOM   217  C  CA  . ASP A 1 29 ? 6.807   5.356   0.503   1.00 11.39  ? 29  ASP A CA  1 
ATOM   218  C  C   . ASP A 1 29 ? 7.126   5.749   1.933   1.00 12.94  ? 29  ASP A C   1 
ATOM   219  O  O   . ASP A 1 29 ? 8.197   5.443   2.449   1.00 13.84  ? 29  ASP A O   1 
ATOM   220  C  CB  . ASP A 1 29 ? 7.097   6.569   -0.380  1.00 11.38  ? 29  ASP A CB  1 
ATOM   221  C  CG  . ASP A 1 29 ? 6.924   6.286   -1.862  1.00 15.19  ? 29  ASP A CG  1 
ATOM   222  O  OD1 . ASP A 1 29 ? 6.791   5.114   -2.258  1.00 14.21  ? 29  ASP A OD1 1 
ATOM   223  O  OD2 . ASP A 1 29 ? 6.928   7.262   -2.638  1.00 17.06  ? 29  ASP A OD2 1 
ATOM   224  N  N   . ASP A 1 30 ? 6.168   6.423   2.569   1.00 14.08  ? 30  ASP A N   1 
ATOM   225  C  CA  . ASP A 1 30 ? 6.312   6.928   3.931   1.00 13.31  ? 30  ASP A CA  1 
ATOM   226  C  C   . ASP A 1 30 ? 5.443   6.205   4.951   1.00 11.98  ? 30  ASP A C   1 
ATOM   227  O  O   . ASP A 1 30 ? 4.552   5.436   4.598   1.00 10.49  ? 30  ASP A O   1 
ATOM   228  C  CB  . ASP A 1 30 ? 5.946   8.406   3.960   1.00 18.56  ? 30  ASP A CB  1 
ATOM   229  C  CG  . ASP A 1 30 ? 6.636   9.208   2.871   1.00 24.48  ? 30  ASP A CG  1 
ATOM   230  O  OD1 . ASP A 1 30 ? 7.849   9.470   2.997   1.00 31.74  ? 30  ASP A OD1 1 
ATOM   231  O  OD2 . ASP A 1 30 ? 5.958   9.583   1.897   1.00 28.62  ? 30  ASP A OD2 1 
ATOM   232  N  N   . THR A 1 31 ? 5.724   6.465   6.223   1.00 9.30   ? 31  THR A N   1 
ATOM   233  C  CA  . THR A 1 31 ? 4.991   5.908   7.343   1.00 9.32   ? 31  THR A CA  1 
ATOM   234  C  C   . THR A 1 31 ? 4.110   7.051   7.875   1.00 11.12  ? 31  THR A C   1 
ATOM   235  O  O   . THR A 1 31 ? 4.606   8.143   8.167   1.00 10.17  ? 31  THR A O   1 
ATOM   236  C  CB  . THR A 1 31 ? 5.979   5.385   8.434   1.00 9.43   ? 31  THR A CB  1 
ATOM   237  O  OG1 . THR A 1 31 ? 6.650   4.224   7.930   1.00 7.22   ? 31  THR A OG1 1 
ATOM   238  C  CG2 . THR A 1 31 ? 5.252   5.024   9.728   1.00 6.55   ? 31  THR A CG2 1 
ATOM   239  N  N   . VAL A 1 32 ? 2.805   6.806   7.922   1.00 12.18  ? 32  VAL A N   1 
ATOM   240  C  CA  . VAL A 1 32 ? 1.840   7.808   8.367   1.00 13.25  ? 32  VAL A CA  1 
ATOM   241  C  C   . VAL A 1 32 ? 1.044   7.262   9.446   1.00 12.24  ? 32  VAL A C   1 
ATOM   242  O  O   . VAL A 1 32 ? 0.470   6.187   9.321   1.00 14.61  ? 32  VAL A O   1 
ATOM   243  C  CB  . VAL A 1 32 ? 0.875   8.236   7.217   1.00 13.17  ? 32  VAL A CB  1 
ATOM   244  C  CG1 . VAL A 1 32 ? 0.193   9.573   7.557   1.00 12.67  ? 32  VAL A CG1 1 
ATOM   245  C  CG2 . VAL A 1 32 ? 1.619   8.320   5.892   1.00 13.63  ? 32  VAL A CG2 1 
ATOM   246  N  N   . LEU A 1 33 ? 0.962   8.006   10.538  1.00 12.48  ? 33  LEU A N   1 
ATOM   247  C  CA  . LEU A 1 33 ? 0.209   7.586   11.705  1.00 14.97  ? 33  LEU A CA  1 
ATOM   248  C  C   . LEU A 1 33 ? -0.848  8.599   12.084  1.00 13.55  ? 33  LEU A C   1 
ATOM   249  O  O   . LEU A 1 33 ? -0.738  9.788   11.770  1.00 12.18  ? 33  LEU A O   1 
ATOM   250  C  CB  . LEU A 1 33 ? 1.169   7.360   12.883  1.00 17.64  ? 33  LEU A CB  1 
ATOM   251  C  CG  . LEU A 1 33 ? 1.726   5.957   13.183  1.00 24.23  ? 33  LEU A CG  1 
ATOM   252  C  CD1 . LEU A 1 33 ? 2.119   5.054   12.029  1.00 22.38  ? 33  LEU A CD1 1 
ATOM   253  C  CD2 . LEU A 1 33 ? 2.924   6.284   14.063  1.00 22.97  ? 33  LEU A CD2 1 
ATOM   254  N  N   . GLU A 1 34 ? -1.880  8.121   12.770  1.00 15.00  ? 34  GLU A N   1 
ATOM   255  C  CA  . GLU A 1 34 ? -2.993  8.955   13.225  1.00 18.78  ? 34  GLU A CA  1 
ATOM   256  C  C   . GLU A 1 34 ? -2.503  9.948   14.252  1.00 19.27  ? 34  GLU A C   1 
ATOM   257  O  O   . GLU A 1 34 ? -1.502  9.700   14.933  1.00 19.13  ? 34  GLU A O   1 
ATOM   258  C  CB  . GLU A 1 34 ? -4.096  8.070   13.811  1.00 23.18  ? 34  GLU A CB  1 
ATOM   259  C  CG  . GLU A 1 34 ? -4.641  7.030   12.783  1.00 34.69  ? 34  GLU A CG  1 
ATOM   260  C  CD  . GLU A 1 34 ? -5.597  6.006   13.388  1.00 44.07  ? 34  GLU A CD  1 
ATOM   261  O  OE1 . GLU A 1 34 ? -5.677  5.898   14.638  1.00 47.06  ? 34  GLU A OE1 1 
ATOM   262  O  OE2 . GLU A 1 34 ? -6.260  5.293   12.598  1.00 45.66  ? 34  GLU A OE2 1 
ATOM   263  N  N   . GLU A 1 35 ? -3.189  11.082  14.343  1.00 16.64  ? 35  GLU A N   1 
ATOM   264  C  CA  . GLU A 1 35 ? -2.842  12.149  15.274  1.00 19.45  ? 35  GLU A CA  1 
ATOM   265  C  C   . GLU A 1 35 ? -2.404  11.683  16.624  1.00 18.55  ? 35  GLU A C   1 
ATOM   266  O  O   . GLU A 1 35 ? -3.093  10.899  17.286  1.00 20.22  ? 35  GLU A O   1 
ATOM   267  C  CB  . GLU A 1 35 ? -4.011  13.125  15.429  1.00 23.22  ? 35  GLU A CB  1 
ATOM   268  C  CG  . GLU A 1 35 ? -4.164  14.121  14.278  1.00 32.70  ? 35  GLU A CG  1 
ATOM   269  C  CD  . GLU A 1 35 ? -3.030  15.128  14.227  1.00 36.90  ? 35  GLU A CD  1 
ATOM   270  O  OE1 . GLU A 1 35 ? -2.549  15.537  15.306  1.00 38.39  ? 35  GLU A OE1 1 
ATOM   271  O  OE2 . GLU A 1 35 ? -2.623  15.517  13.109  1.00 41.88  ? 35  GLU A OE2 1 
ATOM   272  N  N   . MET A 1 36 ? -1.238  12.165  17.036  1.00 16.58  ? 36  MET A N   1 
ATOM   273  C  CA  . MET A 1 36 ? -0.657  11.837  18.335  1.00 19.27  ? 36  MET A CA  1 
ATOM   274  C  C   . MET A 1 36 ? 0.459   12.806  18.598  1.00 20.49  ? 36  MET A C   1 
ATOM   275  O  O   . MET A 1 36 ? 0.896   13.515  17.690  1.00 20.00  ? 36  MET A O   1 
ATOM   276  C  CB  . MET A 1 36 ? -0.112  10.396  18.346  1.00 17.92  ? 36  MET A CB  1 
ATOM   277  C  CG  . MET A 1 36 ? 1.070   10.136  17.367  1.00 21.54  ? 36  MET A CG  1 
ATOM   278  S  SD  . MET A 1 36 ? 1.700   8.435   17.509  1.00 27.03  ? 36  MET A SD  1 
ATOM   279  C  CE  . MET A 1 36 ? 2.346   8.444   19.191  1.00 21.43  ? 36  MET A CE  1 
ATOM   280  N  N   . SER A 1 37 ? 0.908   12.880  19.846  1.00 24.71  ? 37  SER A N   1 
ATOM   281  C  CA  . SER A 1 37 ? 2.007   13.782  20.184  1.00 27.02  ? 37  SER A CA  1 
ATOM   282  C  C   . SER A 1 37 ? 3.324   13.062  20.233  1.00 26.82  ? 37  SER A C   1 
ATOM   283  O  O   . SER A 1 37 ? 3.443   12.000  20.842  1.00 28.71  ? 37  SER A O   1 
ATOM   284  C  CB  . SER A 1 37 ? 1.742   14.509  21.513  1.00 27.38  ? 37  SER A CB  1 
ATOM   285  O  OG  . SER A 1 37 ? 1.304   13.605  22.510  1.00 33.02  ? 37  SER A OG  1 
ATOM   286  N  N   . LEU A 1 38 ? 4.307   13.613  19.533  1.00 26.63  ? 38  LEU A N   1 
ATOM   287  C  CA  . LEU A 1 38 ? 5.647   13.054  19.498  1.00 27.26  ? 38  LEU A CA  1 
ATOM   288  C  C   . LEU A 1 38 ? 6.581   14.168  19.900  1.00 31.98  ? 38  LEU A C   1 
ATOM   289  O  O   . LEU A 1 38 ? 6.314   15.341  19.626  1.00 32.90  ? 38  LEU A O   1 
ATOM   290  C  CB  . LEU A 1 38 ? 6.001   12.531  18.078  1.00 22.81  ? 38  LEU A CB  1 
ATOM   291  C  CG  . LEU A 1 38 ? 5.342   11.187  17.680  1.00 22.63  ? 38  LEU A CG  1 
ATOM   292  C  CD1 . LEU A 1 38 ? 5.703   10.867  16.235  1.00 19.89  ? 38  LEU A CD1 1 
ATOM   293  C  CD2 . LEU A 1 38 ? 5.801   10.059  18.603  1.00 22.43  ? 38  LEU A CD2 1 
ATOM   294  N  N   . PRO A 1 39 ? 7.643   13.842  20.650  1.00 37.13  ? 39  PRO A N   1 
ATOM   295  C  CA  . PRO A 1 39 ? 8.596   14.864  21.079  1.00 38.22  ? 39  PRO A CA  1 
ATOM   296  C  C   . PRO A 1 39 ? 9.492   15.361  19.940  1.00 36.00  ? 39  PRO A C   1 
ATOM   297  O  O   . PRO A 1 39 ? 9.687   14.661  18.943  1.00 36.45  ? 39  PRO A O   1 
ATOM   298  C  CB  . PRO A 1 39 ? 9.400   14.142  22.169  1.00 39.67  ? 39  PRO A CB  1 
ATOM   299  C  CG  . PRO A 1 39 ? 9.416   12.724  21.680  1.00 40.97  ? 39  PRO A CG  1 
ATOM   300  C  CD  . PRO A 1 39 ? 7.973   12.530  21.235  1.00 39.54  ? 39  PRO A CD  1 
ATOM   301  N  N   . GLY A 1 40 ? 10.015  16.569  20.098  1.00 36.96  ? 40  GLY A N   1 
ATOM   302  C  CA  . GLY A 1 40 ? 10.891  17.151  19.095  1.00 37.37  ? 40  GLY A CA  1 
ATOM   303  C  C   . GLY A 1 40 ? 10.191  18.133  18.178  1.00 36.28  ? 40  GLY A C   1 
ATOM   304  O  O   . GLY A 1 40 ? 9.027   18.484  18.406  1.00 36.53  ? 40  GLY A O   1 
ATOM   305  N  N   . ARG A 1 41 ? 10.910  18.621  17.178  1.00 36.05  ? 41  ARG A N   1 
ATOM   306  C  CA  . ARG A 1 41 ? 10.323  19.556  16.230  1.00 37.27  ? 41  ARG A CA  1 
ATOM   307  C  C   . ARG A 1 41 ? 9.832   18.857  15.027  1.00 33.27  ? 41  ARG A C   1 
ATOM   308  O  O   . ARG A 1 41 ? 10.318  17.776  14.672  1.00 29.54  ? 41  ARG A O   1 
ATOM   309  C  CB  . ARG A 1 41 ? 11.325  20.682  15.818  1.00 43.11  ? 41  ARG A CB  1 
ATOM   310  C  CG  . ARG A 1 41 ? 11.093  22.050  16.522  1.00 52.10  ? 41  ARG A CG  1 
ATOM   311  C  CD  . ARG A 1 41 ? 9.570   22.504  16.515  1.00 59.63  ? 41  ARG A CD  1 
ATOM   312  N  NE  . ARG A 1 41 ? 8.995   22.647  15.174  1.00 63.23  ? 41  ARG A NE  1 
ATOM   313  C  CZ  . ARG A 1 41 ? 8.119   23.590  14.825  1.00 67.17  ? 41  ARG A CZ  1 
ATOM   314  N  NH1 . ARG A 1 41 ? 7.740   24.523  15.694  1.00 70.18  ? 41  ARG A NH1 1 
ATOM   315  N  NH2 . ARG A 1 41 ? 7.649   23.628  13.585  1.00 67.75  ? 41  ARG A NH2 1 
ATOM   316  N  N   . TRP A 1 42 ? 8.868   19.483  14.368  1.00 29.68  ? 42  TRP A N   1 
ATOM   317  C  CA  . TRP A 1 42 ? 8.279   18.939  13.162  1.00 27.25  ? 42  TRP A CA  1 
ATOM   318  C  C   . TRP A 1 42 ? 8.313   19.942  12.042  1.00 24.91  ? 42  TRP A C   1 
ATOM   319  O  O   . TRP A 1 42 ? 8.565   21.127  12.256  1.00 25.65  ? 42  TRP A O   1 
ATOM   320  C  CB  . TRP A 1 42 ? 6.830   18.457  13.426  1.00 27.62  ? 42  TRP A CB  1 
ATOM   321  C  CG  . TRP A 1 42 ? 5.952   19.476  14.087  1.00 29.16  ? 42  TRP A CG  1 
ATOM   322  C  CD1 . TRP A 1 42 ? 5.806   19.683  15.419  1.00 33.13  ? 42  TRP A CD1 1 
ATOM   323  C  CD2 . TRP A 1 42 ? 5.115   20.435  13.435  1.00 32.67  ? 42  TRP A CD2 1 
ATOM   324  N  NE1 . TRP A 1 42 ? 4.930   20.715  15.645  1.00 35.17  ? 42  TRP A NE1 1 
ATOM   325  C  CE2 . TRP A 1 42 ? 4.491   21.194  14.440  1.00 34.78  ? 42  TRP A CE2 1 
ATOM   326  C  CE3 . TRP A 1 42 ? 4.828   20.731  12.095  1.00 31.63  ? 42  TRP A CE3 1 
ATOM   327  C  CZ2 . TRP A 1 42 ? 3.599   22.233  14.146  1.00 36.51  ? 42  TRP A CZ2 1 
ATOM   328  C  CZ3 . TRP A 1 42 ? 3.942   21.760  11.803  1.00 35.14  ? 42  TRP A CZ3 1 
ATOM   329  C  CH2 . TRP A 1 42 ? 3.343   22.497  12.821  1.00 36.41  ? 42  TRP A CH2 1 
ATOM   330  N  N   . LYS A 1 43 ? 8.037   19.457  10.841  1.00 23.65  ? 43  LYS A N   1 
ATOM   331  C  CA  . LYS A 1 43 ? 8.035   20.260  9.629   1.00 23.88  ? 43  LYS A CA  1 
ATOM   332  C  C   . LYS A 1 43 ? 6.699   19.917  8.902   1.00 22.13  ? 43  LYS A C   1 
ATOM   333  O  O   . LYS A 1 43 ? 6.226   18.783  8.990   1.00 15.39  ? 43  LYS A O   1 
ATOM   334  C  CB  . LYS A 1 43 ? 9.272   19.832  8.751   1.00 29.36  ? 43  LYS A CB  1 
ATOM   335  C  CG  . LYS A 1 43 ? 9.294   20.325  7.291   1.00 41.14  ? 43  LYS A CG  1 
ATOM   336  C  CD  . LYS A 1 43 ? 9.761   21.793  7.157   1.00 50.91  ? 43  LYS A CD  1 
ATOM   337  C  CE  . LYS A 1 43 ? 9.840   22.220  5.660   1.00 52.61  ? 43  LYS A CE  1 
ATOM   338  N  NZ  . LYS A 1 43 ? 8.518   22.115  4.972   1.00 54.05  ? 43  LYS A NZ  1 
ATOM   339  N  N   . PRO A 1 44 ? 6.023   20.923  8.310   1.00 21.61  ? 44  PRO A N   1 
ATOM   340  C  CA  . PRO A 1 44 ? 4.763   20.667  7.600   1.00 20.44  ? 44  PRO A CA  1 
ATOM   341  C  C   . PRO A 1 44 ? 5.026   19.974  6.274   1.00 17.14  ? 44  PRO A C   1 
ATOM   342  O  O   . PRO A 1 44 ? 5.988   20.298  5.584   1.00 16.22  ? 44  PRO A O   1 
ATOM   343  C  CB  . PRO A 1 44 ? 4.205   22.078  7.356   1.00 20.01  ? 44  PRO A CB  1 
ATOM   344  C  CG  . PRO A 1 44 ? 4.841   22.904  8.431   1.00 26.15  ? 44  PRO A CG  1 
ATOM   345  C  CD  . PRO A 1 44 ? 6.249   22.369  8.453   1.00 22.43  ? 44  PRO A CD  1 
ATOM   346  N  N   . LYS A 1 45 ? 4.136   19.072  5.894   1.00 15.97  ? 45  LYS A N   1 
ATOM   347  C  CA  . LYS A 1 45 ? 4.278   18.332  4.647   1.00 17.12  ? 45  LYS A CA  1 
ATOM   348  C  C   . LYS A 1 45 ? 2.894   17.929  4.120   1.00 15.46  ? 45  LYS A C   1 
ATOM   349  O  O   . LYS A 1 45 ? 1.948   17.782  4.893   1.00 17.89  ? 45  LYS A O   1 
ATOM   350  C  CB  . LYS A 1 45 ? 5.116   17.052  4.902   1.00 17.90  ? 45  LYS A CB  1 
ATOM   351  C  CG  . LYS A 1 45 ? 5.665   16.406  3.656   1.00 17.82  ? 45  LYS A CG  1 
ATOM   352  C  CD  . LYS A 1 45 ? 6.423   15.126  3.986   1.00 22.91  ? 45  LYS A CD  1 
ATOM   353  C  CE  . LYS A 1 45 ? 7.136   14.592  2.728   1.00 28.08  ? 45  LYS A CE  1 
ATOM   354  N  NZ  . LYS A 1 45 ? 7.766   13.260  2.952   1.00 38.56  ? 45  LYS A NZ  1 
ATOM   355  N  N   . MET A 1 46 ? 2.778   17.807  2.802   1.00 15.44  ? 46  MET A N   1 
ATOM   356  C  CA  . MET A 1 46 ? 1.540   17.381  2.151   1.00 15.85  ? 46  MET A CA  1 
ATOM   357  C  C   . MET A 1 46 ? 1.826   16.061  1.503   1.00 15.06  ? 46  MET A C   1 
ATOM   358  O  O   . MET A 1 46 ? 2.809   15.933  0.765   1.00 15.33  ? 46  MET A O   1 
ATOM   359  C  CB  . MET A 1 46 ? 1.120   18.378  1.049   1.00 16.43  ? 46  MET A CB  1 
ATOM   360  C  CG  . MET A 1 46 ? 0.630   19.723  1.548   1.00 23.19  ? 46  MET A CG  1 
ATOM   361  S  SD  . MET A 1 46 ? -1.054  19.653  2.139   1.00 33.97  ? 46  MET A SD  1 
ATOM   362  C  CE  . MET A 1 46 ? -1.948  20.069  0.624   1.00 32.35  ? 46  MET A CE  1 
ATOM   363  N  N   . ILE A 1 47 ? 1.041   15.043  1.823   1.00 11.76  ? 47  ILE A N   1 
ATOM   364  C  CA  . ILE A 1 47 ? 1.230   13.735  1.206   1.00 12.44  ? 47  ILE A CA  1 
ATOM   365  C  C   . ILE A 1 47 ? -0.040  13.377  0.515   1.00 13.94  ? 47  ILE A C   1 
ATOM   366  O  O   . ILE A 1 47 ? -1.126  13.719  0.984   1.00 12.51  ? 47  ILE A O   1 
ATOM   367  C  CB  . ILE A 1 47 ? 1.618   12.634  2.217   1.00 13.52  ? 47  ILE A CB  1 
ATOM   368  C  CG1 . ILE A 1 47 ? 0.639   12.637  3.341   1.00 15.10  ? 47  ILE A CG1 1 
ATOM   369  C  CG2 . ILE A 1 47 ? 3.087   12.742  2.570   1.00 15.17  ? 47  ILE A CG2 1 
ATOM   370  C  CD1 . ILE A 1 47 ? 0.733   11.414  4.194   1.00 18.45  ? 47  ILE A CD1 1 
ATOM   371  N  N   . GLY A 1 48 ? 0.078   12.707  -0.621  1.00 12.96  ? 48  GLY A N   1 
ATOM   372  C  CA  . GLY A 1 48 ? -1.097  12.339  -1.380  1.00 14.69  ? 48  GLY A CA  1 
ATOM   373  C  C   . GLY A 1 48 ? -1.186  10.893  -1.790  1.00 15.04  ? 48  GLY A C   1 
ATOM   374  O  O   . GLY A 1 48 ? -0.230  10.120  -1.665  1.00 12.49  ? 48  GLY A O   1 
ATOM   375  N  N   . GLY A 1 49 ? -2.351  10.548  -2.314  1.00 14.23  ? 49  GLY A N   1 
ATOM   376  C  CA  . GLY A 1 49 ? -2.638  9.202   -2.758  1.00 15.13  ? 49  GLY A CA  1 
ATOM   377  C  C   . GLY A 1 49 ? -4.031  9.243   -3.345  1.00 15.87  ? 49  GLY A C   1 
ATOM   378  O  O   . GLY A 1 49 ? -4.478  10.304  -3.797  1.00 17.72  ? 49  GLY A O   1 
ATOM   379  N  N   . ILE A 1 50 ? -4.744  8.123   -3.335  1.00 16.44  ? 50  ILE A N   1 
ATOM   380  C  CA  . ILE A 1 50 ? -6.079  8.156   -3.902  1.00 20.53  ? 50  ILE A CA  1 
ATOM   381  C  C   . ILE A 1 50 ? -6.992  8.933   -2.967  1.00 17.54  ? 50  ILE A C   1 
ATOM   382  O  O   . ILE A 1 50 ? -6.909  8.819   -1.735  1.00 14.03  ? 50  ILE A O   1 
ATOM   383  C  CB  . ILE A 1 50 ? -6.641  6.720   -4.294  1.00 25.22  ? 50  ILE A CB  1 
ATOM   384  C  CG1 . ILE A 1 50 ? -7.091  5.923   -3.173  1.00 29.29  ? 50  ILE A CG1 1 
ATOM   385  C  CG2 . ILE A 1 50 ? -5.608  5.943   -5.119  1.00 23.46  ? 50  ILE A CG2 1 
ATOM   386  C  CD1 . ILE A 1 50 ? -8.581  5.680   -3.199  1.00 31.25  ? 50  ILE A CD1 1 
ATOM   387  N  N   . GLY A 1 51 ? -7.767  9.826   -3.566  1.00 17.08  ? 51  GLY A N   1 
ATOM   388  C  CA  . GLY A 1 51 ? -8.663  10.660  -2.799  1.00 16.87  ? 51  GLY A CA  1 
ATOM   389  C  C   . GLY A 1 51 ? -8.070  12.045  -2.614  1.00 17.75  ? 51  GLY A C   1 
ATOM   390  O  O   . GLY A 1 51 ? -8.762  12.956  -2.169  1.00 21.42  ? 51  GLY A O   1 
ATOM   391  N  N   . GLY A 1 52 ? -6.780  12.196  -2.912  1.00 13.92  ? 52  GLY A N   1 
ATOM   392  C  CA  . GLY A 1 52 ? -6.137  13.490  -2.771  1.00 13.56  ? 52  GLY A CA  1 
ATOM   393  C  C   . GLY A 1 52 ? -5.011  13.579  -1.754  1.00 15.02  ? 52  GLY A C   1 
ATOM   394  O  O   . GLY A 1 52 ? -4.426  12.563  -1.351  1.00 16.18  ? 52  GLY A O   1 
ATOM   395  N  N   . PHE A 1 53 ? -4.749  14.806  -1.309  1.00 13.76  ? 53  PHE A N   1 
ATOM   396  C  CA  . PHE A 1 53 ? -3.681  15.120  -0.367  1.00 12.67  ? 53  PHE A CA  1 
ATOM   397  C  C   . PHE A 1 53 ? -4.163  15.517  0.986   1.00 14.84  ? 53  PHE A C   1 
ATOM   398  O  O   . PHE A 1 53 ? -5.237  16.106  1.122   1.00 17.58  ? 53  PHE A O   1 
ATOM   399  C  CB  . PHE A 1 53 ? -2.825  16.290  -0.920  1.00 9.86   ? 53  PHE A CB  1 
ATOM   400  C  CG  . PHE A 1 53 ? -1.866  15.899  -1.990  1.00 12.07  ? 53  PHE A CG  1 
ATOM   401  C  CD1 . PHE A 1 53 ? -2.309  15.556  -3.271  1.00 13.16  ? 53  PHE A CD1 1 
ATOM   402  C  CD2 . PHE A 1 53 ? -0.504  15.867  -1.720  1.00 13.21  ? 53  PHE A CD2 1 
ATOM   403  C  CE1 . PHE A 1 53 ? -1.393  15.190  -4.260  1.00 17.03  ? 53  PHE A CE1 1 
ATOM   404  C  CE2 . PHE A 1 53 ? 0.417   15.505  -2.707  1.00 15.55  ? 53  PHE A CE2 1 
ATOM   405  C  CZ  . PHE A 1 53 ? -0.030  15.170  -3.975  1.00 15.88  ? 53  PHE A CZ  1 
ATOM   406  N  N   . ILE A 1 54 ? -3.345  15.237  1.999   1.00 13.41  ? 54  ILE A N   1 
ATOM   407  C  CA  . ILE A 1 54 ? -3.632  15.617  3.378   1.00 12.75  ? 54  ILE A CA  1 
ATOM   408  C  C   . ILE A 1 54 ? -2.363  16.290  3.956   1.00 14.47  ? 54  ILE A C   1 
ATOM   409  O  O   . ILE A 1 54 ? -1.243  16.031  3.491   1.00 12.13  ? 54  ILE A O   1 
ATOM   410  C  CB  . ILE A 1 54 ? -4.034  14.386  4.298   1.00 14.61  ? 54  ILE A CB  1 
ATOM   411  C  CG1 . ILE A 1 54 ? -2.970  13.261  4.271   1.00 12.68  ? 54  ILE A CG1 1 
ATOM   412  C  CG2 . ILE A 1 54 ? -5.440  13.902  3.937   1.00 14.70  ? 54  ILE A CG2 1 
ATOM   413  C  CD1 . ILE A 1 54 ? -3.013  12.348  5.466   1.00 13.95  ? 54  ILE A CD1 1 
ATOM   414  N  N   . LYS A 1 55 ? -2.559  17.170  4.932   1.00 12.52  ? 55  LYS A N   1 
ATOM   415  C  CA  . LYS A 1 55 ? -1.461  17.879  5.583   1.00 16.34  ? 55  LYS A CA  1 
ATOM   416  C  C   . LYS A 1 55 ? -1.030  17.048  6.782   1.00 15.23  ? 55  LYS A C   1 
ATOM   417  O  O   . LYS A 1 55 ? -1.869  16.587  7.568   1.00 16.63  ? 55  LYS A O   1 
ATOM   418  C  CB  . LYS A 1 55 ? -1.940  19.297  6.046   1.00 18.23  ? 55  LYS A CB  1 
ATOM   419  C  CG  . LYS A 1 55 ? -0.866  20.415  5.988   1.00 26.87  ? 55  LYS A CG  1 
ATOM   420  C  CD  . LYS A 1 55 ? 0.210   20.278  7.081   1.00 35.40  ? 55  LYS A CD  1 
ATOM   421  C  CE  . LYS A 1 55 ? -0.337  20.603  8.502   1.00 42.52  ? 55  LYS A CE  1 
ATOM   422  N  NZ  . LYS A 1 55 ? 0.597   20.149  9.589   1.00 40.25  ? 55  LYS A NZ  1 
ATOM   423  N  N   . VAL A 1 56 ? 0.274   16.823  6.895   1.00 15.26  ? 56  VAL A N   1 
ATOM   424  C  CA  . VAL A 1 56 ? 0.849   16.046  7.995   1.00 15.15  ? 56  VAL A CA  1 
ATOM   425  C  C   . VAL A 1 56 ? 2.057   16.783  8.664   1.00 13.02  ? 56  VAL A C   1 
ATOM   426  O  O   . VAL A 1 56 ? 2.558   17.773  8.126   1.00 16.93  ? 56  VAL A O   1 
ATOM   427  C  CB  . VAL A 1 56 ? 1.334   14.624  7.502   1.00 10.71  ? 56  VAL A CB  1 
ATOM   428  C  CG1 . VAL A 1 56 ? 0.151   13.773  7.078   1.00 10.35  ? 56  VAL A CG1 1 
ATOM   429  C  CG2 . VAL A 1 56 ? 2.316   14.766  6.352   1.00 12.39  ? 56  VAL A CG2 1 
ATOM   430  N  N   . ARG A 1 57 ? 2.460   16.313  9.842   1.00 14.56  ? 57  ARG A N   1 
ATOM   431  C  CA  . ARG A 1 57 ? 3.601   16.878  10.563  1.00 15.83  ? 57  ARG A CA  1 
ATOM   432  C  C   . ARG A 1 57 ? 4.700   15.845  10.470  1.00 14.06  ? 57  ARG A C   1 
ATOM   433  O  O   . ARG A 1 57 ? 4.509   14.691  10.850  1.00 16.31  ? 57  ARG A O   1 
ATOM   434  C  CB  . ARG A 1 57 ? 3.245   17.144  12.028  1.00 14.81  ? 57  ARG A CB  1 
ATOM   435  C  CG  . ARG A 1 57 ? 1.935   17.888  12.217  1.00 25.12  ? 57  ARG A CG  1 
ATOM   436  C  CD  . ARG A 1 57 ? 1.833   18.568  13.598  1.00 29.95  ? 57  ARG A CD  1 
ATOM   437  N  NE  . ARG A 1 57 ? 2.101   17.678  14.729  1.00 35.22  ? 57  ARG A NE  1 
ATOM   438  C  CZ  . ARG A 1 57 ? 1.280   16.723  15.160  1.00 38.23  ? 57  ARG A CZ  1 
ATOM   439  N  NH1 . ARG A 1 57 ? 0.128   16.491  14.542  1.00 40.69  ? 57  ARG A NH1 1 
ATOM   440  N  NH2 . ARG A 1 57 ? 1.619   15.982  16.205  1.00 40.59  ? 57  ARG A NH2 1 
ATOM   441  N  N   . GLN A 1 58 ? 5.834   16.240  9.911   1.00 16.64  ? 58  GLN A N   1 
ATOM   442  C  CA  . GLN A 1 58 ? 6.979   15.356  9.732   1.00 15.76  ? 58  GLN A CA  1 
ATOM   443  C  C   . GLN A 1 58 ? 7.966   15.376  10.940  1.00 17.35  ? 58  GLN A C   1 
ATOM   444  O  O   . GLN A 1 58 ? 8.567   16.412  11.242  1.00 16.85  ? 58  GLN A O   1 
ATOM   445  C  CB  . GLN A 1 58 ? 7.725   15.750  8.437   1.00 16.50  ? 58  GLN A CB  1 
ATOM   446  C  CG  . GLN A 1 58 ? 8.973   14.924  8.117   1.00 21.34  ? 58  GLN A CG  1 
ATOM   447  C  CD  . GLN A 1 58 ? 9.879   15.584  7.077   1.00 29.65  ? 58  GLN A CD  1 
ATOM   448  O  OE1 . GLN A 1 58 ? 9.417   16.307  6.192   1.00 31.67  ? 58  GLN A OE1 1 
ATOM   449  N  NE2 . GLN A 1 58 ? 11.179  15.342  7.190   1.00 31.27  ? 58  GLN A NE2 1 
ATOM   450  N  N   . TYR A 1 59 ? 8.077   14.237  11.621  1.00 16.42  ? 59  TYR A N   1 
ATOM   451  C  CA  . TYR A 1 59 ? 8.987   14.063  12.751  1.00 18.13  ? 59  TYR A CA  1 
ATOM   452  C  C   . TYR A 1 59 ? 10.090  13.147  12.268  1.00 19.93  ? 59  TYR A C   1 
ATOM   453  O  O   . TYR A 1 59 ? 9.830   12.057  11.769  1.00 19.64  ? 59  TYR A O   1 
ATOM   454  C  CB  . TYR A 1 59 ? 8.265   13.397  13.965  1.00 17.53  ? 59  TYR A CB  1 
ATOM   455  C  CG  . TYR A 1 59 ? 7.249   14.260  14.682  1.00 17.74  ? 59  TYR A CG  1 
ATOM   456  C  CD1 . TYR A 1 59 ? 7.644   15.141  15.676  1.00 17.25  ? 59  TYR A CD1 1 
ATOM   457  C  CD2 . TYR A 1 59 ? 5.895   14.177  14.380  1.00 16.65  ? 59  TYR A CD2 1 
ATOM   458  C  CE1 . TYR A 1 59 ? 6.717   15.924  16.355  1.00 20.28  ? 59  TYR A CE1 1 
ATOM   459  C  CE2 . TYR A 1 59 ? 4.954   14.955  15.059  1.00 17.59  ? 59  TYR A CE2 1 
ATOM   460  C  CZ  . TYR A 1 59 ? 5.378   15.825  16.044  1.00 20.07  ? 59  TYR A CZ  1 
ATOM   461  O  OH  . TYR A 1 59 ? 4.462   16.595  16.723  1.00 26.54  ? 59  TYR A OH  1 
ATOM   462  N  N   . ASP A 1 60 ? 11.333  13.584  12.383  1.00 22.11  ? 60  ASP A N   1 
ATOM   463  C  CA  . ASP A 1 60 ? 12.446  12.753  11.940  1.00 25.02  ? 60  ASP A CA  1 
ATOM   464  C  C   . ASP A 1 60 ? 13.043  11.925  13.057  1.00 27.22  ? 60  ASP A C   1 
ATOM   465  O  O   . ASP A 1 60 ? 12.883  12.241  14.242  1.00 27.88  ? 60  ASP A O   1 
ATOM   466  C  CB  . ASP A 1 60 ? 13.541  13.614  11.282  1.00 26.66  ? 60  ASP A CB  1 
ATOM   467  C  CG  . ASP A 1 60 ? 13.080  14.252  9.985   1.00 28.82  ? 60  ASP A CG  1 
ATOM   468  O  OD1 . ASP A 1 60 ? 12.578  13.526  9.106   1.00 30.83  ? 60  ASP A OD1 1 
ATOM   469  O  OD2 . ASP A 1 60 ? 13.226  15.480  9.842   1.00 32.33  ? 60  ASP A OD2 1 
ATOM   470  N  N   . GLN A 1 61 ? 13.691  10.832  12.660  1.00 30.67  ? 61  GLN A N   1 
ATOM   471  C  CA  . GLN A 1 61 ? 14.376  9.907   13.561  1.00 31.57  ? 61  GLN A CA  1 
ATOM   472  C  C   . GLN A 1 61 ? 13.624  9.491   14.799  1.00 28.14  ? 61  GLN A C   1 
ATOM   473  O  O   . GLN A 1 61 ? 14.060  9.730   15.926  1.00 29.68  ? 61  GLN A O   1 
ATOM   474  C  CB  . GLN A 1 61 ? 15.810  10.457  13.905  1.00 39.49  ? 61  GLN A CB  1 
ATOM   475  C  CG  . GLN A 1 61 ? 16.737  10.516  12.647  1.00 50.73  ? 61  GLN A CG  1 
ATOM   476  C  CD  . GLN A 1 61 ? 18.010  11.325  12.849  1.00 57.30  ? 61  GLN A CD  1 
ATOM   477  O  OE1 . GLN A 1 61 ? 18.157  12.053  13.836  1.00 61.12  ? 61  GLN A OE1 1 
ATOM   478  N  NE2 . GLN A 1 61 ? 18.929  11.214  11.894  1.00 59.45  ? 61  GLN A NE2 1 
ATOM   479  N  N   . ILE A 1 62 ? 12.485  8.842   14.576  1.00 24.98  ? 62  ILE A N   1 
ATOM   480  C  CA  . ILE A 1 62 ? 11.623  8.333   15.639  1.00 21.94  ? 62  ILE A CA  1 
ATOM   481  C  C   . ILE A 1 62 ? 11.841  6.853   15.699  1.00 19.56  ? 62  ILE A C   1 
ATOM   482  O  O   . ILE A 1 62 ? 12.046  6.213   14.661  1.00 20.48  ? 62  ILE A O   1 
ATOM   483  C  CB  . ILE A 1 62 ? 10.076  8.631   15.326  1.00 21.75  ? 62  ILE A CB  1 
ATOM   484  C  CG1 . ILE A 1 62 ? 9.834   10.164  15.156  1.00 20.52  ? 62  ILE A CG1 1 
ATOM   485  C  CG2 . ILE A 1 62 ? 9.175   8.049   16.422  1.00 21.06  ? 62  ILE A CG2 1 
ATOM   486  C  CD1 . ILE A 1 62 ? 10.019  10.978  16.426  1.00 21.08  ? 62  ILE A CD1 1 
ATOM   487  N  N   . LEU A 1 63 ? 11.854  6.307   16.908  1.00 19.35  ? 63  LEU A N   1 
ATOM   488  C  CA  . LEU A 1 63 ? 12.031  4.878   17.096  1.00 24.22  ? 63  LEU A CA  1 
ATOM   489  C  C   . LEU A 1 63 ? 10.669  4.169   17.204  1.00 25.18  ? 63  LEU A C   1 
ATOM   490  O  O   . LEU A 1 63 ? 9.799   4.610   17.956  1.00 25.59  ? 63  LEU A O   1 
ATOM   491  C  CB  . LEU A 1 63 ? 12.899  4.608   18.381  1.00 28.97  ? 63  LEU A CB  1 
ATOM   492  C  CG  . LEU A 1 63 ? 13.244  3.215   19.093  1.00 33.34  ? 63  LEU A CG  1 
ATOM   493  C  CD1 . LEU A 1 63 ? 12.199  2.822   20.135  1.00 35.80  ? 63  LEU A CD1 1 
ATOM   494  C  CD2 . LEU A 1 63 ? 13.462  2.101   18.072  1.00 30.62  ? 63  LEU A CD2 1 
ATOM   495  N  N   . ILE A 1 64 ? 10.486  3.112   16.419  1.00 24.15  ? 64  ILE A N   1 
ATOM   496  C  CA  . ILE A 1 64 ? 9.260   2.317   16.441  1.00 24.78  ? 64  ILE A CA  1 
ATOM   497  C  C   . ILE A 1 64 ? 9.664   0.892   16.559  1.00 25.02  ? 64  ILE A C   1 
ATOM   498  O  O   . ILE A 1 64 ? 10.691  0.478   16.020  1.00 25.18  ? 64  ILE A O   1 
ATOM   499  C  CB  . ILE A 1 64 ? 8.382   2.461   15.120  1.00 24.93  ? 64  ILE A CB  1 
ATOM   500  C  CG1 . ILE A 1 64 ? 7.870   3.865   14.849  1.00 26.94  ? 64  ILE A CG1 1 
ATOM   501  C  CG2 . ILE A 1 64 ? 7.088   1.639   15.256  1.00 23.50  ? 64  ILE A CG2 1 
ATOM   502  C  CD1 . ILE A 1 64 ? 6.885   3.946   13.678  1.00 31.04  ? 64  ILE A CD1 1 
ATOM   503  N  N   . GLU A 1 65 ? 8.879   0.121   17.296  1.00 24.84  ? 65  GLU A N   1 
ATOM   504  C  CA  . GLU A 1 65 ? 9.159   -1.288  17.444  1.00 29.23  ? 65  GLU A CA  1 
ATOM   505  C  C   . GLU A 1 65 ? 8.067   -2.006  16.667  1.00 26.83  ? 65  GLU A C   1 
ATOM   506  O  O   . GLU A 1 65 ? 6.892   -1.905  17.019  1.00 27.40  ? 65  GLU A O   1 
ATOM   507  C  CB  . GLU A 1 65 ? 9.115   -1.677  18.912  1.00 31.55  ? 65  GLU A CB  1 
ATOM   508  C  CG  . GLU A 1 65 ? 9.971   -2.885  19.244  1.00 43.29  ? 65  GLU A CG  1 
ATOM   509  C  CD  . GLU A 1 65 ? 9.798   -3.347  20.671  1.00 48.71  ? 65  GLU A CD  1 
ATOM   510  O  OE1 . GLU A 1 65 ? 10.195  -2.603  21.593  1.00 51.33  ? 65  GLU A OE1 1 
ATOM   511  O  OE2 . GLU A 1 65 ? 9.257   -4.459  20.865  1.00 55.24  ? 65  GLU A OE2 1 
ATOM   512  N  N   . ILE A 1 66 ? 8.439   -2.641  15.559  1.00 26.96  ? 66  ILE A N   1 
ATOM   513  C  CA  . ILE A 1 66 ? 7.490   -3.377  14.716  1.00 27.84  ? 66  ILE A CA  1 
ATOM   514  C  C   . ILE A 1 66 ? 7.717   -4.890  14.938  1.00 30.34  ? 66  ILE A C   1 
ATOM   515  O  O   . ILE A 1 66 ? 8.694   -5.469  14.451  1.00 26.56  ? 66  ILE A O   1 
ATOM   516  C  CB  . ILE A 1 66 ? 7.686   -3.026  13.200  1.00 26.46  ? 66  ILE A CB  1 
ATOM   517  C  CG1 . ILE A 1 66 ? 7.739   -1.499  13.047  1.00 24.62  ? 66  ILE A CG1 1 
ATOM   518  C  CG2 . ILE A 1 66 ? 6.533   -3.583  12.358  1.00 28.60  ? 66  ILE A CG2 1 
ATOM   519  C  CD1 . ILE A 1 66 ? 8.409   -1.025  11.781  1.00 24.25  ? 66  ILE A CD1 1 
ATOM   520  N  N   . CYS A 1 67 ? 6.824   -5.513  15.704  1.00 36.25  ? 67  CYS A N   1 
ATOM   521  C  CA  . CYS A 1 67 ? 6.926   -6.938  16.018  1.00 42.18  ? 67  CYS A CA  1 
ATOM   522  C  C   . CYS A 1 67 ? 8.276   -7.299  16.686  1.00 42.49  ? 67  CYS A C   1 
ATOM   523  O  O   . CYS A 1 67 ? 8.984   -8.208  16.236  1.00 44.24  ? 67  CYS A O   1 
ATOM   524  C  CB  . CYS A 1 67 ? 6.715   -7.809  14.746  1.00 44.48  ? 67  CYS A CB  1 
ATOM   525  S  SG  . CYS A 1 67 ? 5.041   -7.792  14.071  1.00 53.80  ? 67  CYS A SG  1 
ATOM   526  N  N   . GLY A 1 68 ? 8.650   -6.537  17.710  1.00 40.97  ? 68  GLY A N   1 
ATOM   527  C  CA  . GLY A 1 68 ? 9.882   -6.804  18.432  1.00 38.14  ? 68  GLY A CA  1 
ATOM   528  C  C   . GLY A 1 68 ? 11.125  -6.221  17.794  1.00 36.49  ? 68  GLY A C   1 
ATOM   529  O  O   . GLY A 1 68 ? 12.117  -5.978  18.478  1.00 38.08  ? 68  GLY A O   1 
ATOM   530  N  N   . HIS A 1 69 ? 11.070  -5.993  16.485  1.00 33.84  ? 69  HIS A N   1 
ATOM   531  C  CA  . HIS A 1 69 ? 12.194  -5.435  15.743  1.00 31.53  ? 69  HIS A CA  1 
ATOM   532  C  C   . HIS A 1 69 ? 12.207  -3.933  15.885  1.00 32.05  ? 69  HIS A C   1 
ATOM   533  O  O   . HIS A 1 69 ? 11.190  -3.283  15.635  1.00 29.93  ? 69  HIS A O   1 
ATOM   534  C  CB  . HIS A 1 69 ? 12.066  -5.746  14.235  1.00 34.12  ? 69  HIS A CB  1 
ATOM   535  C  CG  . HIS A 1 69 ? 12.124  -7.204  13.889  1.00 36.17  ? 69  HIS A CG  1 
ATOM   536  N  ND1 . HIS A 1 69 ? 11.115  -8.089  14.200  1.00 37.51  ? 69  HIS A ND1 1 
ATOM   537  C  CD2 . HIS A 1 69 ? 13.050  -7.911  13.199  1.00 36.59  ? 69  HIS A CD2 1 
ATOM   538  C  CE1 . HIS A 1 69 ? 11.416  -9.282  13.715  1.00 38.50  ? 69  HIS A CE1 1 
ATOM   539  N  NE2 . HIS A 1 69 ? 12.582  -9.199  13.105  1.00 38.94  ? 69  HIS A NE2 1 
ATOM   540  N  N   . LYS A 1 70 ? 13.339  -3.370  16.291  1.00 31.41  ? 70  LYS A N   1 
ATOM   541  C  CA  . LYS A 1 70 ? 13.454  -1.923  16.419  1.00 30.29  ? 70  LYS A CA  1 
ATOM   542  C  C   . LYS A 1 70 ? 13.787  -1.302  15.056  1.00 28.76  ? 70  LYS A C   1 
ATOM   543  O  O   . LYS A 1 70 ? 14.479  -1.915  14.236  1.00 29.64  ? 70  LYS A O   1 
ATOM   544  C  CB  . LYS A 1 70 ? 14.527  -1.558  17.418  1.00 34.22  ? 70  LYS A CB  1 
ATOM   545  C  CG  . LYS A 1 70 ? 14.118  -1.721  18.860  1.00 42.15  ? 70  LYS A CG  1 
ATOM   546  C  CD  . LYS A 1 70 ? 15.158  -1.077  19.797  1.00 49.52  ? 70  LYS A CD  1 
ATOM   547  C  CE  . LYS A 1 70 ? 15.906  -2.130  20.650  1.00 55.57  ? 70  LYS A CE  1 
ATOM   548  N  NZ  . LYS A 1 70 ? 15.004  -2.836  21.611  1.00 58.96  ? 70  LYS A NZ  1 
ATOM   549  N  N   . ALA A 1 71 ? 13.280  -0.096  14.820  1.00 26.19  ? 71  ALA A N   1 
ATOM   550  C  CA  . ALA A 1 71 ? 13.521  0.629   13.577  1.00 23.83  ? 71  ALA A CA  1 
ATOM   551  C  C   . ALA A 1 71 ? 13.493  2.106   13.855  1.00 23.31  ? 71  ALA A C   1 
ATOM   552  O  O   . ALA A 1 71 ? 12.746  2.558   14.719  1.00 24.49  ? 71  ALA A O   1 
ATOM   553  C  CB  . ALA A 1 71 ? 12.463  0.267   12.540  1.00 24.13  ? 71  ALA A CB  1 
ATOM   554  N  N   . ILE A 1 72 ? 14.338  2.856   13.154  1.00 21.75  ? 72  ILE A N   1 
ATOM   555  C  CA  . ILE A 1 72 ? 14.419  4.309   13.314  1.00 19.68  ? 72  ILE A CA  1 
ATOM   556  C  C   . ILE A 1 72 ? 14.085  4.930   11.985  1.00 15.65  ? 72  ILE A C   1 
ATOM   557  O  O   . ILE A 1 72 ? 14.502  4.421   10.943  1.00 14.45  ? 72  ILE A O   1 
ATOM   558  C  CB  . ILE A 1 72 ? 15.892  4.796   13.673  1.00 22.15  ? 72  ILE A CB  1 
ATOM   559  C  CG1 . ILE A 1 72 ? 16.666  3.819   14.597  1.00 27.19  ? 72  ILE A CG1 1 
ATOM   560  C  CG2 . ILE A 1 72 ? 15.843  6.214   14.238  1.00 22.51  ? 72  ILE A CG2 1 
ATOM   561  C  CD1 . ILE A 1 72 ? 16.040  3.611   15.961  1.00 28.07  ? 72  ILE A CD1 1 
ATOM   562  N  N   . GLY A 1 73 ? 13.353  6.039   12.001  1.00 13.58  ? 73  GLY A N   1 
ATOM   563  C  CA  . GLY A 1 73 ? 13.026  6.695   10.755  1.00 11.27  ? 73  GLY A CA  1 
ATOM   564  C  C   . GLY A 1 73 ? 12.088  7.867   10.882  1.00 11.69  ? 73  GLY A C   1 
ATOM   565  O  O   . GLY A 1 73 ? 11.703  8.256   11.981  1.00 12.99  ? 73  GLY A O   1 
ATOM   566  N  N   . THR A 1 74 ? 11.752  8.455   9.740   1.00 13.60  ? 74  THR A N   1 
ATOM   567  C  CA  . THR A 1 74 ? 10.836  9.587   9.680   1.00 15.33  ? 74  THR A CA  1 
ATOM   568  C  C   . THR A 1 74 ? 9.398   9.053   9.809   1.00 15.18  ? 74  THR A C   1 
ATOM   569  O  O   . THR A 1 74 ? 9.042   8.036   9.202   1.00 16.13  ? 74  THR A O   1 
ATOM   570  C  CB  . THR A 1 74 ? 10.992  10.337  8.335   1.00 18.05  ? 74  THR A CB  1 
ATOM   571  O  OG1 . THR A 1 74 ? 12.320  10.857  8.238   1.00 23.20  ? 74  THR A OG1 1 
ATOM   572  C  CG2 . THR A 1 74 ? 9.980   11.483  8.208   1.00 17.16  ? 74  THR A CG2 1 
ATOM   573  N  N   . VAL A 1 75 ? 8.600   9.728   10.628  1.00 14.11  ? 75  VAL A N   1 
ATOM   574  C  CA  . VAL A 1 75 ? 7.211   9.360   10.851  1.00 14.76  ? 75  VAL A CA  1 
ATOM   575  C  C   . VAL A 1 75 ? 6.356   10.587  10.601  1.00 14.00  ? 75  VAL A C   1 
ATOM   576  O  O   . VAL A 1 75 ? 6.690   11.673  11.059  1.00 14.94  ? 75  VAL A O   1 
ATOM   577  C  CB  . VAL A 1 75 ? 7.010   8.841   12.308  1.00 15.29  ? 75  VAL A CB  1 
ATOM   578  C  CG1 . VAL A 1 75 ? 5.532   8.761   12.655  1.00 19.55  ? 75  VAL A CG1 1 
ATOM   579  C  CG2 . VAL A 1 75 ? 7.656   7.476   12.464  1.00 15.34  ? 75  VAL A CG2 1 
ATOM   580  N  N   . LEU A 1 76 ? 5.298   10.429  9.812   1.00 14.26  ? 76  LEU A N   1 
ATOM   581  C  CA  . LEU A 1 76 ? 4.377   11.529  9.511   1.00 12.79  ? 76  LEU A CA  1 
ATOM   582  C  C   . LEU A 1 76 ? 3.116   11.314  10.329  1.00 12.55  ? 76  LEU A C   1 
ATOM   583  O  O   . LEU A 1 76 ? 2.587   10.204  10.385  1.00 11.20  ? 76  LEU A O   1 
ATOM   584  C  CB  . LEU A 1 76 ? 4.026   11.550  8.019   1.00 11.30  ? 76  LEU A CB  1 
ATOM   585  C  CG  . LEU A 1 76 ? 5.204   11.546  7.043   1.00 8.82   ? 76  LEU A CG  1 
ATOM   586  C  CD1 . LEU A 1 76 ? 4.643   11.427  5.625   1.00 11.38  ? 76  LEU A CD1 1 
ATOM   587  C  CD2 . LEU A 1 76 ? 6.064   12.787  7.187   1.00 7.42   ? 76  LEU A CD2 1 
ATOM   588  N  N   . VAL A 1 77 ? 2.652   12.379  10.980  1.00 14.14  ? 77  VAL A N   1 
ATOM   589  C  CA  . VAL A 1 77 ? 1.461   12.340  11.830  1.00 15.09  ? 77  VAL A CA  1 
ATOM   590  C  C   . VAL A 1 77 ? 0.379   13.259  11.263  1.00 16.00  ? 77  VAL A C   1 
ATOM   591  O  O   . VAL A 1 77 ? 0.625   14.439  11.014  1.00 13.58  ? 77  VAL A O   1 
ATOM   592  C  CB  . VAL A 1 77 ? 1.811   12.760  13.309  1.00 14.81  ? 77  VAL A CB  1 
ATOM   593  C  CG1 . VAL A 1 77 ? 0.552   12.890  14.153  1.00 10.36  ? 77  VAL A CG1 1 
ATOM   594  C  CG2 . VAL A 1 77 ? 2.753   11.745  13.918  1.00 15.85  ? 77  VAL A CG2 1 
ATOM   595  N  N   . GLY A 1 78 ? -0.808  12.693  11.047  1.00 19.42  ? 78  GLY A N   1 
ATOM   596  C  CA  . GLY A 1 78 ? -1.917  13.450  10.503  1.00 18.59  ? 78  GLY A CA  1 
ATOM   597  C  C   . GLY A 1 78 ? -3.230  12.685  10.444  1.00 17.94  ? 78  GLY A C   1 
ATOM   598  O  O   . GLY A 1 78 ? -3.345  11.575  10.981  1.00 15.51  ? 78  GLY A O   1 
ATOM   599  N  N   . PRO A 1 79 ? -4.244  13.247  9.770   1.00 16.17  ? 79  PRO A N   1 
ATOM   600  C  CA  . PRO A 1 79 ? -5.573  12.633  9.636   1.00 17.65  ? 79  PRO A CA  1 
ATOM   601  C  C   . PRO A 1 79 ? -5.680  11.463  8.667   1.00 18.18  ? 79  PRO A C   1 
ATOM   602  O  O   . PRO A 1 79 ? -6.437  11.519  7.697   1.00 22.01  ? 79  PRO A O   1 
ATOM   603  C  CB  . PRO A 1 79 ? -6.446  13.808  9.211   1.00 18.72  ? 79  PRO A CB  1 
ATOM   604  C  CG  . PRO A 1 79 ? -5.531  14.596  8.342   1.00 18.67  ? 79  PRO A CG  1 
ATOM   605  C  CD  . PRO A 1 79 ? -4.223  14.581  9.139   1.00 16.41  ? 79  PRO A CD  1 
ATOM   606  N  N   . THR A 1 80 ? -4.918  10.409  8.918   1.00 15.65  ? 80  THR A N   1 
ATOM   607  C  CA  . THR A 1 80 ? -4.973  9.231   8.073   1.00 17.31  ? 80  THR A CA  1 
ATOM   608  C  C   . THR A 1 80 ? -6.040  8.299   8.675   1.00 17.73  ? 80  THR A C   1 
ATOM   609  O  O   . THR A 1 80 ? -6.238  8.276   9.890   1.00 20.20  ? 80  THR A O   1 
ATOM   610  C  CB  . THR A 1 80 ? -3.589  8.476   8.030   1.00 16.31  ? 80  THR A CB  1 
ATOM   611  O  OG1 . THR A 1 80 ? -3.711  7.297   7.210   1.00 13.76  ? 80  THR A OG1 1 
ATOM   612  C  CG2 . THR A 1 80 ? -3.143  8.077   9.438   1.00 11.66  ? 80  THR A CG2 1 
ATOM   613  N  N   . PRO A 1 81 ? -6.786  7.576   7.826   1.00 19.48  ? 81  PRO A N   1 
ATOM   614  C  CA  . PRO A 1 81 ? -7.817  6.668   8.340   1.00 19.62  ? 81  PRO A CA  1 
ATOM   615  C  C   . PRO A 1 81 ? -7.271  5.389   9.044   1.00 19.20  ? 81  PRO A C   1 
ATOM   616  O  O   . PRO A 1 81 ? -7.978  4.752   9.824   1.00 20.43  ? 81  PRO A O   1 
ATOM   617  C  CB  . PRO A 1 81 ? -8.634  6.324   7.075   1.00 18.27  ? 81  PRO A CB  1 
ATOM   618  C  CG  . PRO A 1 81 ? -7.642  6.456   5.970   1.00 19.86  ? 81  PRO A CG  1 
ATOM   619  C  CD  . PRO A 1 81 ? -6.871  7.704   6.358   1.00 19.45  ? 81  PRO A CD  1 
ATOM   620  N  N   . VAL A 1 82 ? -6.012  5.050   8.771   1.00 16.96  ? 82  VAL A N   1 
ATOM   621  C  CA  . VAL A 1 82 ? -5.382  3.867   9.345   1.00 14.61  ? 82  VAL A CA  1 
ATOM   622  C  C   . VAL A 1 82 ? -3.886  4.161   9.522   1.00 16.17  ? 82  VAL A C   1 
ATOM   623  O  O   . VAL A 1 82 ? -3.342  5.016   8.818   1.00 14.44  ? 82  VAL A O   1 
ATOM   624  C  CB  . VAL A 1 82 ? -5.597  2.601   8.383   1.00 18.40  ? 82  VAL A CB  1 
ATOM   625  C  CG1 . VAL A 1 82 ? -5.098  2.900   6.993   1.00 17.68  ? 82  VAL A CG1 1 
ATOM   626  C  CG2 . VAL A 1 82 ? -4.908  1.370   8.933   1.00 20.30  ? 82  VAL A CG2 1 
ATOM   627  N  N   . ASN A 1 83 ? -3.247  3.516   10.498  1.00 12.20  ? 83  ASN A N   1 
ATOM   628  C  CA  . ASN A 1 83 ? -1.810  3.695   10.721  1.00 12.88  ? 83  ASN A CA  1 
ATOM   629  C  C   . ASN A 1 83 ? -1.124  2.889   9.677   1.00 11.31  ? 83  ASN A C   1 
ATOM   630  O  O   . ASN A 1 83 ? -1.447  1.718   9.487   1.00 13.10  ? 83  ASN A O   1 
ATOM   631  C  CB  . ASN A 1 83 ? -1.403  3.188   12.104  1.00 13.50  ? 83  ASN A CB  1 
ATOM   632  C  CG  . ASN A 1 83 ? -1.925  4.053   13.219  1.00 13.85  ? 83  ASN A CG  1 
ATOM   633  O  OD1 . ASN A 1 83 ? -1.835  5.273   13.159  1.00 18.58  ? 83  ASN A OD1 1 
ATOM   634  N  ND2 . ASN A 1 83 ? -2.476  3.431   14.250  1.00 15.18  ? 83  ASN A ND2 1 
ATOM   635  N  N   . ILE A 1 84 ? -0.194  3.493   8.953   1.00 12.09  ? 84  ILE A N   1 
ATOM   636  C  CA  . ILE A 1 84 ? 0.495   2.755   7.909   1.00 13.49  ? 84  ILE A CA  1 
ATOM   637  C  C   . ILE A 1 84 ? 2.006   2.783   8.059   1.00 11.09  ? 84  ILE A C   1 
ATOM   638  O  O   . ILE A 1 84 ? 2.604   3.829   8.338   1.00 12.40  ? 84  ILE A O   1 
ATOM   639  C  CB  . ILE A 1 84 ? 0.044   3.230   6.379   1.00 18.12  ? 84  ILE A CB  1 
ATOM   640  C  CG1 . ILE A 1 84 ? 0.493   4.518   5.868   1.00 24.06  ? 84  ILE A CG1 1 
ATOM   641  C  CG2 . ILE A 1 84 ? -1.444  3.511   6.286   1.00 11.02  ? 84  ILE A CG2 1 
ATOM   642  C  CD1 . ILE A 1 84 ? 1.817   4.450   5.208   1.00 26.96  ? 84  ILE A CD1 1 
ATOM   643  N  N   . ILE A 1 85 ? 2.617   1.619   7.882   1.00 11.81  ? 85  ILE A N   1 
ATOM   644  C  CA  . ILE A 1 85 ? 4.062   1.475   7.959   1.00 12.24  ? 85  ILE A CA  1 
ATOM   645  C  C   . ILE A 1 85 ? 4.534   1.329   6.553   1.00 6.51   ? 85  ILE A C   1 
ATOM   646  O  O   . ILE A 1 85 ? 4.221   0.341   5.879   1.00 8.48   ? 85  ILE A O   1 
ATOM   647  C  CB  . ILE A 1 85 ? 4.493   0.212   8.800   1.00 14.28  ? 85  ILE A CB  1 
ATOM   648  C  CG1 . ILE A 1 85 ? 3.902   0.274   10.255  1.00 13.65  ? 85  ILE A CG1 1 
ATOM   649  C  CG2 . ILE A 1 85 ? 6.023   0.083   8.802   1.00 12.66  ? 85  ILE A CG2 1 
ATOM   650  C  CD1 . ILE A 1 85 ? 4.331   1.494   11.071  1.00 15.20  ? 85  ILE A CD1 1 
ATOM   651  N  N   . GLY A 1 86 ? 5.239   2.344   6.081   1.00 5.89   ? 86  GLY A N   1 
ATOM   652  C  CA  . GLY A 1 86 ? 5.743   2.338   4.726   1.00 8.91   ? 86  GLY A CA  1 
ATOM   653  C  C   . GLY A 1 86 ? 7.133   1.759   4.537   1.00 9.45   ? 86  GLY A C   1 
ATOM   654  O  O   . GLY A 1 86 ? 7.789   1.330   5.493   1.00 9.61   ? 86  GLY A O   1 
ATOM   655  N  N   . ARG A 1 87 ? 7.594   1.825   3.291   1.00 11.76  ? 87  ARG A N   1 
ATOM   656  C  CA  . ARG A 1 87 ? 8.894   1.312   2.872   1.00 10.27  ? 87  ARG A CA  1 
ATOM   657  C  C   . ARG A 1 87 ? 10.077  1.829   3.644   1.00 11.64  ? 87  ARG A C   1 
ATOM   658  O  O   . ARG A 1 87 ? 11.036  1.086   3.887   1.00 12.77  ? 87  ARG A O   1 
ATOM   659  C  CB  . ARG A 1 87 ? 9.114   1.571   1.396   1.00 6.47   ? 87  ARG A CB  1 
ATOM   660  C  CG  . ARG A 1 87 ? 8.207   0.772   0.481   1.00 10.14  ? 87  ARG A CG  1 
ATOM   661  C  CD  . ARG A 1 87 ? 8.667   0.835   -0.976  1.00 4.14   ? 87  ARG A CD  1 
ATOM   662  N  NE  . ARG A 1 87 ? 8.710   2.201   -1.496  1.00 8.70   ? 87  ARG A NE  1 
ATOM   663  C  CZ  . ARG A 1 87 ? 9.827   2.891   -1.699  1.00 12.94  ? 87  ARG A CZ  1 
ATOM   664  N  NH1 . ARG A 1 87 ? 11.010  2.367   -1.399  1.00 10.88  ? 87  ARG A NH1 1 
ATOM   665  N  NH2 . ARG A 1 87 ? 9.759   4.128   -2.179  1.00 13.74  ? 87  ARG A NH2 1 
ATOM   666  N  N   . ASN A 1 88 ? 10.033  3.092   4.059   1.00 11.37  ? 88  ASN A N   1 
ATOM   667  C  CA  . ASN A 1 88 ? 11.145  3.668   4.807   1.00 11.05  ? 88  ASN A CA  1 
ATOM   668  C  C   . ASN A 1 88 ? 11.445  2.830   6.093   1.00 12.09  ? 88  ASN A C   1 
ATOM   669  O  O   . ASN A 1 88 ? 12.596  2.653   6.460   1.00 12.75  ? 88  ASN A O   1 
ATOM   670  C  CB  . ASN A 1 88 ? 10.888  5.186   5.147   1.00 9.39   ? 88  ASN A CB  1 
ATOM   671  C  CG  . ASN A 1 88 ? 9.849   5.385   6.232   1.00 13.07  ? 88  ASN A CG  1 
ATOM   672  O  OD1 . ASN A 1 88 ? 8.733   4.882   6.131   1.00 14.22  ? 88  ASN A OD1 1 
ATOM   673  N  ND2 . ASN A 1 88 ? 10.216  6.101   7.293   1.00 11.55  ? 88  ASN A ND2 1 
ATOM   674  N  N   . LEU A 1 89 ? 10.417  2.255   6.703   1.00 11.33  ? 89  LEU A N   1 
ATOM   675  C  CA  . LEU A 1 89 ? 10.608  1.446   7.899   1.00 11.63  ? 89  LEU A CA  1 
ATOM   676  C  C   . LEU A 1 89 ? 10.599  -0.040  7.634   1.00 12.49  ? 89  LEU A C   1 
ATOM   677  O  O   . LEU A 1 89 ? 11.233  -0.800  8.353   1.00 14.37  ? 89  LEU A O   1 
ATOM   678  C  CB  . LEU A 1 89 ? 9.557   1.786   8.962   1.00 13.95  ? 89  LEU A CB  1 
ATOM   679  C  CG  . LEU A 1 89 ? 9.679   3.180   9.588   1.00 15.02  ? 89  LEU A CG  1 
ATOM   680  C  CD1 . LEU A 1 89 ? 8.550   3.268   10.604  1.00 17.02  ? 89  LEU A CD1 1 
ATOM   681  C  CD2 . LEU A 1 89 ? 11.022  3.428   10.264  1.00 16.02  ? 89  LEU A CD2 1 
ATOM   682  N  N   . LEU A 1 90 ? 9.886   -0.475  6.600   1.00 11.08  ? 90  LEU A N   1 
ATOM   683  C  CA  . LEU A 1 90 ? 9.817   -1.898  6.266   1.00 11.83  ? 90  LEU A CA  1 
ATOM   684  C  C   . LEU A 1 90 ? 11.207  -2.477  5.890   1.00 11.68  ? 90  LEU A C   1 
ATOM   685  O  O   . LEU A 1 90 ? 11.522  -3.624  6.213   1.00 11.49  ? 90  LEU A O   1 
ATOM   686  C  CB  . LEU A 1 90 ? 8.808   -2.149  5.097   1.00 11.57  ? 90  LEU A CB  1 
ATOM   687  C  CG  . LEU A 1 90 ? 7.304   -2.053  5.432   1.00 11.63  ? 90  LEU A CG  1 
ATOM   688  C  CD1 . LEU A 1 90 ? 6.520   -2.130  4.123   1.00 11.80  ? 90  LEU A CD1 1 
ATOM   689  C  CD2 . LEU A 1 90 ? 6.876   -3.164  6.381   1.00 13.66  ? 90  LEU A CD2 1 
ATOM   690  N  N   . THR A 1 91 ? 12.020  -1.673  5.217   1.00 9.50   ? 91  THR A N   1 
ATOM   691  C  CA  . THR A 1 91 ? 13.362  -2.088  4.820   1.00 12.91  ? 91  THR A CA  1 
ATOM   692  C  C   . THR A 1 91 ? 14.247  -2.371  6.064   1.00 12.43  ? 91  THR A C   1 
ATOM   693  O  O   . THR A 1 91 ? 15.070  -3.289  6.062   1.00 12.53  ? 91  THR A O   1 
ATOM   694  C  CB  . THR A 1 91 ? 14.062  -0.994  4.036   1.00 10.85  ? 91  THR A CB  1 
ATOM   695  O  OG1 . THR A 1 91 ? 13.984  0.239   4.762   1.00 10.15  ? 91  THR A OG1 1 
ATOM   696  C  CG2 . THR A 1 91 ? 13.451  -0.814  2.663   1.00 14.27  ? 91  THR A CG2 1 
ATOM   697  N  N   . GLN A 1 92 ? 14.060  -1.557  7.101   1.00 10.58  ? 92  GLN A N   1 
ATOM   698  C  CA  . GLN A 1 92 ? 14.820  -1.653  8.338   1.00 10.37  ? 92  GLN A CA  1 
ATOM   699  C  C   . GLN A 1 92 ? 14.611  -2.925  9.108   1.00 13.17  ? 92  GLN A C   1 
ATOM   700  O  O   . GLN A 1 92 ? 15.492  -3.342  9.859   1.00 12.43  ? 92  GLN A O   1 
ATOM   701  C  CB  . GLN A 1 92 ? 14.538  -0.429  9.229   1.00 9.01   ? 92  GLN A CB  1 
ATOM   702  C  CG  . GLN A 1 92 ? 14.855  0.923   8.576   1.00 7.82   ? 92  GLN A CG  1 
ATOM   703  C  CD  . GLN A 1 92 ? 16.316  1.061   8.150   1.00 14.05  ? 92  GLN A CD  1 
ATOM   704  O  OE1 . GLN A 1 92 ? 17.210  1.206   8.986   1.00 14.44  ? 92  GLN A OE1 1 
ATOM   705  N  NE2 . GLN A 1 92 ? 16.562  1.033   6.849   1.00 10.80  ? 92  GLN A NE2 1 
ATOM   706  N  N   . ILE A 1 93 ? 13.437  -3.537  8.956   1.00 13.86  ? 93  ILE A N   1 
ATOM   707  C  CA  . ILE A 1 93 ? 13.136  -4.793  9.638   1.00 12.54  ? 93  ILE A CA  1 
ATOM   708  C  C   . ILE A 1 93 ? 13.347  -6.013  8.702   1.00 10.46  ? 93  ILE A C   1 
ATOM   709  O  O   . ILE A 1 93 ? 13.026  -7.142  9.051   1.00 15.70  ? 93  ILE A O   1 
ATOM   710  C  CB  . ILE A 1 93 ? 11.683  -4.799  10.254  1.00 11.28  ? 93  ILE A CB  1 
ATOM   711  C  CG1 . ILE A 1 93 ? 10.558  -4.771  9.188   1.00 15.23  ? 93  ILE A CG1 1 
ATOM   712  C  CG2 . ILE A 1 93 ? 11.520  -3.613  11.190  1.00 15.23  ? 93  ILE A CG2 1 
ATOM   713  C  CD1 . ILE A 1 93 ? 9.157   -5.001  9.770   1.00 16.12  ? 93  ILE A CD1 1 
ATOM   714  N  N   . GLY A 1 94 ? 13.878  -5.754  7.515   1.00 13.28  ? 94  GLY A N   1 
ATOM   715  C  CA  . GLY A 1 94 ? 14.152  -6.813  6.560   1.00 13.45  ? 94  GLY A CA  1 
ATOM   716  C  C   . GLY A 1 94 ? 12.936  -7.402  5.868   1.00 17.52  ? 94  GLY A C   1 
ATOM   717  O  O   . GLY A 1 94 ? 12.934  -8.581  5.491   1.00 16.54  ? 94  GLY A O   1 
ATOM   718  N  N   . CYS A 1 95 ? 11.916  -6.579  5.660   1.00 16.00  ? 95  CYS A N   1 
ATOM   719  C  CA  . CYS A 1 95 ? 10.694  -7.041  5.019   1.00 16.41  ? 95  CYS A CA  1 
ATOM   720  C  C   . CYS A 1 95 ? 10.805  -7.143  3.511   1.00 13.29  ? 95  CYS A C   1 
ATOM   721  O  O   . CYS A 1 95 ? 11.294  -6.226  2.850   1.00 16.53  ? 95  CYS A O   1 
ATOM   722  C  CB  . CYS A 1 95 ? 9.507   -6.127  5.419   1.00 19.04  ? 95  CYS A CB  1 
ATOM   723  S  SG  . CYS A 1 95 ? 7.898   -6.799  4.979   1.00 22.81  ? 95  CYS A SG  1 
ATOM   724  N  N   . THR A 1 96 ? 10.399  -8.288  2.973   1.00 13.68  ? 96  THR A N   1 
ATOM   725  C  CA  . THR A 1 96 ? 10.421  -8.513  1.534   1.00 15.87  ? 96  THR A CA  1 
ATOM   726  C  C   . THR A 1 96 ? 9.100   -9.083  1.044   1.00 15.50  ? 96  THR A C   1 
ATOM   727  O  O   . THR A 1 96 ? 8.330   -9.672  1.807   1.00 13.69  ? 96  THR A O   1 
ATOM   728  C  CB  . THR A 1 96 ? 11.580  -9.501  1.069   1.00 17.72  ? 96  THR A CB  1 
ATOM   729  O  OG1 . THR A 1 96 ? 11.435  -10.775 1.711   1.00 18.46  ? 96  THR A OG1 1 
ATOM   730  C  CG2 . THR A 1 96 ? 12.961  -8.919  1.345   1.00 16.31  ? 96  THR A CG2 1 
ATOM   731  N  N   . LEU A 1 97 ? 8.869   -8.916  -0.249  1.00 13.87  ? 97  LEU A N   1 
ATOM   732  C  CA  . LEU A 1 97 ? 7.681   -9.408  -0.915  1.00 16.88  ? 97  LEU A CA  1 
ATOM   733  C  C   . LEU A 1 97 ? 8.149   -10.665 -1.693  1.00 17.45  ? 97  LEU A C   1 
ATOM   734  O  O   . LEU A 1 97 ? 9.135   -10.611 -2.424  1.00 18.21  ? 97  LEU A O   1 
ATOM   735  C  CB  . LEU A 1 97 ? 7.180   -8.321  -1.872  1.00 20.93  ? 97  LEU A CB  1 
ATOM   736  C  CG  . LEU A 1 97 ? 5.749   -8.015  -2.216  1.00 24.02  ? 97  LEU A CG  1 
ATOM   737  C  CD1 . LEU A 1 97 ? 4.775   -8.158  -1.059  1.00 20.87  ? 97  LEU A CD1 1 
ATOM   738  C  CD2 . LEU A 1 97 ? 5.807   -6.577  -2.717  1.00 24.43  ? 97  LEU A CD2 1 
ATOM   739  N  N   . ASN A 1 98 ? 7.459   -11.786 -1.511  1.00 15.61  ? 98  ASN A N   1 
ATOM   740  C  CA  . ASN A 1 98 ? 7.846   -13.031 -2.172  1.00 17.27  ? 98  ASN A CA  1 
ATOM   741  C  C   . ASN A 1 98 ? 6.703   -13.693 -2.892  1.00 17.51  ? 98  ASN A C   1 
ATOM   742  O  O   . ASN A 1 98 ? 5.574   -13.668 -2.409  1.00 19.69  ? 98  ASN A O   1 
ATOM   743  C  CB  . ASN A 1 98 ? 8.418   -14.041 -1.112  1.00 20.08  ? 98  ASN A CB  1 
ATOM   744  C  CG  . ASN A 1 98 ? 9.710   -13.558 -0.463  1.00 22.63  ? 98  ASN A CG  1 
ATOM   745  O  OD1 . ASN A 1 98 ? 10.800  -13.863 -0.939  1.00 30.76  ? 98  ASN A OD1 1 
ATOM   746  N  ND2 . ASN A 1 98 ? 9.592   -12.809 0.626   1.00 21.46  ? 98  ASN A ND2 1 
ATOM   747  N  N   . PHE A 1 99 ? 6.986   -14.270 -4.058  1.00 16.96  ? 99  PHE A N   1 
ATOM   748  C  CA  . PHE A 1 99 ? 5.982   -15.012 -4.837  1.00 20.96  ? 99  PHE A CA  1 
ATOM   749  C  C   . PHE A 1 99 ? 6.595   -15.891 -5.983  1.00 23.51  ? 99  PHE A C   1 
ATOM   750  O  O   . PHE A 1 99 ? 7.839   -15.877 -6.130  1.00 25.56  ? 99  PHE A O   1 
ATOM   751  C  CB  . PHE A 1 99 ? 4.866   -14.082 -5.414  1.00 19.24  ? 99  PHE A CB  1 
ATOM   752  C  CG  . PHE A 1 99 ? 5.344   -13.100 -6.444  1.00 22.00  ? 99  PHE A CG  1 
ATOM   753  C  CD1 . PHE A 1 99 ? 5.334   -13.427 -7.809  1.00 21.31  ? 99  PHE A CD1 1 
ATOM   754  C  CD2 . PHE A 1 99 ? 5.767   -11.830 -6.060  1.00 22.44  ? 99  PHE A CD2 1 
ATOM   755  C  CE1 . PHE A 1 99 ? 5.733   -12.497 -8.760  1.00 24.13  ? 99  PHE A CE1 1 
ATOM   756  C  CE2 . PHE A 1 99 ? 6.165   -10.899 -7.007  1.00 23.25  ? 99  PHE A CE2 1 
ATOM   757  C  CZ  . PHE A 1 99 ? 6.147   -11.231 -8.359  1.00 26.16  ? 99  PHE A CZ  1 
ATOM   758  N  N   . PRO B 1 1  ? 9.899   -14.530 -7.211  1.00 31.79  ? 1   PRO B N   1 
ATOM   759  C  CA  . PRO B 1 1  ? 11.052  -13.640 -6.897  1.00 28.99  ? 1   PRO B CA  1 
ATOM   760  C  C   . PRO B 1 1  ? 10.913  -13.047 -5.540  1.00 27.71  ? 1   PRO B C   1 
ATOM   761  O  O   . PRO B 1 1  ? 9.811   -13.001 -4.985  1.00 28.98  ? 1   PRO B O   1 
ATOM   762  C  CB  . PRO B 1 1  ? 11.106  -12.525 -7.931  1.00 30.07  ? 1   PRO B CB  1 
ATOM   763  C  CG  . PRO B 1 1  ? 9.699   -12.392 -8.313  1.00 30.65  ? 1   PRO B CG  1 
ATOM   764  C  CD  . PRO B 1 1  ? 9.341   -13.854 -8.419  1.00 33.67  ? 1   PRO B CD  1 
ATOM   765  N  N   . GLN B 1 2  ? 12.042  -12.640 -4.970  1.00 24.17  ? 2   GLN B N   1 
ATOM   766  C  CA  . GLN B 1 2  ? 12.061  -11.983 -3.675  1.00 23.35  ? 2   GLN B CA  1 
ATOM   767  C  C   . GLN B 1 2  ? 12.273  -10.533 -4.032  1.00 22.92  ? 2   GLN B C   1 
ATOM   768  O  O   . GLN B 1 2  ? 13.145  -10.213 -4.840  1.00 25.83  ? 2   GLN B O   1 
ATOM   769  C  CB  . GLN B 1 2  ? 13.213  -12.479 -2.807  1.00 24.86  ? 2   GLN B CB  1 
ATOM   770  C  CG  . GLN B 1 2  ? 13.330  -11.709 -1.476  1.00 31.16  ? 2   GLN B CG  1 
ATOM   771  C  CD  . GLN B 1 2  ? 14.297  -12.331 -0.495  1.00 35.10  ? 2   GLN B CD  1 
ATOM   772  O  OE1 . GLN B 1 2  ? 15.475  -11.973 -0.460  1.00 41.96  ? 2   GLN B OE1 1 
ATOM   773  N  NE2 . GLN B 1 2  ? 13.803  -13.259 0.319   1.00 34.74  ? 2   GLN B NE2 1 
ATOM   774  N  N   . ILE B 1 3  ? 11.442  -9.657  -3.485  1.00 19.41  ? 3   ILE B N   1 
ATOM   775  C  CA  . ILE B 1 3  ? 11.528  -8.235  -3.774  1.00 16.83  ? 3   ILE B CA  1 
ATOM   776  C  C   . ILE B 1 3  ? 11.773  -7.410  -2.502  1.00 15.35  ? 3   ILE B C   1 
ATOM   777  O  O   . ILE B 1 3  ? 11.006  -7.479  -1.539  1.00 11.64  ? 3   ILE B O   1 
ATOM   778  C  CB  . ILE B 1 3  ? 10.209  -7.734  -4.530  1.00 18.14  ? 3   ILE B CB  1 
ATOM   779  C  CG1 . ILE B 1 3  ? 10.066  -8.500  -5.871  1.00 18.75  ? 3   ILE B CG1 1 
ATOM   780  C  CG2 . ILE B 1 3  ? 10.286  -6.247  -4.854  1.00 19.91  ? 3   ILE B CG2 1 
ATOM   781  C  CD1 . ILE B 1 3  ? 8.814   -8.161  -6.651  1.00 19.81  ? 3   ILE B CD1 1 
ATOM   782  N  N   . THR B 1 4  ? 12.890  -6.689  -2.489  1.00 15.07  ? 4   THR B N   1 
ATOM   783  C  CA  . THR B 1 4  ? 13.238  -5.830  -1.367  1.00 14.12  ? 4   THR B CA  1 
ATOM   784  C  C   . THR B 1 4  ? 12.520  -4.522  -1.565  1.00 11.94  ? 4   THR B C   1 
ATOM   785  O  O   . THR B 1 4  ? 12.158  -4.165  -2.686  1.00 15.69  ? 4   THR B O   1 
ATOM   786  C  CB  . THR B 1 4  ? 14.754  -5.601  -1.272  1.00 14.06  ? 4   THR B CB  1 
ATOM   787  O  OG1 . THR B 1 4  ? 15.257  -5.124  -2.527  1.00 14.33  ? 4   THR B OG1 1 
ATOM   788  C  CG2 . THR B 1 4  ? 15.469  -6.895  -0.880  1.00 17.47  ? 4   THR B CG2 1 
ATOM   789  N  N   . LEU B 1 5  ? 12.395  -3.747  -0.503  1.00 12.05  ? 5   LEU B N   1 
ATOM   790  C  CA  . LEU B 1 5  ? 11.649  -2.499  -0.574  1.00 10.74  ? 5   LEU B CA  1 
ATOM   791  C  C   . LEU B 1 5  ? 12.428  -1.209  -0.554  1.00 11.98  ? 5   LEU B C   1 
ATOM   792  O  O   . LEU B 1 5  ? 11.887  -0.163  -0.204  1.00 11.20  ? 5   LEU B O   1 
ATOM   793  C  CB  . LEU B 1 5  ? 10.588  -2.488  0.555   1.00 11.04  ? 5   LEU B CB  1 
ATOM   794  C  CG  . LEU B 1 5  ? 9.757   -3.801  0.438   1.00 8.16   ? 5   LEU B CG  1 
ATOM   795  C  CD1 . LEU B 1 5  ? 8.962   -4.006  1.718   1.00 9.26   ? 5   LEU B CD1 1 
ATOM   796  C  CD2 . LEU B 1 5  ? 8.847   -3.782  -0.784  1.00 10.23  ? 5   LEU B CD2 1 
ATOM   797  N  N   . TRP B 1 6  ? 13.695  -1.243  -0.961  1.00 12.05  ? 6   TRP B N   1 
ATOM   798  C  CA  . TRP B 1 6  ? 14.510  -0.022  -0.964  1.00 12.01  ? 6   TRP B CA  1 
ATOM   799  C  C   . TRP B 1 6  ? 14.057  0.886   -2.029  1.00 13.64  ? 6   TRP B C   1 
ATOM   800  O  O   . TRP B 1 6  ? 14.323  2.081   -2.002  1.00 14.63  ? 6   TRP B O   1 
ATOM   801  C  CB  . TRP B 1 6  ? 16.015  -0.353  -1.127  1.00 13.01  ? 6   TRP B CB  1 
ATOM   802  C  CG  . TRP B 1 6  ? 16.522  -1.249  -0.037  1.00 8.15   ? 6   TRP B CG  1 
ATOM   803  C  CD1 . TRP B 1 6  ? 16.630  -2.589  -0.084  1.00 8.81   ? 6   TRP B CD1 1 
ATOM   804  C  CD2 . TRP B 1 6  ? 16.885  -0.867  1.301   1.00 7.94   ? 6   TRP B CD2 1 
ATOM   805  N  NE1 . TRP B 1 6  ? 17.023  -3.085  1.130   1.00 11.40  ? 6   TRP B NE1 1 
ATOM   806  C  CE2 . TRP B 1 6  ? 17.189  -2.045  2.002   1.00 8.79   ? 6   TRP B CE2 1 
ATOM   807  C  CE3 . TRP B 1 6  ? 16.980  0.362   1.971   1.00 9.71   ? 6   TRP B CE3 1 
ATOM   808  C  CZ2 . TRP B 1 6  ? 17.580  -2.039  3.348   1.00 7.93   ? 6   TRP B CZ2 1 
ATOM   809  C  CZ3 . TRP B 1 6  ? 17.360  0.369   3.323   1.00 5.69   ? 6   TRP B CZ3 1 
ATOM   810  C  CH2 . TRP B 1 6  ? 17.654  -0.822  3.989   1.00 5.54   ? 6   TRP B CH2 1 
ATOM   811  N  N   . GLN B 1 7  ? 13.375  0.316   -3.009  1.00 13.00  ? 7   GLN B N   1 
ATOM   812  C  CA  . GLN B 1 7  ? 12.836  1.039   -4.147  1.00 13.57  ? 7   GLN B CA  1 
ATOM   813  C  C   . GLN B 1 7  ? 11.347  0.609   -4.260  1.00 11.85  ? 7   GLN B C   1 
ATOM   814  O  O   . GLN B 1 7  ? 10.958  -0.395  -3.665  1.00 11.51  ? 7   GLN B O   1 
ATOM   815  C  CB  . GLN B 1 7  ? 13.655  0.653   -5.443  1.00 19.52  ? 7   GLN B CB  1 
ATOM   816  C  CG  . GLN B 1 7  ? 13.852  -0.910  -5.698  1.00 32.03  ? 7   GLN B CG  1 
ATOM   817  C  CD  . GLN B 1 7  ? 14.838  -1.609  -4.743  1.00 39.98  ? 7   GLN B CD  1 
ATOM   818  O  OE1 . GLN B 1 7  ? 14.431  -2.343  -3.825  1.00 30.66  ? 7   GLN B OE1 1 
ATOM   819  N  NE2 . GLN B 1 7  ? 16.137  -1.409  -4.978  1.00 42.66  ? 7   GLN B NE2 1 
ATOM   820  N  N   . ARG B 1 8  ? 10.520  1.387   -4.952  1.00 11.83  ? 8   ARG B N   1 
ATOM   821  C  CA  . ARG B 1 8  ? 9.107   1.040   -5.120  1.00 12.94  ? 8   ARG B CA  1 
ATOM   822  C  C   . ARG B 1 8  ? 8.988   -0.252  -5.825  1.00 9.57   ? 8   ARG B C   1 
ATOM   823  O  O   . ARG B 1 8  ? 9.650   -0.474  -6.838  1.00 10.72  ? 8   ARG B O   1 
ATOM   824  C  CB  . ARG B 1 8  ? 8.378   2.113   -5.951  1.00 13.74  ? 8   ARG B CB  1 
ATOM   825  C  CG  . ARG B 1 8  ? 8.106   3.378   -5.220  1.00 17.91  ? 8   ARG B CG  1 
ATOM   826  C  CD  . ARG B 1 8  ? 7.145   4.253   -5.987  1.00 20.83  ? 8   ARG B CD  1 
ATOM   827  N  NE  . ARG B 1 8  ? 7.107   5.597   -5.427  1.00 31.62  ? 8   ARG B NE  1 
ATOM   828  C  CZ  . ARG B 1 8  ? 6.525   6.634   -6.020  1.00 36.89  ? 8   ARG B CZ  1 
ATOM   829  N  NH1 . ARG B 1 8  ? 5.909   6.475   -7.184  1.00 40.16  ? 8   ARG B NH1 1 
ATOM   830  N  NH2 . ARG B 1 8  ? 6.550   7.827   -5.445  1.00 36.62  ? 8   ARG B NH2 1 
ATOM   831  N  N   . PRO B 1 9  ? 8.159   -1.165  -5.307  1.00 8.30   ? 9   PRO B N   1 
ATOM   832  C  CA  . PRO B 1 9  ? 7.992   -2.465  -5.963  1.00 9.83   ? 9   PRO B CA  1 
ATOM   833  C  C   . PRO B 1 9  ? 7.089   -2.392  -7.274  1.00 12.31  ? 9   PRO B C   1 
ATOM   834  O  O   . PRO B 1 9  ? 5.921   -2.797  -7.266  1.00 11.90  ? 9   PRO B O   1 
ATOM   835  C  CB  . PRO B 1 9  ? 7.361   -3.320  -4.868  1.00 8.83   ? 9   PRO B CB  1 
ATOM   836  C  CG  . PRO B 1 9  ? 6.533   -2.333  -4.112  1.00 8.20   ? 9   PRO B CG  1 
ATOM   837  C  CD  . PRO B 1 9  ? 7.462   -1.132  -4.011  1.00 8.00   ? 9   PRO B CD  1 
ATOM   838  N  N   . LEU B 1 10 ? 7.662   -1.853  -8.346  1.00 10.78  ? 10  LEU B N   1 
ATOM   839  C  CA  . LEU B 1 10 ? 6.980   -1.736  -9.622  1.00 13.61  ? 10  LEU B CA  1 
ATOM   840  C  C   . LEU B 1 10 ? 7.303   -2.906  -10.447 1.00 15.38  ? 10  LEU B C   1 
ATOM   841  O  O   . LEU B 1 10 ? 8.450   -3.361  -10.480 1.00 19.67  ? 10  LEU B O   1 
ATOM   842  C  CB  . LEU B 1 10 ? 7.404   -0.444  -10.370 1.00 13.10  ? 10  LEU B CB  1 
ATOM   843  C  CG  . LEU B 1 10 ? 7.117   0.918   -9.736  1.00 14.94  ? 10  LEU B CG  1 
ATOM   844  C  CD1 . LEU B 1 10 ? 7.659   1.996   -10.640 1.00 14.69  ? 10  LEU B CD1 1 
ATOM   845  C  CD2 . LEU B 1 10 ? 5.635   1.120   -9.529  1.00 17.05  ? 10  LEU B CD2 1 
ATOM   846  N  N   . VAL B 1 11 ? 6.285   -3.463  -11.091 1.00 12.77  ? 11  VAL B N   1 
ATOM   847  C  CA  . VAL B 1 11 ? 6.450   -4.615  -11.965 1.00 13.23  ? 11  VAL B CA  1 
ATOM   848  C  C   . VAL B 1 11 ? 5.730   -4.358  -13.250 1.00 13.96  ? 11  VAL B C   1 
ATOM   849  O  O   . VAL B 1 11 ? 5.004   -3.368  -13.388 1.00 15.31  ? 11  VAL B O   1 
ATOM   850  C  CB  . VAL B 1 11 ? 5.887   -5.901  -11.326 1.00 14.09  ? 11  VAL B CB  1 
ATOM   851  C  CG1 . VAL B 1 11 ? 6.703   -6.277  -10.098 1.00 15.73  ? 11  VAL B CG1 1 
ATOM   852  C  CG2 . VAL B 1 11 ? 4.407   -5.713  -10.961 1.00 16.27  ? 11  VAL B CG2 1 
ATOM   853  N  N   . THR B 1 12 ? 5.957   -5.221  -14.228 1.00 15.58  ? 12  THR B N   1 
ATOM   854  C  CA  . THR B 1 12 ? 5.298   -5.085  -15.519 1.00 18.16  ? 12  THR B CA  1 
ATOM   855  C  C   . THR B 1 12 ? 4.086   -6.000  -15.550 1.00 16.64  ? 12  THR B C   1 
ATOM   856  O  O   . THR B 1 12 ? 4.153   -7.156  -15.121 1.00 17.47  ? 12  THR B O   1 
ATOM   857  C  CB  . THR B 1 12 ? 6.266   -5.439  -16.702 1.00 17.72  ? 12  THR B CB  1 
ATOM   858  O  OG1 . THR B 1 12 ? 7.402   -4.562  -16.674 1.00 19.01  ? 12  THR B OG1 1 
ATOM   859  C  CG2 . THR B 1 12 ? 5.566   -5.286  -18.042 1.00 18.56  ? 12  THR B CG2 1 
ATOM   860  N  N   . ILE B 1 13 ? 2.954   -5.443  -15.952 1.00 15.77  ? 13  ILE B N   1 
ATOM   861  C  CA  . ILE B 1 13 ? 1.736   -6.214  -16.061 1.00 14.79  ? 13  ILE B CA  1 
ATOM   862  C  C   . ILE B 1 13 ? 1.300   -6.177  -17.511 1.00 17.00  ? 13  ILE B C   1 
ATOM   863  O  O   . ILE B 1 13 ? 1.673   -5.270  -18.257 1.00 17.83  ? 13  ILE B O   1 
ATOM   864  C  CB  . ILE B 1 13 ? 0.575   -5.657  -15.142 1.00 12.27  ? 13  ILE B CB  1 
ATOM   865  C  CG1 . ILE B 1 13 ? 0.219   -4.210  -15.530 1.00 13.74  ? 13  ILE B CG1 1 
ATOM   866  C  CG2 . ILE B 1 13 ? 0.909   -5.883  -13.677 1.00 11.91  ? 13  ILE B CG2 1 
ATOM   867  C  CD1 . ILE B 1 13 ? -1.143  -3.760  -15.027 1.00 13.80  ? 13  ILE B CD1 1 
ATOM   868  N  N   . LYS B 1 14 ? 0.541   -7.179  -17.919 1.00 15.28  ? 14  LYS B N   1 
ATOM   869  C  CA  . LYS B 1 14 ? 0.050   -7.261  -19.280 1.00 17.66  ? 14  LYS B CA  1 
ATOM   870  C  C   . LYS B 1 14 ? -1.464  -7.360  -19.161 1.00 15.54  ? 14  LYS B C   1 
ATOM   871  O  O   . LYS B 1 14 ? -1.986  -8.257  -18.488 1.00 12.91  ? 14  LYS B O   1 
ATOM   872  C  CB  . LYS B 1 14 ? 0.639   -8.507  -19.970 1.00 14.73  ? 14  LYS B CB  1 
ATOM   873  C  CG  . LYS B 1 14 ? 0.353   -8.637  -21.452 1.00 20.93  ? 14  LYS B CG  1 
ATOM   874  C  CD  . LYS B 1 14 ? 1.046   -9.875  -21.973 1.00 21.68  ? 14  LYS B CD  1 
ATOM   875  C  CE  . LYS B 1 14 ? 0.700   -10.151 -23.398 1.00 29.13  ? 14  LYS B CE  1 
ATOM   876  N  NZ  . LYS B 1 14 ? 1.301   -11.444 -23.836 1.00 31.29  ? 14  LYS B NZ  1 
ATOM   877  N  N   . ILE B 1 15 ? -2.152  -6.382  -19.736 1.00 19.94  ? 15  ILE B N   1 
ATOM   878  C  CA  . ILE B 1 15 ? -3.610  -6.331  -19.709 1.00 23.45  ? 15  ILE B CA  1 
ATOM   879  C  C   . ILE B 1 15 ? -4.129  -5.749  -21.032 1.00 24.11  ? 15  ILE B C   1 
ATOM   880  O  O   . ILE B 1 15 ? -3.713  -4.665  -21.468 1.00 22.56  ? 15  ILE B O   1 
ATOM   881  C  CB  . ILE B 1 15 ? -4.137  -5.498  -18.466 1.00 23.09  ? 15  ILE B CB  1 
ATOM   882  C  CG1 . ILE B 1 15 ? -5.674  -5.585  -18.392 1.00 25.76  ? 15  ILE B CG1 1 
ATOM   883  C  CG2 . ILE B 1 15 ? -3.542  -4.099  -18.470 1.00 22.41  ? 15  ILE B CG2 1 
ATOM   884  C  CD1 . ILE B 1 15 ? -6.262  -5.056  -17.097 1.00 24.55  ? 15  ILE B CD1 1 
ATOM   885  N  N   . GLY B 1 16 ? -4.980  -6.522  -21.699 1.00 27.01  ? 16  GLY B N   1 
ATOM   886  C  CA  . GLY B 1 16 ? -5.542  -6.106  -22.969 1.00 29.13  ? 16  GLY B CA  1 
ATOM   887  C  C   . GLY B 1 16 ? -4.479  -6.055  -24.053 1.00 31.27  ? 16  GLY B C   1 
ATOM   888  O  O   . GLY B 1 16 ? -4.548  -5.212  -24.947 1.00 36.08  ? 16  GLY B O   1 
ATOM   889  N  N   . GLY B 1 17 ? -3.497  -6.951  -23.962 1.00 30.83  ? 17  GLY B N   1 
ATOM   890  C  CA  . GLY B 1 17 ? -2.415  -6.998  -24.934 1.00 29.36  ? 17  GLY B CA  1 
ATOM   891  C  C   . GLY B 1 17 ? -1.408  -5.866  -24.800 1.00 28.54  ? 17  GLY B C   1 
ATOM   892  O  O   . GLY B 1 17 ? -0.540  -5.700  -25.656 1.00 29.13  ? 17  GLY B O   1 
ATOM   893  N  N   . GLN B 1 18 ? -1.511  -5.094  -23.723 1.00 25.43  ? 18  GLN B N   1 
ATOM   894  C  CA  . GLN B 1 18 ? -0.602  -3.980  -23.493 1.00 25.16  ? 18  GLN B CA  1 
ATOM   895  C  C   . GLN B 1 18 ? 0.230   -4.200  -22.268 1.00 21.56  ? 18  GLN B C   1 
ATOM   896  O  O   . GLN B 1 18 ? -0.222  -4.831  -21.309 1.00 17.88  ? 18  GLN B O   1 
ATOM   897  C  CB  . GLN B 1 18 ? -1.369  -2.701  -23.269 1.00 32.07  ? 18  GLN B CB  1 
ATOM   898  C  CG  . GLN B 1 18 ? -2.326  -2.293  -24.329 1.00 44.51  ? 18  GLN B CG  1 
ATOM   899  C  CD  . GLN B 1 18 ? -3.144  -1.094  -23.888 1.00 52.22  ? 18  GLN B CD  1 
ATOM   900  O  OE1 . GLN B 1 18 ? -2.724  0.053   -24.046 1.00 58.41  ? 18  GLN B OE1 1 
ATOM   901  N  NE2 . GLN B 1 18 ? -4.305  -1.354  -23.297 1.00 53.82  ? 18  GLN B NE2 1 
ATOM   902  N  N   . LEU B 1 19 ? 1.446   -3.661  -22.290 1.00 19.47  ? 19  LEU B N   1 
ATOM   903  C  CA  . LEU B 1 19 ? 2.338   -3.735  -21.148 1.00 17.20  ? 19  LEU B CA  1 
ATOM   904  C  C   . LEU B 1 19 ? 2.200   -2.422  -20.408 1.00 16.28  ? 19  LEU B C   1 
ATOM   905  O  O   . LEU B 1 19 ? 2.133   -1.353  -21.020 1.00 14.96  ? 19  LEU B O   1 
ATOM   906  C  CB  . LEU B 1 19 ? 3.795   -3.937  -21.593 1.00 17.52  ? 19  LEU B CB  1 
ATOM   907  C  CG  . LEU B 1 19 ? 4.166   -5.261  -22.266 1.00 16.67  ? 19  LEU B CG  1 
ATOM   908  C  CD1 . LEU B 1 19 ? 5.639   -5.192  -22.618 1.00 16.51  ? 19  LEU B CD1 1 
ATOM   909  C  CD2 . LEU B 1 19 ? 3.893   -6.456  -21.376 1.00 15.90  ? 19  LEU B CD2 1 
ATOM   910  N  N   . LYS B 1 20 ? 2.103   -2.507  -19.090 1.00 16.55  ? 20  LYS B N   1 
ATOM   911  C  CA  . LYS B 1 20 ? 1.991   -1.337  -18.228 1.00 16.48  ? 20  LYS B CA  1 
ATOM   912  C  C   . LYS B 1 20 ? 2.789   -1.587  -16.967 1.00 16.61  ? 20  LYS B C   1 
ATOM   913  O  O   . LYS B 1 20 ? 3.120   -2.732  -16.645 1.00 14.84  ? 20  LYS B O   1 
ATOM   914  C  CB  . LYS B 1 20 ? 0.511   -1.075  -17.856 1.00 20.32  ? 20  LYS B CB  1 
ATOM   915  C  CG  . LYS B 1 20 ? -0.336  -0.462  -18.959 1.00 22.91  ? 20  LYS B CG  1 
ATOM   916  C  CD  . LYS B 1 20 ? -1.716  -1.094  -18.965 1.00 29.47  ? 20  LYS B CD  1 
ATOM   917  C  CE  . LYS B 1 20 ? -2.603  -0.489  -20.039 1.00 31.81  ? 20  LYS B CE  1 
ATOM   918  N  NZ  . LYS B 1 20 ? -3.221  0.783   -19.583 1.00 33.39  ? 20  LYS B NZ  1 
ATOM   919  N  N   . GLU B 1 21 ? 3.104   -0.513  -16.259 1.00 15.77  ? 21  GLU B N   1 
ATOM   920  C  CA  . GLU B 1 21 ? 3.844   -0.588  -15.010 1.00 17.90  ? 21  GLU B CA  1 
ATOM   921  C  C   . GLU B 1 21 ? 2.802   -0.527  -13.890 1.00 16.93  ? 21  GLU B C   1 
ATOM   922  O  O   . GLU B 1 21 ? 1.839   0.233   -13.985 1.00 15.94  ? 21  GLU B O   1 
ATOM   923  C  CB  . GLU B 1 21 ? 4.780   0.619   -14.902 1.00 25.20  ? 21  GLU B CB  1 
ATOM   924  C  CG  . GLU B 1 21 ? 5.938   0.450   -13.942 1.00 39.17  ? 21  GLU B CG  1 
ATOM   925  C  CD  . GLU B 1 21 ? 7.209   0.016   -14.646 1.00 44.98  ? 21  GLU B CD  1 
ATOM   926  O  OE1 . GLU B 1 21 ? 7.328   -1.185  -14.987 1.00 48.77  ? 21  GLU B OE1 1 
ATOM   927  O  OE2 . GLU B 1 21 ? 8.083   0.884   -14.858 1.00 46.97  ? 21  GLU B OE2 1 
ATOM   928  N  N   . ALA B 1 22 ? 2.988   -1.323  -12.844 1.00 14.17  ? 22  ALA B N   1 
ATOM   929  C  CA  . ALA B 1 22 ? 2.065   -1.332  -11.719 1.00 10.40  ? 22  ALA B CA  1 
ATOM   930  C  C   . ALA B 1 22 ? 2.801   -1.578  -10.419 1.00 11.20  ? 22  ALA B C   1 
ATOM   931  O  O   . ALA B 1 22 ? 3.841   -2.240  -10.395 1.00 10.98  ? 22  ALA B O   1 
ATOM   932  C  CB  . ALA B 1 22 ? 0.988   -2.377  -11.934 1.00 8.81   ? 22  ALA B CB  1 
ATOM   933  N  N   . LEU B 1 23 ? 2.237   -1.063  -9.334  1.00 9.20   ? 23  LEU B N   1 
ATOM   934  C  CA  . LEU B 1 23 ? 2.790   -1.172  -7.995  1.00 7.65   ? 23  LEU B CA  1 
ATOM   935  C  C   . LEU B 1 23 ? 2.195   -2.341  -7.167  1.00 10.29  ? 23  LEU B C   1 
ATOM   936  O  O   . LEU B 1 23 ? 0.976   -2.437  -7.032  1.00 10.33  ? 23  LEU B O   1 
ATOM   937  C  CB  . LEU B 1 23 ? 2.518   0.135   -7.263  1.00 8.32   ? 23  LEU B CB  1 
ATOM   938  C  CG  . LEU B 1 23 ? 3.025   0.460   -5.869  1.00 11.32  ? 23  LEU B CG  1 
ATOM   939  C  CD1 . LEU B 1 23 ? 4.522   0.692   -5.949  1.00 10.18  ? 23  LEU B CD1 1 
ATOM   940  C  CD2 . LEU B 1 23 ? 2.325   1.703   -5.334  1.00 8.64   ? 23  LEU B CD2 1 
ATOM   941  N  N   . LEU B 1 24 ? 3.060   -3.192  -6.604  1.00 7.59   ? 24  LEU B N   1 
ATOM   942  C  CA  . LEU B 1 24 ? 2.644   -4.302  -5.731  1.00 8.93   ? 24  LEU B CA  1 
ATOM   943  C  C   . LEU B 1 24 ? 2.325   -3.615  -4.401  1.00 10.18  ? 24  LEU B C   1 
ATOM   944  O  O   . LEU B 1 24 ? 3.219   -3.229  -3.654  1.00 7.85   ? 24  LEU B O   1 
ATOM   945  C  CB  . LEU B 1 24 ? 3.774   -5.300  -5.571  1.00 12.62  ? 24  LEU B CB  1 
ATOM   946  C  CG  . LEU B 1 24 ? 3.759   -6.540  -6.488  1.00 18.80  ? 24  LEU B CG  1 
ATOM   947  C  CD1 . LEU B 1 24 ? 2.991   -6.383  -7.774  1.00 12.11  ? 24  LEU B CD1 1 
ATOM   948  C  CD2 . LEU B 1 24 ? 5.211   -6.942  -6.750  1.00 15.38  ? 24  LEU B CD2 1 
ATOM   949  N  N   . ASP B 1 25 ? 1.040   -3.541  -4.084  1.00 8.49   ? 25  ASP B N   1 
ATOM   950  C  CA  . ASP B 1 25 ? 0.583   -2.796  -2.925  1.00 6.90   ? 25  ASP B CA  1 
ATOM   951  C  C   . ASP B 1 25 ? -0.187  -3.629  -1.900  1.00 10.30  ? 25  ASP B C   1 
ATOM   952  O  O   . ASP B 1 25 ? -1.383  -3.880  -2.049  1.00 8.61   ? 25  ASP B O   1 
ATOM   953  C  CB  . ASP B 1 25 ? -0.297  -1.632  -3.502  1.00 8.31   ? 25  ASP B CB  1 
ATOM   954  C  CG  . ASP B 1 25 ? -0.578  -0.535  -2.519  1.00 8.50   ? 25  ASP B CG  1 
ATOM   955  O  OD1 . ASP B 1 25 ? -0.399  -0.719  -1.296  1.00 9.94   ? 25  ASP B OD1 1 
ATOM   956  O  OD2 . ASP B 1 25 ? -1.006  0.533   -2.995  1.00 13.42  ? 25  ASP B OD2 1 
ATOM   957  N  N   . THR B 1 26 ? 0.477   -3.987  -0.805  1.00 7.96   ? 26  THR B N   1 
ATOM   958  C  CA  . THR B 1 26 ? -0.163  -4.791  0.230   1.00 7.62   ? 26  THR B CA  1 
ATOM   959  C  C   . THR B 1 26 ? -1.176  -3.972  1.093   1.00 6.93   ? 26  THR B C   1 
ATOM   960  O  O   . THR B 1 26 ? -2.012  -4.538  1.790   1.00 9.72   ? 26  THR B O   1 
ATOM   961  C  CB  . THR B 1 26 ? 0.892   -5.475  1.145   1.00 7.29   ? 26  THR B CB  1 
ATOM   962  O  OG1 . THR B 1 26 ? 1.689   -4.482  1.800   1.00 8.40   ? 26  THR B OG1 1 
ATOM   963  C  CG2 . THR B 1 26 ? 1.802   -6.365  0.322   1.00 4.75   ? 26  THR B CG2 1 
ATOM   964  N  N   . GLY B 1 27 ? -1.101  -2.651  1.007   1.00 6.61   ? 27  GLY B N   1 
ATOM   965  C  CA  . GLY B 1 27 ? -2.003  -1.805  1.765   1.00 8.15   ? 27  GLY B CA  1 
ATOM   966  C  C   . GLY B 1 27 ? -3.280  -1.487  1.001   1.00 10.38  ? 27  GLY B C   1 
ATOM   967  O  O   . GLY B 1 27 ? -4.120  -0.731  1.477   1.00 11.75  ? 27  GLY B O   1 
ATOM   968  N  N   . ALA B 1 28 ? -3.400  -2.034  -0.206  1.00 8.05   ? 28  ALA B N   1 
ATOM   969  C  CA  . ALA B 1 28 ? -4.573  -1.834  -1.054  1.00 10.19  ? 28  ALA B CA  1 
ATOM   970  C  C   . ALA B 1 28 ? -5.391  -3.079  -1.077  1.00 7.34   ? 28  ALA B C   1 
ATOM   971  O  O   . ALA B 1 28 ? -4.892  -4.150  -1.418  1.00 9.56   ? 28  ALA B O   1 
ATOM   972  C  CB  . ALA B 1 28 ? -4.150  -1.472  -2.472  1.00 5.39   ? 28  ALA B CB  1 
ATOM   973  N  N   . ASP B 1 29 ? -6.656  -2.973  -0.679  1.00 10.77  ? 29  ASP B N   1 
ATOM   974  C  CA  . ASP B 1 29 ? -7.555  -4.125  -0.680  1.00 12.02  ? 29  ASP B CA  1 
ATOM   975  C  C   . ASP B 1 29 ? -7.887  -4.532  -2.105  1.00 9.89   ? 29  ASP B C   1 
ATOM   976  O  O   . ASP B 1 29 ? -8.020  -5.717  -2.413  1.00 13.38  ? 29  ASP B O   1 
ATOM   977  C  CB  . ASP B 1 29 ? -8.866  -3.778  0.036   1.00 12.11  ? 29  ASP B CB  1 
ATOM   978  C  CG  . ASP B 1 29 ? -8.648  -3.270  1.435   1.00 11.76  ? 29  ASP B CG  1 
ATOM   979  O  OD1 . ASP B 1 29 ? -7.954  -3.951  2.204   1.00 13.66  ? 29  ASP B OD1 1 
ATOM   980  O  OD2 . ASP B 1 29 ? -9.167  -2.188  1.758   1.00 17.76  ? 29  ASP B OD2 1 
ATOM   981  N  N   . ASP B 1 30 ? -8.018  -3.534  -2.975  1.00 11.09  ? 30  ASP B N   1 
ATOM   982  C  CA  . ASP B 1 30 ? -8.386  -3.752  -4.366  1.00 9.03   ? 30  ASP B CA  1 
ATOM   983  C  C   . ASP B 1 30 ? -7.320  -3.336  -5.343  1.00 8.52   ? 30  ASP B C   1 
ATOM   984  O  O   . ASP B 1 30 ? -6.373  -2.610  -5.000  1.00 10.80  ? 30  ASP B O   1 
ATOM   985  C  CB  . ASP B 1 30 ? -9.676  -2.955  -4.691  1.00 14.57  ? 30  ASP B CB  1 
ATOM   986  C  CG  . ASP B 1 30 ? -10.747 -3.099  -3.622  1.00 15.70  ? 30  ASP B CG  1 
ATOM   987  O  OD1 . ASP B 1 30 ? -11.223 -4.225  -3.403  1.00 17.85  ? 30  ASP B OD1 1 
ATOM   988  O  OD2 . ASP B 1 30 ? -11.118 -2.082  -3.011  1.00 18.89  ? 30  ASP B OD2 1 
ATOM   989  N  N   . THR B 1 31 ? -7.506  -3.768  -6.587  1.00 7.48   ? 31  THR B N   1 
ATOM   990  C  CA  . THR B 1 31 ? -6.614  -3.450  -7.689  1.00 9.23   ? 31  THR B CA  1 
ATOM   991  C  C   . THR B 1 31 ? -7.263  -2.276  -8.440  1.00 11.02  ? 31  THR B C   1 
ATOM   992  O  O   . THR B 1 31 ? -8.417  -2.371  -8.866  1.00 12.43  ? 31  THR B O   1 
ATOM   993  C  CB  . THR B 1 31 ? -6.464  -4.661  -8.608  1.00 7.13   ? 31  THR B CB  1 
ATOM   994  O  OG1 . THR B 1 31 ? -5.784  -5.699  -7.897  1.00 7.92   ? 31  THR B OG1 1 
ATOM   995  C  CG2 . THR B 1 31 ? -5.697  -4.310  -9.886  1.00 10.06  ? 31  THR B CG2 1 
ATOM   996  N  N   . VAL B 1 32 ? -6.532  -1.170  -8.552  1.00 10.76  ? 32  VAL B N   1 
ATOM   997  C  CA  . VAL B 1 32 ? -7.029  0.027   -9.214  1.00 7.64   ? 32  VAL B CA  1 
ATOM   998  C  C   . VAL B 1 32 ? -6.105  0.450   -10.317 1.00 10.97  ? 32  VAL B C   1 
ATOM   999  O  O   . VAL B 1 32 ? -4.929  0.725   -10.090 1.00 12.00  ? 32  VAL B O   1 
ATOM   1000 C  CB  . VAL B 1 32 ? -7.177  1.190   -8.222  1.00 7.94   ? 32  VAL B CB  1 
ATOM   1001 C  CG1 . VAL B 1 32 ? -7.918  2.362   -8.883  1.00 11.35  ? 32  VAL B CG1 1 
ATOM   1002 C  CG2 . VAL B 1 32 ? -7.904  0.733   -6.964  1.00 10.52  ? 32  VAL B CG2 1 
ATOM   1003 N  N   . LEU B 1 33 ? -6.651  0.540   -11.521 1.00 10.15  ? 33  LEU B N   1 
ATOM   1004 C  CA  . LEU B 1 33 ? -5.906  0.930   -12.707 1.00 13.25  ? 33  LEU B CA  1 
ATOM   1005 C  C   . LEU B 1 33 ? -6.321  2.254   -13.247 1.00 13.42  ? 33  LEU B C   1 
ATOM   1006 O  O   . LEU B 1 33 ? -7.474  2.681   -13.095 1.00 12.31  ? 33  LEU B O   1 
ATOM   1007 C  CB  . LEU B 1 33 ? -6.083  -0.130  -13.798 1.00 12.44  ? 33  LEU B CB  1 
ATOM   1008 C  CG  . LEU B 1 33 ? -5.041  -1.247  -13.834 1.00 16.46  ? 33  LEU B CG  1 
ATOM   1009 C  CD1 . LEU B 1 33 ? -4.680  -1.958  -12.551 1.00 15.62  ? 33  LEU B CD1 1 
ATOM   1010 C  CD2 . LEU B 1 33 ? -5.672  -2.197  -14.816 1.00 19.04  ? 33  LEU B CD2 1 
ATOM   1011 N  N   . GLU B 1 34 ? -5.372  2.925   -13.891 1.00 10.95  ? 34  GLU B N   1 
ATOM   1012 C  CA  . GLU B 1 34 ? -5.602  4.218   -14.523 1.00 12.67  ? 34  GLU B CA  1 
ATOM   1013 C  C   . GLU B 1 34 ? -6.608  4.014   -15.656 1.00 15.48  ? 34  GLU B C   1 
ATOM   1014 O  O   . GLU B 1 34 ? -6.826  2.889   -16.120 1.00 15.56  ? 34  GLU B O   1 
ATOM   1015 C  CB  . GLU B 1 34 ? -4.281  4.775   -15.089 1.00 13.15  ? 34  GLU B CB  1 
ATOM   1016 C  CG  . GLU B 1 34 ? -3.217  5.057   -14.008 1.00 17.41  ? 34  GLU B CG  1 
ATOM   1017 C  CD  . GLU B 1 34 ? -1.826  5.347   -14.574 1.00 17.23  ? 34  GLU B CD  1 
ATOM   1018 O  OE1 . GLU B 1 34 ? -1.692  5.627   -15.785 1.00 20.72  ? 34  GLU B OE1 1 
ATOM   1019 O  OE2 . GLU B 1 34 ? -0.856  5.294   -13.792 1.00 21.50  ? 34  GLU B OE2 1 
ATOM   1020 N  N   . GLU B 1 35 ? -7.178  5.116   -16.123 1.00 17.36  ? 35  GLU B N   1 
ATOM   1021 C  CA  . GLU B 1 35 ? -8.163  5.102   -17.187 1.00 17.85  ? 35  GLU B CA  1 
ATOM   1022 C  C   . GLU B 1 35 ? -7.763  4.315   -18.411 1.00 19.72  ? 35  GLU B C   1 
ATOM   1023 O  O   . GLU B 1 35 ? -6.707  4.548   -19.003 1.00 19.69  ? 35  GLU B O   1 
ATOM   1024 C  CB  . GLU B 1 35 ? -8.521  6.528   -17.579 1.00 21.14  ? 35  GLU B CB  1 
ATOM   1025 C  CG  . GLU B 1 35 ? -9.718  6.624   -18.483 1.00 26.60  ? 35  GLU B CG  1 
ATOM   1026 C  CD  . GLU B 1 35 ? -10.943 5.977   -17.878 1.00 29.53  ? 35  GLU B CD  1 
ATOM   1027 O  OE1 . GLU B 1 35 ? -11.335 6.359   -16.749 1.00 30.12  ? 35  GLU B OE1 1 
ATOM   1028 O  OE2 . GLU B 1 35 ? -11.506 5.075   -18.534 1.00 33.10  ? 35  GLU B OE2 1 
ATOM   1029 N  N   . MET B 1 36 ? -8.618  3.367   -18.773 1.00 20.02  ? 36  MET B N   1 
ATOM   1030 C  CA  . MET B 1 36 ? -8.416  2.519   -19.944 1.00 23.23  ? 36  MET B CA  1 
ATOM   1031 C  C   . MET B 1 36 ? -9.759  1.885   -20.323 1.00 23.60  ? 36  MET B C   1 
ATOM   1032 O  O   . MET B 1 36 ? -10.732 1.969   -19.567 1.00 21.85  ? 36  MET B O   1 
ATOM   1033 C  CB  . MET B 1 36 ? -7.340  1.400   -19.660 1.00 24.79  ? 36  MET B CB  1 
ATOM   1034 C  CG  . MET B 1 36 ? -7.756  0.316   -18.624 1.00 24.47  ? 36  MET B CG  1 
ATOM   1035 S  SD  . MET B 1 36 ? -6.455  -0.926  -18.366 1.00 31.68  ? 36  MET B SD  1 
ATOM   1036 C  CE  . MET B 1 36 ? -6.474  -1.830  -19.959 1.00 25.67  ? 36  MET B CE  1 
ATOM   1037 N  N   . SER B 1 37 ? -9.809  1.271   -21.499 1.00 27.43  ? 37  SER B N   1 
ATOM   1038 C  CA  . SER B 1 37 ? -11.022 0.619   -21.973 1.00 31.64  ? 37  SER B CA  1 
ATOM   1039 C  C   . SER B 1 37 ? -10.989 -0.877  -21.679 1.00 29.79  ? 37  SER B C   1 
ATOM   1040 O  O   . SER B 1 37 ? -10.088 -1.593  -22.123 1.00 29.57  ? 37  SER B O   1 
ATOM   1041 C  CB  . SER B 1 37 ? -11.195 0.860   -23.475 1.00 36.20  ? 37  SER B CB  1 
ATOM   1042 O  OG  . SER B 1 37 ? -11.130 2.246   -23.777 1.00 45.33  ? 37  SER B OG  1 
ATOM   1043 N  N   . LEU B 1 38 ? -11.962 -1.335  -20.900 1.00 26.99  ? 38  LEU B N   1 
ATOM   1044 C  CA  . LEU B 1 38 ? -12.065 -2.740  -20.541 1.00 26.38  ? 38  LEU B CA  1 
ATOM   1045 C  C   . LEU B 1 38 ? -13.396 -3.300  -21.044 1.00 27.12  ? 38  LEU B C   1 
ATOM   1046 O  O   . LEU B 1 38 ? -14.384 -2.576  -21.139 1.00 29.88  ? 38  LEU B O   1 
ATOM   1047 C  CB  . LEU B 1 38 ? -11.956 -2.907  -19.022 1.00 23.72  ? 38  LEU B CB  1 
ATOM   1048 C  CG  . LEU B 1 38 ? -10.533 -2.765  -18.442 1.00 23.60  ? 38  LEU B CG  1 
ATOM   1049 C  CD1 . LEU B 1 38 ? -10.578 -2.898  -16.925 1.00 23.30  ? 38  LEU B CD1 1 
ATOM   1050 C  CD2 . LEU B 1 38 ? -9.619  -3.832  -19.042 1.00 24.97  ? 38  LEU B CD2 1 
ATOM   1051 N  N   . PRO B 1 39 ? -13.427 -4.586  -21.416 1.00 27.60  ? 39  PRO B N   1 
ATOM   1052 C  CA  . PRO B 1 39 ? -14.638 -5.242  -21.915 1.00 28.00  ? 39  PRO B CA  1 
ATOM   1053 C  C   . PRO B 1 39 ? -15.762 -5.491  -20.870 1.00 26.38  ? 39  PRO B C   1 
ATOM   1054 O  O   . PRO B 1 39 ? -15.504 -5.650  -19.667 1.00 26.60  ? 39  PRO B O   1 
ATOM   1055 C  CB  . PRO B 1 39 ? -14.101 -6.567  -22.471 1.00 29.15  ? 39  PRO B CB  1 
ATOM   1056 C  CG  . PRO B 1 39 ? -12.967 -6.871  -21.549 1.00 30.53  ? 39  PRO B CG  1 
ATOM   1057 C  CD  . PRO B 1 39 ? -12.280 -5.511  -21.464 1.00 30.37  ? 39  PRO B CD  1 
ATOM   1058 N  N   . GLY B 1 40 ? -16.989 -5.541  -21.370 1.00 23.65  ? 40  GLY B N   1 
ATOM   1059 C  CA  . GLY B 1 40 ? -18.150 -5.796  -20.536 1.00 21.55  ? 40  GLY B CA  1 
ATOM   1060 C  C   . GLY B 1 40 ? -18.807 -4.598  -19.875 1.00 18.94  ? 40  GLY B C   1 
ATOM   1061 O  O   . GLY B 1 40 ? -18.589 -3.442  -20.263 1.00 22.80  ? 40  GLY B O   1 
ATOM   1062 N  N   . ARG B 1 41 ? -19.679 -4.896  -18.927 1.00 16.91  ? 41  ARG B N   1 
ATOM   1063 C  CA  . ARG B 1 41 ? -20.373 -3.866  -18.180 1.00 17.72  ? 41  ARG B CA  1 
ATOM   1064 C  C   . ARG B 1 41 ? -19.577 -3.593  -16.961 1.00 18.74  ? 41  ARG B C   1 
ATOM   1065 O  O   . ARG B 1 41 ? -18.703 -4.380  -16.580 1.00 19.65  ? 41  ARG B O   1 
ATOM   1066 C  CB  . ARG B 1 41 ? -21.744 -4.340  -17.719 1.00 20.04  ? 41  ARG B CB  1 
ATOM   1067 C  CG  . ARG B 1 41 ? -22.535 -5.127  -18.689 1.00 25.22  ? 41  ARG B CG  1 
ATOM   1068 C  CD  . ARG B 1 41 ? -23.991 -5.159  -18.225 1.00 26.12  ? 41  ARG B CD  1 
ATOM   1069 N  NE  . ARG B 1 41 ? -24.735 -4.188  -19.008 1.00 31.55  ? 41  ARG B NE  1 
ATOM   1070 C  CZ  . ARG B 1 41 ? -25.375 -3.125  -18.534 1.00 24.01  ? 41  ARG B CZ  1 
ATOM   1071 N  NH1 . ARG B 1 41 ? -25.476 -2.880  -17.231 1.00 17.39  ? 41  ARG B NH1 1 
ATOM   1072 N  NH2 . ARG B 1 41 ? -25.982 -2.337  -19.401 1.00 23.44  ? 41  ARG B NH2 1 
ATOM   1073 N  N   . TRP B 1 42 ? -19.920 -2.511  -16.288 1.00 17.05  ? 42  TRP B N   1 
ATOM   1074 C  CA  . TRP B 1 42 ? -19.247 -2.141  -15.064 1.00 14.41  ? 42  TRP B CA  1 
ATOM   1075 C  C   . TRP B 1 42 ? -20.256 -1.775  -14.052 1.00 16.33  ? 42  TRP B C   1 
ATOM   1076 O  O   . TRP B 1 42 ? -21.394 -1.444  -14.392 1.00 14.40  ? 42  TRP B O   1 
ATOM   1077 C  CB  . TRP B 1 42 ? -18.246 -0.994  -15.304 1.00 10.26  ? 42  TRP B CB  1 
ATOM   1078 C  CG  . TRP B 1 42 ? -18.819 0.261   -15.909 1.00 10.99  ? 42  TRP B CG  1 
ATOM   1079 C  CD1 . TRP B 1 42 ? -18.963 0.543   -17.229 1.00 10.98  ? 42  TRP B CD1 1 
ATOM   1080 C  CD2 . TRP B 1 42 ? -19.242 1.428   -15.202 1.00 9.68   ? 42  TRP B CD2 1 
ATOM   1081 N  NE1 . TRP B 1 42 ? -19.436 1.818   -17.393 1.00 10.80  ? 42  TRP B NE1 1 
ATOM   1082 C  CE2 . TRP B 1 42 ? -19.612 2.385   -16.160 1.00 10.17  ? 42  TRP B CE2 1 
ATOM   1083 C  CE3 . TRP B 1 42 ? -19.339 1.763   -13.844 1.00 9.89   ? 42  TRP B CE3 1 
ATOM   1084 C  CZ2 . TRP B 1 42 ? -20.075 3.655   -15.805 1.00 9.97   ? 42  TRP B CZ2 1 
ATOM   1085 C  CZ3 . TRP B 1 42 ? -19.794 3.025   -13.490 1.00 13.06  ? 42  TRP B CZ3 1 
ATOM   1086 C  CH2 . TRP B 1 42 ? -20.159 3.950   -14.466 1.00 10.87  ? 42  TRP B CH2 1 
ATOM   1087 N  N   . LYS B 1 43 ? -19.870 -1.911  -12.788 1.00 17.21  ? 43  LYS B N   1 
ATOM   1088 C  CA  . LYS B 1 43 ? -20.721 -1.592  -11.652 1.00 17.78  ? 43  LYS B CA  1 
ATOM   1089 C  C   . LYS B 1 43 ? -20.061 -0.445  -10.927 1.00 17.17  ? 43  LYS B C   1 
ATOM   1090 O  O   . LYS B 1 43 ? -18.858 -0.228  -11.075 1.00 17.26  ? 43  LYS B O   1 
ATOM   1091 C  CB  . LYS B 1 43 ? -20.835 -2.820  -10.720 1.00 21.14  ? 43  LYS B CB  1 
ATOM   1092 C  CG  . LYS B 1 43 ? -21.695 -3.966  -11.277 1.00 29.91  ? 43  LYS B CG  1 
ATOM   1093 C  CD  . LYS B 1 43 ? -21.822 -5.158  -10.263 1.00 42.30  ? 43  LYS B CD  1 
ATOM   1094 C  CE  . LYS B 1 43 ? -20.545 -6.054  -10.248 1.00 49.17  ? 43  LYS B CE  1 
ATOM   1095 N  NZ  . LYS B 1 43 ? -20.613 -7.225  -9.300  1.00 54.18  ? 43  LYS B NZ  1 
ATOM   1096 N  N   . PRO B 1 44 ? -20.829 0.339   -10.159 1.00 15.72  ? 44  PRO B N   1 
ATOM   1097 C  CA  . PRO B 1 44 ? -20.204 1.457   -9.448  1.00 15.17  ? 44  PRO B CA  1 
ATOM   1098 C  C   . PRO B 1 44 ? -19.571 1.016   -8.092  1.00 16.14  ? 44  PRO B C   1 
ATOM   1099 O  O   . PRO B 1 44 ? -20.009 0.037   -7.480  1.00 16.37  ? 44  PRO B O   1 
ATOM   1100 C  CB  . PRO B 1 44 ? -21.364 2.398   -9.242  1.00 13.28  ? 44  PRO B CB  1 
ATOM   1101 C  CG  . PRO B 1 44 ? -22.482 1.441   -8.914  1.00 14.62  ? 44  PRO B CG  1 
ATOM   1102 C  CD  . PRO B 1 44 ? -22.283 0.308   -9.919  1.00 14.78  ? 44  PRO B CD  1 
ATOM   1103 N  N   . LYS B 1 45 ? -18.548 1.741   -7.661  1.00 17.41  ? 45  LYS B N   1 
ATOM   1104 C  CA  . LYS B 1 45 ? -17.888 1.457   -6.394  1.00 17.67  ? 45  LYS B CA  1 
ATOM   1105 C  C   . LYS B 1 45 ? -17.173 2.698   -5.857  1.00 15.90  ? 45  LYS B C   1 
ATOM   1106 O  O   . LYS B 1 45 ? -16.624 3.496   -6.617  1.00 17.86  ? 45  LYS B O   1 
ATOM   1107 C  CB  . LYS B 1 45 ? -16.872 0.242   -6.529  1.00 15.62  ? 45  LYS B CB  1 
ATOM   1108 C  CG  . LYS B 1 45 ? -16.244 -0.167  -5.178  1.00 17.30  ? 45  LYS B CG  1 
ATOM   1109 C  CD  . LYS B 1 45 ? -15.630 -1.539  -5.203  1.00 22.61  ? 45  LYS B CD  1 
ATOM   1110 C  CE  . LYS B 1 45 ? -15.195 -1.936  -3.786  1.00 23.12  ? 45  LYS B CE  1 
ATOM   1111 N  NZ  . LYS B 1 45 ? -14.793 -3.369  -3.702  1.00 35.54  ? 45  LYS B NZ  1 
ATOM   1112 N  N   . MET B 1 46 ? -17.281 2.897   -4.550  1.00 16.03  ? 46  MET B N   1 
ATOM   1113 C  CA  . MET B 1 46 ? -16.638 4.002   -3.856  1.00 19.50  ? 46  MET B CA  1 
ATOM   1114 C  C   . MET B 1 46 ? -15.501 3.396   -3.082  1.00 18.35  ? 46  MET B C   1 
ATOM   1115 O  O   . MET B 1 46 ? -15.681 2.372   -2.414  1.00 18.37  ? 46  MET B O   1 
ATOM   1116 C  CB  . MET B 1 46 ? -17.638 4.671   -2.852  1.00 26.82  ? 46  MET B CB  1 
ATOM   1117 C  CG  . MET B 1 46 ? -18.633 5.652   -3.466  1.00 31.83  ? 46  MET B CG  1 
ATOM   1118 S  SD  . MET B 1 46 ? -17.936 7.304   -3.615  1.00 46.91  ? 46  MET B SD  1 
ATOM   1119 C  CE  . MET B 1 46 ? -18.306 7.959   -1.970  1.00 40.72  ? 46  MET B CE  1 
ATOM   1120 N  N   . ILE B 1 47 ? -14.305 3.957   -3.224  1.00 17.06  ? 47  ILE B N   1 
ATOM   1121 C  CA  . ILE B 1 47 ? -13.152 3.460   -2.487  1.00 16.61  ? 47  ILE B CA  1 
ATOM   1122 C  C   . ILE B 1 47 ? -12.445 4.624   -1.820  1.00 15.39  ? 47  ILE B C   1 
ATOM   1123 O  O   . ILE B 1 47 ? -12.380 5.727   -2.370  1.00 13.35  ? 47  ILE B O   1 
ATOM   1124 C  CB  . ILE B 1 47 ? -12.152 2.653   -3.398  1.00 16.03  ? 47  ILE B CB  1 
ATOM   1125 C  CG1 . ILE B 1 47 ? -11.627 3.504   -4.540  1.00 18.26  ? 47  ILE B CG1 1 
ATOM   1126 C  CG2 . ILE B 1 47 ? -12.791 1.344   -3.847  1.00 14.16  ? 47  ILE B CG2 1 
ATOM   1127 C  CD1 . ILE B 1 47 ? -10.476 2.866   -5.289  1.00 15.36  ? 47  ILE B CD1 1 
ATOM   1128 N  N   . GLY B 1 48 ? -11.968 4.391   -0.604  1.00 14.33  ? 48  GLY B N   1 
ATOM   1129 C  CA  . GLY B 1 48 ? -11.272 5.428   0.133   1.00 14.26  ? 48  GLY B CA  1 
ATOM   1130 C  C   . GLY B 1 48 ? -9.780  5.177   0.271   1.00 15.66  ? 48  GLY B C   1 
ATOM   1131 O  O   . GLY B 1 48 ? -9.342  4.061   0.554   1.00 15.13  ? 48  GLY B O   1 
ATOM   1132 N  N   . GLY B 1 49 ? -8.997  6.218   0.031   1.00 16.04  ? 49  GLY B N   1 
ATOM   1133 C  CA  . GLY B 1 49 ? -7.564  6.127   0.156   1.00 15.66  ? 49  GLY B CA  1 
ATOM   1134 C  C   . GLY B 1 49 ? -7.136  7.042   1.268   1.00 17.52  ? 49  GLY B C   1 
ATOM   1135 O  O   . GLY B 1 49 ? -7.899  7.292   2.202   1.00 19.61  ? 49  GLY B O   1 
ATOM   1136 N  N   . ILE B 1 50 ? -5.946  7.611   1.128   1.00 18.38  ? 50  ILE B N   1 
ATOM   1137 C  CA  . ILE B 1 50 ? -5.392  8.501   2.137   1.00 20.34  ? 50  ILE B CA  1 
ATOM   1138 C  C   . ILE B 1 50 ? -6.064  9.897   2.196   1.00 22.06  ? 50  ILE B C   1 
ATOM   1139 O  O   . ILE B 1 50 ? -6.255  10.445  3.282   1.00 21.80  ? 50  ILE B O   1 
ATOM   1140 C  CB  . ILE B 1 50 ? -3.848  8.688   1.918   1.00 20.07  ? 50  ILE B CB  1 
ATOM   1141 C  CG1 . ILE B 1 50 ? -3.199  9.306   3.159   1.00 20.49  ? 50  ILE B CG1 1 
ATOM   1142 C  CG2 . ILE B 1 50 ? -3.583  9.432   0.622   1.00 14.44  ? 50  ILE B CG2 1 
ATOM   1143 C  CD1 . ILE B 1 50 ? -3.104  8.350   4.319   1.00 20.33  ? 50  ILE B CD1 1 
ATOM   1144 N  N   . GLY B 1 51 ? -6.427  10.438  1.032   1.00 21.14  ? 51  GLY B N   1 
ATOM   1145 C  CA  . GLY B 1 51 ? -7.033  11.759  0.982   1.00 22.92  ? 51  GLY B CA  1 
ATOM   1146 C  C   . GLY B 1 51 ? -8.554  11.808  0.913   1.00 24.04  ? 51  GLY B C   1 
ATOM   1147 O  O   . GLY B 1 51 ? -9.134  12.892  0.887   1.00 24.56  ? 51  GLY B O   1 
ATOM   1148 N  N   . GLY B 1 52 ? -9.195  10.643  0.857   1.00 22.73  ? 52  GLY B N   1 
ATOM   1149 C  CA  . GLY B 1 52 ? -10.643 10.585  0.787   1.00 23.65  ? 52  GLY B CA  1 
ATOM   1150 C  C   . GLY B 1 52 ? -11.165 9.502   -0.139  1.00 21.62  ? 52  GLY B C   1 
ATOM   1151 O  O   . GLY B 1 52 ? -10.439 8.588   -0.518  1.00 20.55  ? 52  GLY B O   1 
ATOM   1152 N  N   . PHE B 1 53 ? -12.428 9.631   -0.522  1.00 23.86  ? 53  PHE B N   1 
ATOM   1153 C  CA  . PHE B 1 53 ? -13.084 8.663   -1.397  1.00 23.88  ? 53  PHE B CA  1 
ATOM   1154 C  C   . PHE B 1 53 ? -13.193 9.113   -2.821  1.00 21.47  ? 53  PHE B C   1 
ATOM   1155 O  O   . PHE B 1 53 ? -13.326 10.307  -3.097  1.00 24.12  ? 53  PHE B O   1 
ATOM   1156 C  CB  . PHE B 1 53 ? -14.508 8.332   -0.869  1.00 23.83  ? 53  PHE B CB  1 
ATOM   1157 C  CG  . PHE B 1 53 ? -14.518 7.466   0.350   1.00 24.94  ? 53  PHE B CG  1 
ATOM   1158 C  CD1 . PHE B 1 53 ? -14.215 7.993   1.608   1.00 27.89  ? 53  PHE B CD1 1 
ATOM   1159 C  CD2 . PHE B 1 53 ? -14.832 6.116   0.243   1.00 27.14  ? 53  PHE B CD2 1 
ATOM   1160 C  CE1 . PHE B 1 53 ? -14.224 7.182   2.736   1.00 31.11  ? 53  PHE B CE1 1 
ATOM   1161 C  CE2 . PHE B 1 53 ? -14.843 5.300   1.363   1.00 29.97  ? 53  PHE B CE2 1 
ATOM   1162 C  CZ  . PHE B 1 53 ? -14.540 5.834   2.613   1.00 29.36  ? 53  PHE B CZ  1 
ATOM   1163 N  N   . ILE B 1 54 ? -13.118 8.156   -3.738  1.00 20.12  ? 54  ILE B N   1 
ATOM   1164 C  CA  . ILE B 1 54 ? -13.251 8.425   -5.165  1.00 17.07  ? 54  ILE B CA  1 
ATOM   1165 C  C   . ILE B 1 54 ? -14.247 7.384   -5.770  1.00 18.28  ? 54  ILE B C   1 
ATOM   1166 O  O   . ILE B 1 54 ? -14.519 6.340   -5.171  1.00 16.01  ? 54  ILE B O   1 
ATOM   1167 C  CB  . ILE B 1 54 ? -11.872 8.338   -5.942  1.00 21.19  ? 54  ILE B CB  1 
ATOM   1168 C  CG1 . ILE B 1 54 ? -11.175 6.954   -5.772  1.00 19.58  ? 54  ILE B CG1 1 
ATOM   1169 C  CG2 . ILE B 1 54 ? -10.967 9.492   -5.541  1.00 23.57  ? 54  ILE B CG2 1 
ATOM   1170 C  CD1 . ILE B 1 54 ? -10.054 6.692   -6.769  1.00 16.84  ? 54  ILE B CD1 1 
ATOM   1171 N  N   . LYS B 1 55 ? -14.783 7.703   -6.938  1.00 19.51  ? 55  LYS B N   1 
ATOM   1172 C  CA  . LYS B 1 55 ? -15.719 6.830   -7.629  1.00 19.13  ? 55  LYS B CA  1 
ATOM   1173 C  C   . LYS B 1 55 ? -14.934 6.114   -8.677  1.00 17.96  ? 55  LYS B C   1 
ATOM   1174 O  O   . LYS B 1 55 ? -14.112 6.722   -9.375  1.00 18.76  ? 55  LYS B O   1 
ATOM   1175 C  CB  . LYS B 1 55 ? -16.856 7.667   -8.308  1.00 21.14  ? 55  LYS B CB  1 
ATOM   1176 C  CG  . LYS B 1 55 ? -17.419 8.848   -7.451  1.00 32.72  ? 55  LYS B CG  1 
ATOM   1177 C  CD  . LYS B 1 55 ? -16.644 10.194  -7.740  1.00 37.25  ? 55  LYS B CD  1 
ATOM   1178 C  CE  . LYS B 1 55 ? -16.942 11.300  -6.696  1.00 37.86  ? 55  LYS B CE  1 
ATOM   1179 N  NZ  . LYS B 1 55 ? -16.426 10.945  -5.348  1.00 39.60  ? 55  LYS B NZ  1 
ATOM   1180 N  N   . VAL B 1 56 ? -15.116 4.803   -8.763  1.00 16.19  ? 56  VAL B N   1 
ATOM   1181 C  CA  . VAL B 1 56 ? -14.419 3.992   -9.765  1.00 14.69  ? 56  VAL B CA  1 
ATOM   1182 C  C   . VAL B 1 56 ? -15.380 3.084   -10.458 1.00 12.94  ? 56  VAL B C   1 
ATOM   1183 O  O   . VAL B 1 56 ? -16.512 2.907   -9.996  1.00 14.75  ? 56  VAL B O   1 
ATOM   1184 C  CB  . VAL B 1 56 ? -13.268 3.112   -9.138  1.00 10.46  ? 56  VAL B CB  1 
ATOM   1185 C  CG1 . VAL B 1 56 ? -12.138 3.996   -8.627  1.00 11.95  ? 56  VAL B CG1 1 
ATOM   1186 C  CG2 . VAL B 1 56 ? -13.803 2.231   -8.020  1.00 6.73   ? 56  VAL B CG2 1 
ATOM   1187 N  N   . ARG B 1 57 ? -14.951 2.535   -11.590 1.00 10.80  ? 57  ARG B N   1 
ATOM   1188 C  CA  . ARG B 1 57 ? -15.765 1.603   -12.349 1.00 10.36  ? 57  ARG B CA  1 
ATOM   1189 C  C   . ARG B 1 57 ? -15.234 0.202   -12.064 1.00 12.63  ? 57  ARG B C   1 
ATOM   1190 O  O   . ARG B 1 57 ? -14.029 -0.033  -12.147 1.00 15.64  ? 57  ARG B O   1 
ATOM   1191 C  CB  . ARG B 1 57 ? -15.667 1.908   -13.838 1.00 7.72   ? 57  ARG B CB  1 
ATOM   1192 C  CG  . ARG B 1 57 ? -15.914 3.374   -14.177 1.00 12.66  ? 57  ARG B CG  1 
ATOM   1193 C  CD  . ARG B 1 57 ? -16.289 3.572   -15.642 1.00 13.97  ? 57  ARG B CD  1 
ATOM   1194 N  NE  . ARG B 1 57 ? -15.348 2.953   -16.566 1.00 19.87  ? 57  ARG B NE  1 
ATOM   1195 C  CZ  . ARG B 1 57 ? -14.208 3.510   -16.966 1.00 21.18  ? 57  ARG B CZ  1 
ATOM   1196 N  NH1 . ARG B 1 57 ? -13.838 4.700   -16.509 1.00 23.42  ? 57  ARG B NH1 1 
ATOM   1197 N  NH2 . ARG B 1 57 ? -13.423 2.859   -17.814 1.00 26.80  ? 57  ARG B NH2 1 
ATOM   1198 N  N   . GLN B 1 58 ? -16.124 -0.718  -11.706 1.00 13.86  ? 58  GLN B N   1 
ATOM   1199 C  CA  . GLN B 1 58 ? -15.750 -2.103  -11.411 1.00 13.12  ? 58  GLN B CA  1 
ATOM   1200 C  C   . GLN B 1 58 ? -15.996 -3.046  -12.557 1.00 15.69  ? 58  GLN B C   1 
ATOM   1201 O  O   . GLN B 1 58 ? -17.114 -3.131  -13.072 1.00 14.15  ? 58  GLN B O   1 
ATOM   1202 C  CB  . GLN B 1 58 ? -16.499 -2.613  -10.167 1.00 14.71  ? 58  GLN B CB  1 
ATOM   1203 C  CG  . GLN B 1 58 ? -16.235 -4.076  -9.845  1.00 14.80  ? 58  GLN B CG  1 
ATOM   1204 C  CD  . GLN B 1 58 ? -16.874 -4.527  -8.542  1.00 14.29  ? 58  GLN B CD  1 
ATOM   1205 O  OE1 . GLN B 1 58 ? -16.854 -3.809  -7.549  1.00 21.02  ? 58  GLN B OE1 1 
ATOM   1206 N  NE2 . GLN B 1 58 ? -17.420 -5.733  -8.537  1.00 18.26  ? 58  GLN B NE2 1 
ATOM   1207 N  N   . TYR B 1 59 ? -14.940 -3.739  -12.967 1.00 12.64  ? 59  TYR B N   1 
ATOM   1208 C  CA  . TYR B 1 59 ? -15.006 -4.717  -14.043 1.00 12.65  ? 59  TYR B CA  1 
ATOM   1209 C  C   . TYR B 1 59 ? -14.618 -6.058  -13.432 1.00 16.54  ? 59  TYR B C   1 
ATOM   1210 O  O   . TYR B 1 59 ? -13.639 -6.154  -12.693 1.00 14.59  ? 59  TYR B O   1 
ATOM   1211 C  CB  . TYR B 1 59 ? -14.034 -4.339  -15.185 1.00 13.12  ? 59  TYR B CB  1 
ATOM   1212 C  CG  . TYR B 1 59 ? -14.383 -3.072  -15.951 1.00 14.52  ? 59  TYR B CG  1 
ATOM   1213 C  CD1 . TYR B 1 59 ? -13.944 -1.826  -15.517 1.00 12.14  ? 59  TYR B CD1 1 
ATOM   1214 C  CD2 . TYR B 1 59 ? -15.149 -3.124  -17.111 1.00 12.84  ? 59  TYR B CD2 1 
ATOM   1215 C  CE1 . TYR B 1 59 ? -14.257 -0.668  -16.215 1.00 12.08  ? 59  TYR B CE1 1 
ATOM   1216 C  CE2 . TYR B 1 59 ? -15.465 -1.960  -17.821 1.00 12.58  ? 59  TYR B CE2 1 
ATOM   1217 C  CZ  . TYR B 1 59 ? -15.016 -0.743  -17.360 1.00 12.03  ? 59  TYR B CZ  1 
ATOM   1218 O  OH  . TYR B 1 59 ? -15.325 0.408   -18.039 1.00 14.15  ? 59  TYR B OH  1 
ATOM   1219 N  N   . ASP B 1 60 ? -15.412 -7.087  -13.696 1.00 15.78  ? 60  ASP B N   1 
ATOM   1220 C  CA  . ASP B 1 60 ? -15.136 -8.413  -13.152 1.00 16.87  ? 60  ASP B CA  1 
ATOM   1221 C  C   . ASP B 1 60 ? -14.555 -9.369  -14.177 1.00 14.82  ? 60  ASP B C   1 
ATOM   1222 O  O   . ASP B 1 60 ? -14.684 -9.155  -15.384 1.00 14.85  ? 60  ASP B O   1 
ATOM   1223 C  CB  . ASP B 1 60 ? -16.413 -9.020  -12.533 1.00 23.43  ? 60  ASP B CB  1 
ATOM   1224 C  CG  . ASP B 1 60 ? -16.978 -8.174  -11.402 1.00 24.43  ? 60  ASP B CG  1 
ATOM   1225 O  OD1 . ASP B 1 60 ? -16.193 -7.600  -10.624 1.00 22.35  ? 60  ASP B OD1 1 
ATOM   1226 O  OD2 . ASP B 1 60 ? -18.219 -8.097  -11.295 1.00 28.93  ? 60  ASP B OD2 1 
ATOM   1227 N  N   . GLN B 1 61 ? -13.927 -10.435 -13.683 1.00 14.58  ? 61  GLN B N   1 
ATOM   1228 C  CA  . GLN B 1 61 ? -13.297 -11.475 -14.495 1.00 17.44  ? 61  GLN B CA  1 
ATOM   1229 C  C   . GLN B 1 61 ? -12.367 -10.987 -15.613 1.00 17.28  ? 61  GLN B C   1 
ATOM   1230 O  O   . GLN B 1 61 ? -12.420 -11.473 -16.754 1.00 20.44  ? 61  GLN B O   1 
ATOM   1231 C  CB  . GLN B 1 61 ? -14.349 -12.480 -15.035 1.00 20.81  ? 61  GLN B CB  1 
ATOM   1232 C  CG  . GLN B 1 61 ? -14.263 -13.867 -14.358 1.00 26.90  ? 61  GLN B CG  1 
ATOM   1233 C  CD  . GLN B 1 61 ? -15.311 -14.842 -14.865 1.00 28.72  ? 61  GLN B CD  1 
ATOM   1234 O  OE1 . GLN B 1 61 ? -15.074 -15.600 -15.804 1.00 26.63  ? 61  GLN B OE1 1 
ATOM   1235 N  NE2 . GLN B 1 61 ? -16.481 -14.829 -14.239 1.00 34.16  ? 61  GLN B NE2 1 
ATOM   1236 N  N   . ILE B 1 62 ? -11.485 -10.057 -15.252 1.00 14.78  ? 62  ILE B N   1 
ATOM   1237 C  CA  . ILE B 1 62 ? -10.515 -9.479  -16.176 1.00 13.79  ? 62  ILE B CA  1 
ATOM   1238 C  C   . ILE B 1 62 ? -9.185  -10.230 -16.060 1.00 13.83  ? 62  ILE B C   1 
ATOM   1239 O  O   . ILE B 1 62 ? -8.684  -10.441 -14.953 1.00 12.99  ? 62  ILE B O   1 
ATOM   1240 C  CB  . ILE B 1 62 ? -10.278 -7.959  -15.862 1.00 12.44  ? 62  ILE B CB  1 
ATOM   1241 C  CG1 . ILE B 1 62 ? -11.634 -7.174  -15.952 1.00 13.20  ? 62  ILE B CG1 1 
ATOM   1242 C  CG2 . ILE B 1 62 ? -9.171  -7.395  -16.756 1.00 12.20  ? 62  ILE B CG2 1 
ATOM   1243 C  CD1 . ILE B 1 62 ? -12.246 -7.130  -17.351 1.00 10.19  ? 62  ILE B CD1 1 
ATOM   1244 N  N   . LEU B 1 63 ? -8.647  -10.664 -17.195 1.00 14.26  ? 63  LEU B N   1 
ATOM   1245 C  CA  . LEU B 1 63 ? -7.379  -11.365 -17.208 1.00 18.43  ? 63  LEU B CA  1 
ATOM   1246 C  C   . LEU B 1 63 ? -6.240  -10.354 -17.184 1.00 19.38  ? 63  LEU B C   1 
ATOM   1247 O  O   . LEU B 1 63 ? -6.239  -9.379  -17.933 1.00 15.33  ? 63  LEU B O   1 
ATOM   1248 C  CB  . LEU B 1 63 ? -7.286  -12.291 -18.444 1.00 23.25  ? 63  LEU B CB  1 
ATOM   1249 C  CG  . LEU B 1 63 ? -6.090  -13.283 -18.810 1.00 27.75  ? 63  LEU B CG  1 
ATOM   1250 C  CD1 . LEU B 1 63 ? -5.021  -12.601 -19.639 1.00 31.56  ? 63  LEU B CD1 1 
ATOM   1251 C  CD2 . LEU B 1 63 ? -5.489  -13.935 -17.580 1.00 26.19  ? 63  LEU B CD2 1 
ATOM   1252 N  N   . ILE B 1 64 ? -5.284  -10.585 -16.294 1.00 19.76  ? 64  ILE B N   1 
ATOM   1253 C  CA  . ILE B 1 64 ? -4.130  -9.712  -16.141 1.00 19.48  ? 64  ILE B CA  1 
ATOM   1254 C  C   . ILE B 1 64 ? -2.941  -10.554 -15.732 1.00 18.64  ? 64  ILE B C   1 
ATOM   1255 O  O   . ILE B 1 64 ? -3.036  -11.378 -14.827 1.00 19.84  ? 64  ILE B O   1 
ATOM   1256 C  CB  . ILE B 1 64 ? -4.421  -8.570  -15.094 1.00 21.56  ? 64  ILE B CB  1 
ATOM   1257 C  CG1 . ILE B 1 64 ? -3.185  -7.714  -14.824 1.00 20.48  ? 64  ILE B CG1 1 
ATOM   1258 C  CG2 . ILE B 1 64 ? -5.099  -9.146  -13.856 1.00 27.29  ? 64  ILE B CG2 1 
ATOM   1259 C  CD1 . ILE B 1 64 ? -3.473  -6.532  -13.927 1.00 23.74  ? 64  ILE B CD1 1 
ATOM   1260 N  N   . GLU B 1 65 ? -1.841  -10.402 -16.455 1.00 16.77  ? 65  GLU B N   1 
ATOM   1261 C  CA  . GLU B 1 65 ? -0.631  -11.151 -16.175 1.00 20.14  ? 65  GLU B CA  1 
ATOM   1262 C  C   . GLU B 1 65 ? 0.319   -10.274 -15.375 1.00 18.69  ? 65  GLU B C   1 
ATOM   1263 O  O   . GLU B 1 65 ? 0.629   -9.157  -15.782 1.00 20.91  ? 65  GLU B O   1 
ATOM   1264 C  CB  . GLU B 1 65 ? 0.012   -11.565 -17.473 1.00 22.17  ? 65  GLU B CB  1 
ATOM   1265 C  CG  . GLU B 1 65 ? 0.941   -12.738 -17.349 1.00 33.58  ? 65  GLU B CG  1 
ATOM   1266 C  CD  . GLU B 1 65 ? 1.784   -12.942 -18.588 1.00 39.96  ? 65  GLU B CD  1 
ATOM   1267 O  OE1 . GLU B 1 65 ? 1.288   -13.545 -19.561 1.00 41.96  ? 65  GLU B OE1 1 
ATOM   1268 O  OE2 . GLU B 1 65 ? 2.946   -12.485 -18.591 1.00 46.53  ? 65  GLU B OE2 1 
ATOM   1269 N  N   . ILE B 1 66 ? 0.751   -10.766 -14.218 1.00 19.62  ? 66  ILE B N   1 
ATOM   1270 C  CA  . ILE B 1 66 ? 1.676   -10.035 -13.349 1.00 22.04  ? 66  ILE B CA  1 
ATOM   1271 C  C   . ILE B 1 66 ? 2.963   -10.860 -13.260 1.00 24.22  ? 66  ILE B C   1 
ATOM   1272 O  O   . ILE B 1 66 ? 2.960   -11.972 -12.724 1.00 24.12  ? 66  ILE B O   1 
ATOM   1273 C  CB  . ILE B 1 66 ? 1.080   -9.867  -11.907 1.00 20.96  ? 66  ILE B CB  1 
ATOM   1274 C  CG1 . ILE B 1 66 ? -0.396  -9.406  -11.970 1.00 21.82  ? 66  ILE B CG1 1 
ATOM   1275 C  CG2 . ILE B 1 66 ? 1.819   -8.765  -11.154 1.00 22.94  ? 66  ILE B CG2 1 
ATOM   1276 C  CD1 . ILE B 1 66 ? -1.186  -9.694  -10.700 1.00 19.19  ? 66  ILE B CD1 1 
ATOM   1277 N  N   . CYS B 1 67 ? 4.045   -10.345 -13.843 1.00 28.65  ? 67  CYS B N   1 
ATOM   1278 C  CA  . CYS B 1 67 ? 5.341   -11.027 -13.848 1.00 31.81  ? 67  CYS B CA  1 
ATOM   1279 C  C   . CYS B 1 67 ? 5.261   -12.446 -14.353 1.00 29.63  ? 67  CYS B C   1 
ATOM   1280 O  O   . CYS B 1 67 ? 5.889   -13.348 -13.803 1.00 34.45  ? 67  CYS B O   1 
ATOM   1281 C  CB  . CYS B 1 67 ? 5.980   -11.017 -12.435 1.00 35.26  ? 67  CYS B CB  1 
ATOM   1282 S  SG  . CYS B 1 67 ? 6.333   -9.377  -11.766 1.00 43.76  ? 67  CYS B SG  1 
ATOM   1283 N  N   . GLY B 1 68 ? 4.477   -12.655 -15.400 1.00 29.66  ? 68  GLY B N   1 
ATOM   1284 C  CA  . GLY B 1 68 ? 4.353   -13.982 -15.964 1.00 28.79  ? 68  GLY B CA  1 
ATOM   1285 C  C   . GLY B 1 68 ? 3.343   -14.868 -15.270 1.00 27.24  ? 68  GLY B C   1 
ATOM   1286 O  O   . GLY B 1 68 ? 3.191   -16.029 -15.635 1.00 31.34  ? 68  GLY B O   1 
ATOM   1287 N  N   . HIS B 1 69 ? 2.677   -14.340 -14.249 1.00 25.71  ? 69  HIS B N   1 
ATOM   1288 C  CA  . HIS B 1 69 ? 1.672   -15.103 -13.522 1.00 25.48  ? 69  HIS B CA  1 
ATOM   1289 C  C   . HIS B 1 69 ? 0.306   -14.609 -13.940 1.00 22.90  ? 69  HIS B C   1 
ATOM   1290 O  O   . HIS B 1 69 ? -0.001  -13.423 -13.807 1.00 19.63  ? 69  HIS B O   1 
ATOM   1291 C  CB  . HIS B 1 69 ? 1.822   -14.924 -11.995 1.00 28.04  ? 69  HIS B CB  1 
ATOM   1292 C  CG  . HIS B 1 69 ? 3.114   -15.445 -11.443 1.00 34.53  ? 69  HIS B CG  1 
ATOM   1293 N  ND1 . HIS B 1 69 ? 3.205   -16.645 -10.772 1.00 38.49  ? 69  HIS B ND1 1 
ATOM   1294 C  CD2 . HIS B 1 69 ? 4.358   -14.918 -11.437 1.00 36.53  ? 69  HIS B CD2 1 
ATOM   1295 C  CE1 . HIS B 1 69 ? 4.449   -16.834 -10.377 1.00 40.64  ? 69  HIS B CE1 1 
ATOM   1296 N  NE2 . HIS B 1 69 ? 5.170   -15.797 -10.771 1.00 40.54  ? 69  HIS B NE2 1 
ATOM   1297 N  N   . LYS B 1 70 ? -0.508  -15.500 -14.486 1.00 22.80  ? 70  LYS B N   1 
ATOM   1298 C  CA  . LYS B 1 70 ? -1.843  -15.122 -14.910 1.00 23.11  ? 70  LYS B CA  1 
ATOM   1299 C  C   . LYS B 1 70 ? -2.781  -15.089 -13.748 1.00 20.16  ? 70  LYS B C   1 
ATOM   1300 O  O   . LYS B 1 70 ? -2.731  -15.954 -12.872 1.00 22.67  ? 70  LYS B O   1 
ATOM   1301 C  CB  . LYS B 1 70 ? -2.369  -16.077 -15.995 1.00 25.85  ? 70  LYS B CB  1 
ATOM   1302 C  CG  . LYS B 1 70 ? -1.773  -15.829 -17.385 1.00 29.80  ? 70  LYS B CG  1 
ATOM   1303 C  CD  . LYS B 1 70 ? -2.542  -16.599 -18.475 1.00 35.51  ? 70  LYS B CD  1 
ATOM   1304 C  CE  . LYS B 1 70 ? -2.059  -16.211 -19.890 1.00 38.57  ? 70  LYS B CE  1 
ATOM   1305 N  NZ  . LYS B 1 70 ? -2.892  -16.818 -20.976 1.00 40.60  ? 70  LYS B NZ  1 
ATOM   1306 N  N   . ALA B 1 71 ? -3.600  -14.047 -13.704 1.00 17.08  ? 71  ALA B N   1 
ATOM   1307 C  CA  . ALA B 1 71 ? -4.604  -13.868 -12.662 1.00 15.37  ? 71  ALA B CA  1 
ATOM   1308 C  C   . ALA B 1 71 ? -5.866  -13.418 -13.362 1.00 16.35  ? 71  ALA B C   1 
ATOM   1309 O  O   . ALA B 1 71 ? -5.799  -12.837 -14.448 1.00 18.25  ? 71  ALA B O   1 
ATOM   1310 C  CB  . ALA B 1 71 ? -4.153  -12.814 -11.654 1.00 11.50  ? 71  ALA B CB  1 
ATOM   1311 N  N   . ILE B 1 72 ? -7.023  -13.762 -12.806 1.00 13.43  ? 72  ILE B N   1 
ATOM   1312 C  CA  . ILE B 1 72 ? -8.295  -13.353 -13.388 1.00 14.06  ? 72  ILE B CA  1 
ATOM   1313 C  C   . ILE B 1 72 ? -9.122  -12.875 -12.268 1.00 12.45  ? 72  ILE B C   1 
ATOM   1314 O  O   . ILE B 1 72 ? -9.463  -13.648 -11.372 1.00 12.11  ? 72  ILE B O   1 
ATOM   1315 C  CB  . ILE B 1 72 ? -9.041  -14.540 -14.126 1.00 14.16  ? 72  ILE B CB  1 
ATOM   1316 C  CG1 . ILE B 1 72 ? -8.187  -15.074 -15.293 1.00 12.92  ? 72  ILE B CG1 1 
ATOM   1317 C  CG2 . ILE B 1 72 ? -10.356 -14.033 -14.759 1.00 13.06  ? 72  ILE B CG2 1 
ATOM   1318 C  CD1 . ILE B 1 72 ? -8.708  -16.358 -15.895 1.00 16.11  ? 72  ILE B CD1 1 
ATOM   1319 N  N   . GLY B 1 73 ? -9.446  -11.584 -12.268 1.00 10.38  ? 73  GLY B N   1 
ATOM   1320 C  CA  . GLY B 1 73 ? -10.247 -11.053 -11.186 1.00 9.97   ? 73  GLY B CA  1 
ATOM   1321 C  C   . GLY B 1 73 ? -10.833 -9.673  -11.383 1.00 9.85   ? 73  GLY B C   1 
ATOM   1322 O  O   . GLY B 1 73 ? -10.856 -9.146  -12.496 1.00 12.39  ? 73  GLY B O   1 
ATOM   1323 N  N   . THR B 1 74 ? -11.296 -9.090  -10.282 1.00 9.52   ? 74  THR B N   1 
ATOM   1324 C  CA  . THR B 1 74 ? -11.901 -7.769  -10.289 1.00 9.28   ? 74  THR B CA  1 
ATOM   1325 C  C   . THR B 1 74 ? -10.881 -6.645  -10.329 1.00 11.05  ? 74  THR B C   1 
ATOM   1326 O  O   . THR B 1 74 ? -9.940  -6.593  -9.533  1.00 10.34  ? 74  THR B O   1 
ATOM   1327 C  CB  . THR B 1 74 ? -12.845 -7.601  -9.082  1.00 10.13  ? 74  THR B CB  1 
ATOM   1328 O  OG1 . THR B 1 74 ? -13.883 -8.582  -9.157  1.00 15.08  ? 74  THR B OG1 1 
ATOM   1329 C  CG2 . THR B 1 74 ? -13.459 -6.216  -9.057  1.00 10.30  ? 74  THR B CG2 1 
ATOM   1330 N  N   . VAL B 1 75 ? -11.082 -5.750  -11.281 1.00 9.22   ? 75  VAL B N   1 
ATOM   1331 C  CA  . VAL B 1 75 ? -10.215 -4.610  -11.486 1.00 11.17  ? 75  VAL B CA  1 
ATOM   1332 C  C   . VAL B 1 75 ? -11.109 -3.362  -11.439 1.00 14.17  ? 75  VAL B C   1 
ATOM   1333 O  O   . VAL B 1 75 ? -12.242 -3.389  -11.913 1.00 15.00  ? 75  VAL B O   1 
ATOM   1334 C  CB  . VAL B 1 75 ? -9.497  -4.739  -12.885 1.00 12.52  ? 75  VAL B CB  1 
ATOM   1335 C  CG1 . VAL B 1 75 ? -8.737  -3.473  -13.229 1.00 18.79  ? 75  VAL B CG1 1 
ATOM   1336 C  CG2 . VAL B 1 75 ? -8.559  -5.932  -12.882 1.00 13.76  ? 75  VAL B CG2 1 
ATOM   1337 N  N   . LEU B 1 76 ? -10.629 -2.313  -10.786 1.00 13.11  ? 76  LEU B N   1 
ATOM   1338 C  CA  . LEU B 1 76 ? -11.357 -1.053  -10.673 1.00 11.14  ? 76  LEU B CA  1 
ATOM   1339 C  C   . LEU B 1 76 ? -10.582 -0.041  -11.483 1.00 13.78  ? 76  LEU B C   1 
ATOM   1340 O  O   . LEU B 1 76 ? -9.345  -0.043  -11.480 1.00 11.23  ? 76  LEU B O   1 
ATOM   1341 C  CB  . LEU B 1 76 ? -11.443 -0.587  -9.165  1.00 10.75  ? 76  LEU B CB  1 
ATOM   1342 C  CG  . LEU B 1 76 ? -11.902 -1.588  -8.065  1.00 9.96   ? 76  LEU B CG  1 
ATOM   1343 C  CD1 . LEU B 1 76 ? -11.811 -0.902  -6.703  1.00 11.53  ? 76  LEU B CD1 1 
ATOM   1344 C  CD2 . LEU B 1 76 ? -13.305 -2.115  -8.299  1.00 11.83  ? 76  LEU B CD2 1 
ATOM   1345 N  N   . VAL B 1 77 ? -11.304 0.803   -12.216 1.00 12.77  ? 77  VAL B N   1 
ATOM   1346 C  CA  . VAL B 1 77 ? -10.706 1.827   -13.060 1.00 11.02  ? 77  VAL B CA  1 
ATOM   1347 C  C   . VAL B 1 77 ? -11.179 3.217   -12.586 1.00 15.63  ? 77  VAL B C   1 
ATOM   1348 O  O   . VAL B 1 77 ? -12.383 3.478   -12.472 1.00 12.27  ? 77  VAL B O   1 
ATOM   1349 C  CB  . VAL B 1 77 ? -11.086 1.602   -14.546 1.00 11.87  ? 77  VAL B CB  1 
ATOM   1350 C  CG1 . VAL B 1 77 ? -10.485 2.688   -15.437 1.00 10.76  ? 77  VAL B CG1 1 
ATOM   1351 C  CG2 . VAL B 1 77 ? -10.629 0.239   -14.992 1.00 12.96  ? 77  VAL B CG2 1 
ATOM   1352 N  N   . GLY B 1 78 ? -10.214 4.085   -12.298 1.00 13.14  ? 78  GLY B N   1 
ATOM   1353 C  CA  . GLY B 1 78 ? -10.520 5.419   -11.837 1.00 12.03  ? 78  GLY B CA  1 
ATOM   1354 C  C   . GLY B 1 78 ? -9.286  6.297   -11.750 1.00 15.51  ? 78  GLY B C   1 
ATOM   1355 O  O   . GLY B 1 78 ? -8.205  5.904   -12.202 1.00 13.17  ? 78  GLY B O   1 
ATOM   1356 N  N   . PRO B 1 79 ? -9.418  7.510   -11.188 1.00 17.27  ? 79  PRO B N   1 
ATOM   1357 C  CA  . PRO B 1 79 ? -8.306  8.461   -11.044 1.00 18.35  ? 79  PRO B CA  1 
ATOM   1358 C  C   . PRO B 1 79 ? -7.308  8.058   -9.969  1.00 16.63  ? 79  PRO B C   1 
ATOM   1359 O  O   . PRO B 1 79 ? -7.438  8.437   -8.805  1.00 21.50  ? 79  PRO B O   1 
ATOM   1360 C  CB  . PRO B 1 79 ? -9.021  9.783   -10.712 1.00 20.09  ? 79  PRO B CB  1 
ATOM   1361 C  CG  . PRO B 1 79 ? -10.218 9.336   -9.952  1.00 18.49  ? 79  PRO B CG  1 
ATOM   1362 C  CD  . PRO B 1 79 ? -10.690 8.127   -10.752 1.00 17.79  ? 79  PRO B CD  1 
ATOM   1363 N  N   . THR B 1 80 ? -6.307  7.293   -10.376 1.00 18.60  ? 80  THR B N   1 
ATOM   1364 C  CA  . THR B 1 80 ? -5.273  6.835   -9.469  1.00 16.19  ? 80  THR B CA  1 
ATOM   1365 C  C   . THR B 1 80 ? -3.919  7.367   -9.970  1.00 14.15  ? 80  THR B C   1 
ATOM   1366 O  O   . THR B 1 80 ? -3.726  7.565   -11.171 1.00 14.79  ? 80  THR B O   1 
ATOM   1367 C  CB  . THR B 1 80 ? -5.285  5.274   -9.347  1.00 13.33  ? 80  THR B CB  1 
ATOM   1368 O  OG1 . THR B 1 80 ? -4.214  4.852   -8.496  1.00 14.28  ? 80  THR B OG1 1 
ATOM   1369 C  CG2 . THR B 1 80 ? -5.155  4.620   -10.716 1.00 13.08  ? 80  THR B CG2 1 
ATOM   1370 N  N   . PRO B 1 81 ? -2.996  7.692   -9.045  1.00 15.49  ? 81  PRO B N   1 
ATOM   1371 C  CA  . PRO B 1 81 ? -1.669  8.210   -9.391  1.00 14.29  ? 81  PRO B CA  1 
ATOM   1372 C  C   . PRO B 1 81 ? -0.787  7.203   -10.140 1.00 16.16  ? 81  PRO B C   1 
ATOM   1373 O  O   . PRO B 1 81 ? 0.065   7.584   -10.941 1.00 19.61  ? 81  PRO B O   1 
ATOM   1374 C  CB  . PRO B 1 81 ? -1.067  8.529   -8.040  1.00 15.02  ? 81  PRO B CB  1 
ATOM   1375 C  CG  . PRO B 1 81 ? -2.265  8.796   -7.169  1.00 18.77  ? 81  PRO B CG  1 
ATOM   1376 C  CD  . PRO B 1 81 ? -3.185  7.691   -7.586  1.00 13.68  ? 81  PRO B CD  1 
ATOM   1377 N  N   . VAL B 1 82 ? -1.026  5.915   -9.897  1.00 15.29  ? 82  VAL B N   1 
ATOM   1378 C  CA  . VAL B 1 82 ? -0.261  4.846   -10.524 1.00 14.38  ? 82  VAL B CA  1 
ATOM   1379 C  C   . VAL B 1 82 ? -1.160  3.583   -10.588 1.00 14.08  ? 82  VAL B C   1 
ATOM   1380 O  O   . VAL B 1 82 ? -2.189  3.527   -9.904  1.00 12.14  ? 82  VAL B O   1 
ATOM   1381 C  CB  . VAL B 1 82 ? 1.013   4.529   -9.661  1.00 17.36  ? 82  VAL B CB  1 
ATOM   1382 C  CG1 . VAL B 1 82 ? 0.617   3.795   -8.378  1.00 12.89  ? 82  VAL B CG1 1 
ATOM   1383 C  CG2 . VAL B 1 82 ? 2.024   3.729   -10.466 1.00 23.69  ? 82  VAL B CG2 1 
ATOM   1384 N  N   . ASN B 1 83 ? -0.811  2.611   -11.432 1.00 9.97   ? 83  ASN B N   1 
ATOM   1385 C  CA  . ASN B 1 83 ? -1.582  1.372   -11.483 1.00 10.88  ? 83  ASN B CA  1 
ATOM   1386 C  C   . ASN B 1 83 ? -1.243  0.596   -10.167 1.00 11.76  ? 83  ASN B C   1 
ATOM   1387 O  O   . ASN B 1 83 ? -0.079  0.433   -9.827  1.00 11.59  ? 83  ASN B O   1 
ATOM   1388 C  CB  . ASN B 1 83 ? -1.226  0.548   -12.727 1.00 9.56   ? 83  ASN B CB  1 
ATOM   1389 C  CG  . ASN B 1 83 ? -1.656  1.222   -14.008 1.00 13.84  ? 83  ASN B CG  1 
ATOM   1390 O  OD1 . ASN B 1 83 ? -2.827  1.554   -14.182 1.00 13.60  ? 83  ASN B OD1 1 
ATOM   1391 N  ND2 . ASN B 1 83 ? -0.715  1.457   -14.902 1.00 14.31  ? 83  ASN B ND2 1 
ATOM   1392 N  N   . ILE B 1 84 ? -2.270  0.174   -9.439  1.00 10.43  ? 84  ILE B N   1 
ATOM   1393 C  CA  . ILE B 1 84 ? -2.113  -0.517  -8.163  1.00 11.57  ? 84  ILE B CA  1 
ATOM   1394 C  C   . ILE B 1 84 ? -2.627  -1.966  -8.193  1.00 12.19  ? 84  ILE B C   1 
ATOM   1395 O  O   . ILE B 1 84 ? -3.760  -2.218  -8.594  1.00 11.44  ? 84  ILE B O   1 
ATOM   1396 C  CB  . ILE B 1 84 ? -2.896  0.264   -7.029  1.00 9.53   ? 84  ILE B CB  1 
ATOM   1397 C  CG1 . ILE B 1 84 ? -2.290  1.644   -6.820  1.00 10.12  ? 84  ILE B CG1 1 
ATOM   1398 C  CG2 . ILE B 1 84 ? -2.950  -0.549  -5.739  1.00 8.70   ? 84  ILE B CG2 1 
ATOM   1399 C  CD1 . ILE B 1 84 ? -3.171  2.583   -6.012  1.00 15.65  ? 84  ILE B CD1 1 
ATOM   1400 N  N   . ILE B 1 85 ? -1.779  -2.903  -7.770  1.00 10.25  ? 85  ILE B N   1 
ATOM   1401 C  CA  . ILE B 1 85 ? -2.154  -4.310  -7.684  1.00 9.62   ? 85  ILE B CA  1 
ATOM   1402 C  C   . ILE B 1 85 ? -2.394  -4.529  -6.198  1.00 12.92  ? 85  ILE B C   1 
ATOM   1403 O  O   . ILE B 1 85 ? -1.470  -4.394  -5.377  1.00 12.73  ? 85  ILE B O   1 
ATOM   1404 C  CB  . ILE B 1 85 ? -1.017  -5.280  -8.201  1.00 8.60   ? 85  ILE B CB  1 
ATOM   1405 C  CG1 . ILE B 1 85 ? -0.557  -4.900  -9.652  1.00 11.21  ? 85  ILE B CG1 1 
ATOM   1406 C  CG2 . ILE B 1 85 ? -1.471  -6.741  -8.066  1.00 6.70   ? 85  ILE B CG2 1 
ATOM   1407 C  CD1 . ILE B 1 85 ? -1.642  -5.006  -10.722 1.00 11.15  ? 85  ILE B CD1 1 
ATOM   1408 N  N   . GLY B 1 86 ? -3.652  -4.776  -5.854  1.00 9.14   ? 86  GLY B N   1 
ATOM   1409 C  CA  . GLY B 1 86 ? -4.027  -4.966  -4.475  1.00 7.30   ? 86  GLY B CA  1 
ATOM   1410 C  C   . GLY B 1 86 ? -4.068  -6.408  -4.036  1.00 6.46   ? 86  GLY B C   1 
ATOM   1411 O  O   . GLY B 1 86 ? -3.790  -7.313  -4.812  1.00 8.09   ? 86  GLY B O   1 
ATOM   1412 N  N   . ARG B 1 87 ? -4.503  -6.616  -2.802  1.00 8.44   ? 87  ARG B N   1 
ATOM   1413 C  CA  . ARG B 1 87 ? -4.571  -7.948  -2.219  1.00 9.71   ? 87  ARG B CA  1 
ATOM   1414 C  C   . ARG B 1 87 ? -5.383  -8.964  -2.942  1.00 11.39  ? 87  ARG B C   1 
ATOM   1415 O  O   . ARG B 1 87 ? -5.042  -10.150 -2.932  1.00 9.98   ? 87  ARG B O   1 
ATOM   1416 C  CB  . ARG B 1 87 ? -5.003  -7.865  -0.774  1.00 12.20  ? 87  ARG B CB  1 
ATOM   1417 C  CG  . ARG B 1 87 ? -3.942  -7.215  0.161   1.00 8.18   ? 87  ARG B CG  1 
ATOM   1418 C  CD  . ARG B 1 87 ? -4.307  -7.412  1.645   1.00 9.99   ? 87  ARG B CD  1 
ATOM   1419 N  NE  . ARG B 1 87 ? -5.579  -6.779  2.005   1.00 14.45  ? 87  ARG B NE  1 
ATOM   1420 C  CZ  . ARG B 1 87 ? -6.724  -7.435  2.172   1.00 14.57  ? 87  ARG B CZ  1 
ATOM   1421 N  NH1 . ARG B 1 87 ? -6.789  -8.749  2.006   1.00 11.46  ? 87  ARG B NH1 1 
ATOM   1422 N  NH2 . ARG B 1 87 ? -7.819  -6.765  2.500   1.00 18.35  ? 87  ARG B NH2 1 
ATOM   1423 N  N   . ASN B 1 88 ? -6.441  -8.534  -3.625  1.00 10.23  ? 88  ASN B N   1 
ATOM   1424 C  CA  . ASN B 1 88 ? -7.296  -9.478  -4.347  1.00 10.87  ? 88  ASN B CA  1 
ATOM   1425 C  C   . ASN B 1 88 ? -6.501  -10.263 -5.444  1.00 9.94   ? 88  ASN B C   1 
ATOM   1426 O  O   . ASN B 1 88 ? -6.762  -11.435 -5.682  1.00 13.42  ? 88  ASN B O   1 
ATOM   1427 C  CB  . ASN B 1 88 ? -8.551  -8.743  -4.967  1.00 9.51   ? 88  ASN B CB  1 
ATOM   1428 C  CG  . ASN B 1 88 ? -8.190  -7.828  -6.126  1.00 9.51   ? 88  ASN B CG  1 
ATOM   1429 O  OD1 . ASN B 1 88 ? -7.377  -6.917  -5.979  1.00 9.87   ? 88  ASN B OD1 1 
ATOM   1430 N  ND2 . ASN B 1 88 ? -8.781  -8.074  -7.290  1.00 8.06   ? 88  ASN B ND2 1 
ATOM   1431 N  N   . LEU B 1 89 ? -5.522  -9.614  -6.065  1.00 9.02   ? 89  LEU B N   1 
ATOM   1432 C  CA  . LEU B 1 89 ? -4.714  -10.258 -7.099  1.00 8.66   ? 89  LEU B CA  1 
ATOM   1433 C  C   . LEU B 1 89 ? -3.392  -10.765 -6.548  1.00 8.62   ? 89  LEU B C   1 
ATOM   1434 O  O   . LEU B 1 89 ? -2.806  -11.698 -7.090  1.00 8.53   ? 89  LEU B O   1 
ATOM   1435 C  CB  . LEU B 1 89 ? -4.460  -9.314  -8.273  1.00 9.53   ? 89  LEU B CB  1 
ATOM   1436 C  CG  . LEU B 1 89 ? -5.757  -8.963  -9.020  1.00 9.55   ? 89  LEU B CG  1 
ATOM   1437 C  CD1 . LEU B 1 89 ? -5.292  -8.161  -10.209 1.00 10.71  ? 89  LEU B CD1 1 
ATOM   1438 C  CD2 . LEU B 1 89 ? -6.577  -10.155 -9.493  1.00 12.20  ? 89  LEU B CD2 1 
ATOM   1439 N  N   . LEU B 1 90 ? -2.917  -10.154 -5.467  1.00 9.50   ? 90  LEU B N   1 
ATOM   1440 C  CA  . LEU B 1 90 ? -1.663  -10.583 -4.838  1.00 12.12  ? 90  LEU B CA  1 
ATOM   1441 C  C   . LEU B 1 90 ? -1.839  -11.995 -4.270  1.00 10.33  ? 90  LEU B C   1 
ATOM   1442 O  O   . LEU B 1 90 ? -0.943  -12.823 -4.368  1.00 11.35  ? 90  LEU B O   1 
ATOM   1443 C  CB  . LEU B 1 90 ? -1.199  -9.583  -3.698  1.00 10.44  ? 90  LEU B CB  1 
ATOM   1444 C  CG  . LEU B 1 90 ? -0.750  -8.148  -4.165  1.00 11.87  ? 90  LEU B CG  1 
ATOM   1445 C  CD1 . LEU B 1 90 ? -0.345  -7.336  -2.945  1.00 9.33   ? 90  LEU B CD1 1 
ATOM   1446 C  CD2 . LEU B 1 90 ? 0.394   -8.183  -5.186  1.00 10.09  ? 90  LEU B CD2 1 
ATOM   1447 N  N   . THR B 1 91 ? -3.014  -12.280 -3.718  1.00 11.06  ? 91  THR B N   1 
ATOM   1448 C  CA  . THR B 1 91 ? -3.298  -13.603 -3.165  1.00 12.08  ? 91  THR B CA  1 
ATOM   1449 C  C   . THR B 1 91 ? -3.349  -14.678 -4.261  1.00 14.78  ? 91  THR B C   1 
ATOM   1450 O  O   . THR B 1 91 ? -2.972  -15.828 -4.026  1.00 15.67  ? 91  THR B O   1 
ATOM   1451 C  CB  . THR B 1 91 ? -4.618  -13.610 -2.402  1.00 14.93  ? 91  THR B CB  1 
ATOM   1452 O  OG1 . THR B 1 91 ? -5.639  -13.014 -3.212  1.00 15.23  ? 91  THR B OG1 1 
ATOM   1453 C  CG2 . THR B 1 91 ? -4.490  -12.824 -1.112  1.00 11.92  ? 91  THR B CG2 1 
ATOM   1454 N  N   . GLN B 1 92 ? -3.812  -14.298 -5.452  1.00 13.46  ? 92  GLN B N   1 
ATOM   1455 C  CA  . GLN B 1 92 ? -3.896  -15.230 -6.569  1.00 15.52  ? 92  GLN B CA  1 
ATOM   1456 C  C   . GLN B 1 92 ? -2.511  -15.669 -7.055  1.00 17.30  ? 92  GLN B C   1 
ATOM   1457 O  O   . GLN B 1 92 ? -2.322  -16.831 -7.412  1.00 19.53  ? 92  GLN B O   1 
ATOM   1458 C  CB  . GLN B 1 92 ? -4.682  -14.635 -7.735  1.00 15.01  ? 92  GLN B CB  1 
ATOM   1459 C  CG  . GLN B 1 92 ? -6.154  -14.449 -7.481  1.00 13.81  ? 92  GLN B CG  1 
ATOM   1460 C  CD  . GLN B 1 92 ? -6.950  -14.244 -8.759  1.00 14.66  ? 92  GLN B CD  1 
ATOM   1461 O  OE1 . GLN B 1 92 ? -6.502  -14.591 -9.858  1.00 15.29  ? 92  GLN B OE1 1 
ATOM   1462 N  NE2 . GLN B 1 92 ? -8.138  -13.681 -8.624  1.00 14.85  ? 92  GLN B NE2 1 
ATOM   1463 N  N   . ILE B 1 93 ? -1.547  -14.748 -7.072  1.00 17.08  ? 93  ILE B N   1 
ATOM   1464 C  CA  . ILE B 1 93 ? -0.193  -15.090 -7.512  1.00 16.87  ? 93  ILE B CA  1 
ATOM   1465 C  C   . ILE B 1 93 ? 0.675   -15.669 -6.361  1.00 16.05  ? 93  ILE B C   1 
ATOM   1466 O  O   . ILE B 1 93 ? 1.848   -15.971 -6.555  1.00 19.35  ? 93  ILE B O   1 
ATOM   1467 C  CB  . ILE B 1 93 ? 0.563   -13.868 -8.223  1.00 13.94  ? 93  ILE B CB  1 
ATOM   1468 C  CG1 . ILE B 1 93 ? 0.907   -12.720 -7.264  1.00 14.46  ? 93  ILE B CG1 1 
ATOM   1469 C  CG2 . ILE B 1 93 ? -0.229  -13.402 -9.437  1.00 13.97  ? 93  ILE B CG2 1 
ATOM   1470 C  CD1 . ILE B 1 93 ? 1.735   -11.610 -7.913  1.00 16.38  ? 93  ILE B CD1 1 
ATOM   1471 N  N   . GLY B 1 94 ? 0.074   -15.819 -5.185  1.00 13.36  ? 94  GLY B N   1 
ATOM   1472 C  CA  . GLY B 1 94 ? 0.765   -16.377 -4.036  1.00 16.75  ? 94  GLY B CA  1 
ATOM   1473 C  C   . GLY B 1 94 ? 1.764   -15.470 -3.344  1.00 15.97  ? 94  GLY B C   1 
ATOM   1474 O  O   . GLY B 1 94 ? 2.761   -15.935 -2.808  1.00 18.27  ? 94  GLY B O   1 
ATOM   1475 N  N   . CYS B 1 95 ? 1.460   -14.186 -3.287  1.00 15.07  ? 95  CYS B N   1 
ATOM   1476 C  CA  . CYS B 1 95 ? 2.346   -13.216 -2.671  1.00 15.67  ? 95  CYS B CA  1 
ATOM   1477 C  C   . CYS B 1 95 ? 2.215   -13.136 -1.162  1.00 15.79  ? 95  CYS B C   1 
ATOM   1478 O  O   . CYS B 1 95 ? 1.104   -13.149 -0.618  1.00 15.65  ? 95  CYS B O   1 
ATOM   1479 C  CB  . CYS B 1 95 ? 2.092   -11.848 -3.310  1.00 19.85  ? 95  CYS B CB  1 
ATOM   1480 S  SG  . CYS B 1 95 ? 3.408   -10.642 -3.129  1.00 25.39  ? 95  CYS B SG  1 
ATOM   1481 N  N   . THR B 1 96 ? 3.359   -13.092 -0.483  1.00 13.18  ? 96  THR B N   1 
ATOM   1482 C  CA  . THR B 1 96 ? 3.404   -12.977 0.969   1.00 13.12  ? 96  THR B CA  1 
ATOM   1483 C  C   . THR B 1 96 ? 4.463   -11.973 1.376   1.00 12.53  ? 96  THR B C   1 
ATOM   1484 O  O   . THR B 1 96 ? 5.320   -11.585 0.573   1.00 14.05  ? 96  THR B O   1 
ATOM   1485 C  CB  . THR B 1 96 ? 3.769   -14.354 1.681   1.00 16.98  ? 96  THR B CB  1 
ATOM   1486 O  OG1 . THR B 1 96 ? 5.050   -14.817 1.231   1.00 18.32  ? 96  THR B OG1 1 
ATOM   1487 C  CG2 . THR B 1 96 ? 2.719   -15.420 1.410   1.00 15.69  ? 96  THR B CG2 1 
ATOM   1488 N  N   . LEU B 1 97 ? 4.386   -11.541 2.628   1.00 13.69  ? 97  LEU B N   1 
ATOM   1489 C  CA  . LEU B 1 97 ? 5.347   -10.615 3.212   1.00 16.31  ? 97  LEU B CA  1 
ATOM   1490 C  C   . LEU B 1 97 ? 6.171   -11.437 4.172   1.00 15.76  ? 97  LEU B C   1 
ATOM   1491 O  O   . LEU B 1 97 ? 5.628   -12.265 4.906   1.00 17.51  ? 97  LEU B O   1 
ATOM   1492 C  CB  . LEU B 1 97 ? 4.618   -9.472  3.993   1.00 16.53  ? 97  LEU B CB  1 
ATOM   1493 C  CG  . LEU B 1 97 ? 4.074   -8.294  3.186   1.00 16.95  ? 97  LEU B CG  1 
ATOM   1494 C  CD1 . LEU B 1 97 ? 3.269   -7.399  4.105   1.00 14.83  ? 97  LEU B CD1 1 
ATOM   1495 C  CD2 . LEU B 1 97 ? 5.214   -7.516  2.543   1.00 15.30  ? 97  LEU B CD2 1 
ATOM   1496 N  N   . ASN B 1 98 ? 7.486   -11.238 4.169   1.00 18.42  ? 98  ASN B N   1 
ATOM   1497 C  CA  . ASN B 1 98 ? 8.366   -11.993 5.054   1.00 20.27  ? 98  ASN B CA  1 
ATOM   1498 C  C   . ASN B 1 98 ? 9.422   -11.121 5.737   1.00 20.38  ? 98  ASN B C   1 
ATOM   1499 O  O   . ASN B 1 98 ? 9.941   -10.180 5.139   1.00 20.86  ? 98  ASN B O   1 
ATOM   1500 C  CB  . ASN B 1 98 ? 9.079   -13.113 4.266   1.00 20.30  ? 98  ASN B CB  1 
ATOM   1501 C  CG  . ASN B 1 98 ? 8.117   -14.047 3.577   1.00 21.83  ? 98  ASN B CG  1 
ATOM   1502 O  OD1 . ASN B 1 98 ? 7.507   -13.689 2.565   1.00 22.13  ? 98  ASN B OD1 1 
ATOM   1503 N  ND2 . ASN B 1 98 ? 7.970   -15.249 4.111   1.00 20.87  ? 98  ASN B ND2 1 
ATOM   1504 N  N   . PHE B 1 99 ? 9.729   -11.439 6.992   1.00 21.30  ? 99  PHE B N   1 
ATOM   1505 C  CA  . PHE B 1 99 ? 10.759  -10.724 7.754   1.00 22.80  ? 99  PHE B CA  1 
ATOM   1506 C  C   . PHE B 1 99 ? 11.160  -11.452 9.046   1.00 23.35  ? 99  PHE B C   1 
ATOM   1507 O  O   . PHE B 1 99 ? 10.492  -12.463 9.356   1.00 24.96  ? 99  PHE B O   1 
ATOM   1508 C  CB  . PHE B 1 99 ? 10.348  -9.258  8.063   1.00 21.44  ? 99  PHE B CB  1 
ATOM   1509 C  CG  . PHE B 1 99 ? 9.164   -9.123  8.972   1.00 24.00  ? 99  PHE B CG  1 
ATOM   1510 C  CD1 . PHE B 1 99 ? 9.331   -9.059  10.363  1.00 25.69  ? 99  PHE B CD1 1 
ATOM   1511 C  CD2 . PHE B 1 99 ? 7.881   -8.991  8.440   1.00 24.66  ? 99  PHE B CD2 1 
ATOM   1512 C  CE1 . PHE B 1 99 ? 8.233   -8.856  11.201  1.00 28.18  ? 99  PHE B CE1 1 
ATOM   1513 C  CE2 . PHE B 1 99 ? 6.784   -8.790  9.270   1.00 25.62  ? 99  PHE B CE2 1 
ATOM   1514 C  CZ  . PHE B 1 99 ? 6.960   -8.721  10.651  1.00 25.60  ? 99  PHE B CZ  1 
HETATM 1515 C  C1  . 3IN C 2 .  ? -0.090  6.700   -2.921  1.00 12.91  ? 902 3IN B C1  1 
HETATM 1516 C  C2  . 3IN C 2 .  ? 0.103   5.659   -1.807  1.00 9.05   ? 902 3IN B C2  1 
HETATM 1517 C  C3  . 3IN C 2 .  ? -0.193  6.303   -0.488  1.00 12.73  ? 902 3IN B C3  1 
HETATM 1518 O  O4  . 3IN C 2 .  ? -7.294  -0.270  0.613   1.00 15.13  ? 902 3IN B O4  1 
HETATM 1519 O  O5  . 3IN C 2 .  ? 1.613   5.860   -5.986  1.00 24.93  ? 902 3IN B O5  1 
HETATM 1520 N  N6  . 3IN C 2 .  ? 1.043   9.118   -4.901  1.00 25.89  ? 902 3IN B N6  1 
HETATM 1521 C  C7  . 3IN C 2 .  ? 0.333   8.737   1.364   1.00 11.67  ? 902 3IN B C7  1 
HETATM 1522 C  C8  . 3IN C 2 .  ? -0.487  3.876   -3.385  1.00 10.69  ? 902 3IN B C8  1 
HETATM 1523 C  C9  . 3IN C 2 .  ? -0.586  4.924   -4.495  1.00 15.72  ? 902 3IN B C9  1 
HETATM 1524 C  C10 . 3IN C 2 .  ? -0.557  3.338   -1.170  1.00 8.93   ? 902 3IN B C10 1 
HETATM 1525 C  C11 . 3IN C 2 .  ? -1.807  2.765   -0.514  1.00 6.53   ? 902 3IN B C11 1 
HETATM 1526 C  C12 . 3IN C 2 .  ? -2.424  3.477   0.672   1.00 6.34   ? 902 3IN B C12 1 
HETATM 1527 C  C13 . 3IN C 2 .  ? -3.721  2.762   1.175   1.00 9.36   ? 902 3IN B C13 1 
HETATM 1528 C  C14 . 3IN C 2 .  ? -4.122  3.463   2.487   1.00 12.05  ? 902 3IN B C14 1 
HETATM 1529 C  C15 . 3IN C 2 .  ? -5.410  2.940   3.052   1.00 13.33  ? 902 3IN B C15 1 
HETATM 1530 C  C16 . 3IN C 2 .  ? -5.572  1.605   3.455   1.00 12.59  ? 902 3IN B C16 1 
HETATM 1531 C  C19 . 3IN C 2 .  ? -7.684  3.473   3.731   1.00 15.84  ? 902 3IN B C19 1 
HETATM 1532 C  C20 . 3IN C 2 .  ? -6.476  3.874   3.146   1.00 16.68  ? 902 3IN B C20 1 
HETATM 1533 C  C21 . 3IN C 2 .  ? -4.873  2.892   0.094   1.00 10.48  ? 902 3IN B C21 1 
HETATM 1534 C  C22 . 3IN C 2 .  ? -6.907  1.645   -0.734  1.00 14.62  ? 902 3IN B C22 1 
HETATM 1535 C  C24 . 3IN C 2 .  ? -8.929  0.667   -0.996  1.00 14.51  ? 902 3IN B C24 1 
HETATM 1536 C  C27 . 3IN C 2 .  ? 5.727   12.464  -6.591  1.00 60.63  ? 902 3IN B C27 1 
HETATM 1537 C  C30 . 3IN C 2 .  ? -7.230  1.763   -2.282  1.00 16.72  ? 902 3IN B C30 1 
HETATM 1538 C  C31 . 3IN C 2 .  ? 1.225   6.602   -5.083  1.00 20.06  ? 902 3IN B C31 1 
HETATM 1539 C  C32 . 3IN C 2 .  ? 1.813   7.984   -4.948  1.00 23.34  ? 902 3IN B C32 1 
HETATM 1540 C  C33 . 3IN C 2 .  ? 1.623   10.348  -4.949  1.00 35.00  ? 902 3IN B C33 1 
HETATM 1541 C  C34 . 3IN C 2 .  ? 3.025   10.469  -5.021  1.00 39.42  ? 902 3IN B C34 1 
HETATM 1542 C  C35 . 3IN C 2 .  ? 5.478   13.190  -4.301  1.00 59.86  ? 902 3IN B C35 1 
HETATM 1543 N  N1  . 3IN C 2 .  ? 0.240   6.108   -4.207  1.00 17.20  ? 902 3IN B N1  1 
HETATM 1544 O  O1  . 3IN C 2 .  ? -1.356  6.456   -0.105  1.00 11.92  ? 902 3IN B O1  1 
HETATM 1545 N  N2  . 3IN C 2 .  ? 0.933   6.698   0.179   1.00 11.34  ? 902 3IN B N2  1 
HETATM 1546 C  C4  . 3IN C 2 .  ? 0.951   7.344   1.484   1.00 11.70  ? 902 3IN B C4  1 
HETATM 1547 C  C5  . 3IN C 2 .  ? 2.423   7.479   1.964   1.00 14.45  ? 902 3IN B C5  1 
HETATM 1548 C  C6  . 3IN C 2 .  ? 0.246   6.517   2.543   1.00 11.72  ? 902 3IN B C6  1 
HETATM 1549 N  N3  . 3IN C 2 .  ? -0.776  4.489   -2.061  1.00 11.60  ? 902 3IN B N3  1 
HETATM 1550 O  O2  . 3IN C 2 .  ? -1.446  1.488   -0.072  1.00 9.46   ? 902 3IN B O2  1 
HETATM 1551 C  C17 . 3IN C 2 .  ? -6.780  1.205   4.055   1.00 14.51  ? 902 3IN B C17 1 
HETATM 1552 C  C18 . 3IN C 2 .  ? -7.778  2.171   4.223   1.00 14.78  ? 902 3IN B C18 1 
HETATM 1553 O  O3  . 3IN C 2 .  ? -5.072  3.957   -0.496  1.00 11.34  ? 902 3IN B O3  1 
HETATM 1554 N  N4  . 3IN C 2 .  ? -5.575  1.770   -0.076  1.00 11.28  ? 902 3IN B N4  1 
HETATM 1555 C  C23 . 3IN C 2 .  ? -7.961  0.919   0.177   1.00 14.92  ? 902 3IN B C23 1 
HETATM 1556 C  C25 . 3IN C 2 .  ? -8.188  0.619   -2.247  1.00 16.92  ? 902 3IN B C25 1 
HETATM 1557 C  C29 . 3IN C 2 .  ? -6.013  1.514   -3.131  1.00 15.43  ? 902 3IN B C29 1 
HETATM 1558 N  N7  . 3IN C 2 .  ? 3.764   9.355   -5.003  1.00 34.71  ? 902 3IN B N7  1 
HETATM 1559 C  C36 . 3IN C 2 .  ? 3.214   8.142   -4.991  1.00 27.61  ? 902 3IN B C36 1 
HETATM 1560 CL CL1 . 3IN C 2 .  ? 0.636   11.764  -4.980  1.00 13.32  ? 902 3IN B CL1 1 
HETATM 1561 C  C26 . 3IN C 2 .  ? 4.280   11.877  -6.626  1.00 55.54  ? 902 3IN B C26 1 
HETATM 1562 N  N8  . 3IN C 2 .  ? 5.804   13.646  -5.674  1.00 61.66  ? 902 3IN B N8  1 
HETATM 1563 C  C37 . 3IN C 2 .  ? 4.010   12.654  -4.233  1.00 55.70  ? 902 3IN B C37 1 
HETATM 1564 N  N5  . 3IN C 2 .  ? 3.734   11.627  -5.266  1.00 49.80  ? 902 3IN B N5  1 
HETATM 1565 C  C28 . 3IN C 2 .  ? 7.136   14.292  -5.662  1.00 63.18  ? 902 3IN B C28 1 
HETATM 1566 O  O   . HOH D 3 .  ? 18.846  -3.495  22.635  1.00 61.58  ? 305 HOH A O   1 
HETATM 1567 O  O   . HOH D 3 .  ? -8.005  9.764   11.461  1.00 40.53  ? 307 HOH A O   1 
HETATM 1568 O  O   . HOH D 3 .  ? -9.095  -7.675  6.447   1.00 21.33  ? 309 HOH A O   1 
HETATM 1569 O  O   . HOH D 3 .  ? 13.364  -4.705  2.152   1.00 10.38  ? 314 HOH A O   1 
HETATM 1570 O  O   . HOH D 3 .  ? -10.578 8.326   18.159  1.00 97.99  ? 315 HOH A O   1 
HETATM 1571 O  O   . HOH D 3 .  ? 6.030   2.138   -2.644  1.00 13.96  ? 324 HOH A O   1 
HETATM 1572 O  O   . HOH D 3 .  ? 15.517  -4.898  3.841   1.00 16.28  ? 325 HOH A O   1 
HETATM 1573 O  O   . HOH D 3 .  ? -2.903  9.319   19.920  1.00 61.43  ? 327 HOH A O   1 
HETATM 1574 O  O   . HOH D 3 .  ? 11.300  17.290  11.091  1.00 31.97  ? 328 HOH A O   1 
HETATM 1575 O  O   . HOH D 3 .  ? 15.119  -4.347  12.679  1.00 46.63  ? 329 HOH A O   1 
HETATM 1576 O  O   . HOH D 3 .  ? 16.890  -6.303  9.848   1.00 35.18  ? 331 HOH A O   1 
HETATM 1577 O  O   . HOH D 3 .  ? 3.590   6.530   -1.381  1.00 10.03  ? 332 HOH A O   1 
HETATM 1578 O  O   . HOH D 3 .  ? 18.844  3.757   5.126   1.00 35.93  ? 344 HOH A O   1 
HETATM 1579 O  O   . HOH D 3 .  ? -5.487  17.755  5.807   1.00 53.37  ? 345 HOH A O   1 
HETATM 1580 O  O   . HOH D 3 .  ? -12.436 -13.472 6.741   1.00 71.16  ? 377 HOH A O   1 
HETATM 1581 O  O   . HOH D 3 .  ? -6.512  22.753  -1.083  1.00 50.71  ? 384 HOH A O   1 
HETATM 1582 O  O   . HOH D 3 .  ? -3.959  -13.447 5.673   1.00 23.61  ? 386 HOH A O   1 
HETATM 1583 O  O   . HOH D 3 .  ? -2.607  -10.588 6.980   1.00 50.24  ? 389 HOH A O   1 
HETATM 1584 O  O   . HOH D 3 .  ? 12.737  -11.225 4.229   1.00 19.74  ? 394 HOH A O   1 
HETATM 1585 O  O   . HOH D 3 .  ? 7.620   8.605   6.828   1.00 11.95  ? 406 HOH A O   1 
HETATM 1586 O  O   . HOH D 3 .  ? -7.976  -1.562  9.485   1.00 36.82  ? 408 HOH A O   1 
HETATM 1587 O  O   . HOH D 3 .  ? -4.669  1.384   12.251  1.00 35.78  ? 416 HOH A O   1 
HETATM 1588 O  O   . HOH D 3 .  ? -6.639  17.354  -2.118  1.00 45.79  ? 422 HOH A O   1 
HETATM 1589 O  O   . HOH D 3 .  ? -0.715  -14.035 8.356   1.00 57.34  ? 439 HOH A O   1 
HETATM 1590 O  O   . HOH D 3 .  ? -6.025  -8.773  9.962   1.00 47.10  ? 457 HOH A O   1 
HETATM 1591 O  O   . HOH D 3 .  ? 2.452   9.461   -1.762  1.00 20.95  ? 501 HOH A O   1 
HETATM 1592 O  O   . HOH D 3 .  ? 8.390   -18.353 13.842  1.00 78.36  ? 503 HOH A O   1 
HETATM 1593 O  O   . HOH D 3 .  ? 20.713  -3.475  14.858  1.00 76.15  ? 510 HOH A O   1 
HETATM 1594 O  O   . HOH D 3 .  ? 1.159   -22.558 5.496   1.00 59.80  ? 524 HOH A O   1 
HETATM 1595 O  O   . HOH D 3 .  ? 9.332   -15.430 12.789  1.00 37.54  ? 529 HOH A O   1 
HETATM 1596 O  O   . HOH D 3 .  ? -14.499 8.800   16.135  1.00 117.43 ? 531 HOH A O   1 
HETATM 1597 O  O   . HOH D 3 .  ? 15.583  -11.107 3.090   1.00 47.87  ? 532 HOH A O   1 
HETATM 1598 O  O   . HOH D 3 .  ? 12.003  21.058  20.522  1.00 66.61  ? 561 HOH A O   1 
HETATM 1599 O  O   . HOH D 3 .  ? -1.309  -9.876  9.847   1.00 40.24  ? 567 HOH A O   1 
HETATM 1600 O  O   . HOH D 3 .  ? -4.343  1.566   16.866  1.00 34.96  ? 572 HOH A O   1 
HETATM 1601 O  O   . HOH D 3 .  ? -10.113 1.272   8.024   1.00 59.83  ? 575 HOH A O   1 
HETATM 1602 O  O   . HOH D 3 .  ? 4.282   4.699   -3.843  1.00 23.94  ? 618 HOH A O   1 
HETATM 1603 O  O   . HOH D 3 .  ? 3.131   12.292  -1.169  1.00 30.47  ? 619 HOH A O   1 
HETATM 1604 O  O   . HOH D 3 .  ? 5.130   9.746   -0.808  1.00 37.76  ? 620 HOH A O   1 
HETATM 1605 O  O   . HOH E 3 .  ? -18.667 -5.682  -13.381 1.00 36.35  ? 301 HOH B O   1 
HETATM 1606 O  O   . HOH E 3 .  ? -17.136 -6.697  -16.265 1.00 34.98  ? 304 HOH B O   1 
HETATM 1607 O  O   . HOH E 3 .  ? -4.516  -4.166  2.779   1.00 12.86  ? 306 HOH B O   1 
HETATM 1608 O  O   . HOH E 3 .  ? -3.998  6.394   -1.040  1.00 10.02  ? 308 HOH B O   1 
HETATM 1609 O  O   . HOH E 3 .  ? -20.763 -1.171  -20.717 1.00 17.31  ? 312 HOH B O   1 
HETATM 1610 O  O   . HOH E 3 .  ? -5.976  -1.867  3.163   1.00 17.04  ? 313 HOH B O   1 
HETATM 1611 O  O   . HOH E 3 .  ? -12.349 -5.740  -5.594  1.00 34.35  ? 316 HOH B O   1 
HETATM 1612 O  O   . HOH E 3 .  ? -11.739 -15.286 -11.756 1.00 15.42  ? 317 HOH B O   1 
HETATM 1613 O  O   . HOH E 3 .  ? 18.171  -5.845  2.314   1.00 16.34  ? 318 HOH B O   1 
HETATM 1614 O  O   . HOH E 3 .  ? -9.310  -7.910  -0.890  1.00 31.84  ? 319 HOH B O   1 
HETATM 1615 O  O   . HOH E 3 .  ? -10.136 -4.968  -7.350  1.00 14.59  ? 321 HOH B O   1 
HETATM 1616 O  O   . HOH E 3 .  ? 0.749   -19.977 -4.684  1.00 59.98  ? 323 HOH B O   1 
HETATM 1617 O  O   . HOH E 3 .  ? -1.095  -14.571 0.316   1.00 36.83  ? 326 HOH B O   1 
HETATM 1618 O  O   . HOH E 3 .  ? 11.935  -3.788  -7.580  1.00 38.66  ? 333 HOH B O   1 
HETATM 1619 O  O   . HOH E 3 .  ? -13.833 -10.925 -10.770 1.00 18.86  ? 334 HOH B O   1 
HETATM 1620 O  O   . HOH E 3 .  ? -8.141  11.688  5.047   1.00 35.18  ? 335 HOH B O   1 
HETATM 1621 O  O   . HOH E 3 .  ? 14.344  -6.394  -5.349  1.00 40.44  ? 338 HOH B O   1 
HETATM 1622 O  O   . HOH E 3 .  ? -3.130  -9.728  -22.451 1.00 35.08  ? 339 HOH B O   1 
HETATM 1623 O  O   . HOH E 3 .  ? -9.914  9.370   -14.501 1.00 43.51  ? 340 HOH B O   1 
HETATM 1624 O  O   . HOH E 3 .  ? -4.232  1.366   -16.968 1.00 22.26  ? 346 HOH B O   1 
HETATM 1625 O  O   . HOH E 3 .  ? 6.315   -1.927  -19.239 1.00 53.26  ? 347 HOH B O   1 
HETATM 1626 O  O   . HOH E 3 .  ? -5.199  8.596   -13.174 1.00 21.67  ? 348 HOH B O   1 
HETATM 1627 O  O   . HOH E 3 .  ? -19.343 1.002   -3.054  1.00 30.90  ? 349 HOH B O   1 
HETATM 1628 O  O   . HOH E 3 .  ? 11.443  0.699   -8.695  1.00 33.73  ? 350 HOH B O   1 
HETATM 1629 O  O   . HOH E 3 .  ? 16.661  -8.982  -8.905  1.00 68.99  ? 354 HOH B O   1 
HETATM 1630 O  O   . HOH E 3 .  ? 3.857   -17.769 -7.255  1.00 36.85  ? 355 HOH B O   1 
HETATM 1631 O  O   . HOH E 3 .  ? -9.544  -12.806 -6.042  1.00 28.30  ? 356 HOH B O   1 
HETATM 1632 O  O   . HOH E 3 .  ? -11.180 9.981   4.696   1.00 51.54  ? 357 HOH B O   1 
HETATM 1633 O  O   . HOH E 3 .  ? -37.127 -1.654  -9.704  1.00 57.33  ? 358 HOH B O   1 
HETATM 1634 O  O   . HOH E 3 .  ? 5.885   4.740   -9.642  1.00 56.90  ? 359 HOH B O   1 
HETATM 1635 O  O   . HOH E 3 .  ? -8.666  10.916  -21.037 1.00 54.37  ? 362 HOH B O   1 
HETATM 1636 O  O   . HOH E 3 .  ? 27.274  -17.123 5.606   1.00 32.01  ? 364 HOH B O   1 
HETATM 1637 O  O   . HOH E 3 .  ? -15.569 -9.010  -6.650  1.00 60.18  ? 367 HOH B O   1 
HETATM 1638 O  O   . HOH E 3 .  ? -43.210 -1.365  -10.142 1.00 57.77  ? 369 HOH B O   1 
HETATM 1639 O  O   . HOH E 3 .  ? -11.231 4.601   4.354   1.00 39.60  ? 370 HOH B O   1 
HETATM 1640 O  O   . HOH E 3 .  ? 1.534   3.216   -13.464 1.00 36.84  ? 374 HOH B O   1 
HETATM 1641 O  O   . HOH E 3 .  ? -13.223 6.310   -13.917 1.00 46.88  ? 375 HOH B O   1 
HETATM 1642 O  O   . HOH E 3 .  ? -0.719  -11.543 -26.244 1.00 92.91  ? 376 HOH B O   1 
HETATM 1643 O  O   . HOH E 3 .  ? 2.478   2.305   -17.533 1.00 30.45  ? 379 HOH B O   1 
HETATM 1644 O  O   . HOH E 3 .  ? 0.391   -19.257 -7.988  1.00 68.81  ? 381 HOH B O   1 
HETATM 1645 O  O   . HOH E 3 .  ? -28.373 -4.729  -19.319 1.00 9.72   ? 383 HOH B O   1 
HETATM 1646 O  O   . HOH E 3 .  ? 6.316   -9.973  -19.178 1.00 47.70  ? 387 HOH B O   1 
HETATM 1647 O  O   . HOH E 3 .  ? 14.530  -12.548 -7.127  1.00 32.68  ? 388 HOH B O   1 
HETATM 1648 O  O   . HOH E 3 .  ? 11.699  4.065   -6.098  1.00 31.35  ? 392 HOH B O   1 
HETATM 1649 O  O   . HOH E 3 .  ? -10.350 -9.880  -19.790 1.00 23.94  ? 393 HOH B O   1 
HETATM 1650 O  O   . HOH E 3 .  ? 0.828   6.884   -17.551 1.00 43.48  ? 395 HOH B O   1 
HETATM 1651 O  O   . HOH E 3 .  ? 11.396  -2.117  -10.063 1.00 52.72  ? 400 HOH B O   1 
HETATM 1652 O  O   . HOH E 3 .  ? -7.313  9.975   -6.647  1.00 17.33  ? 401 HOH B O   1 
HETATM 1653 O  O   . HOH E 3 .  ? -12.294 -1.183  -0.561  1.00 50.64  ? 405 HOH B O   1 
HETATM 1654 O  O   . HOH E 3 .  ? -28.674 -10.651 -15.009 1.00 93.20  ? 410 HOH B O   1 
HETATM 1655 O  O   . HOH E 3 .  ? -7.559  7.631   -14.717 1.00 37.31  ? 414 HOH B O   1 
HETATM 1656 O  O   . HOH E 3 .  ? -9.354  -5.567  -23.581 1.00 48.53  ? 419 HOH B O   1 
HETATM 1657 O  O   . HOH E 3 .  ? -10.549 7.233   3.057   1.00 26.37  ? 420 HOH B O   1 
HETATM 1658 O  O   . HOH E 3 .  ? 1.168   -9.821  -27.924 1.00 23.72  ? 425 HOH B O   1 
HETATM 1659 O  O   . HOH E 3 .  ? 0.013   -17.360 -0.721  1.00 56.70  ? 436 HOH B O   1 
HETATM 1660 O  O   . HOH E 3 .  ? -1.746  -12.412 -20.286 1.00 49.78  ? 443 HOH B O   1 
HETATM 1661 O  O   . HOH E 3 .  ? 20.423  -10.169 -5.206  1.00 96.51  ? 461 HOH B O   1 
HETATM 1662 O  O   . HOH E 3 .  ? 11.434  -2.934  -5.023  1.00 25.80  ? 468 HOH B O   1 
HETATM 1663 O  O   . HOH E 3 .  ? -0.827  2.981   -17.554 1.00 40.11  ? 471 HOH B O   1 
HETATM 1664 O  O   . HOH E 3 .  ? -10.884 -10.563 -7.442  1.00 2.90   ? 500 HOH B O   1 
HETATM 1665 O  O   . HOH E 3 .  ? 2.272   -22.118 -6.872  1.00 90.91  ? 505 HOH B O   1 
HETATM 1666 O  O   . HOH E 3 .  ? -23.859 20.080  -4.472  1.00 81.46  ? 506 HOH B O   1 
HETATM 1667 O  O   . HOH E 3 .  ? -6.475  -8.790  -20.480 1.00 25.29  ? 509 HOH B O   1 
HETATM 1668 O  O   . HOH E 3 .  ? -26.417 2.982   0.388   1.00 93.15  ? 514 HOH B O   1 
HETATM 1669 O  O   . HOH E 3 .  ? 35.040  -18.669 -22.348 1.00 53.72  ? 515 HOH B O   1 
HETATM 1670 O  O   . HOH E 3 .  ? 3.439   -9.938  -17.083 1.00 32.23  ? 517 HOH B O   1 
HETATM 1671 O  O   . HOH E 3 .  ? -20.169 -15.423 -18.271 1.00 66.20  ? 525 HOH B O   1 
HETATM 1672 O  O   . HOH E 3 .  ? 27.800  -16.494 -9.936  1.00 47.08  ? 526 HOH B O   1 
HETATM 1673 O  O   . HOH E 3 .  ? -10.111 -14.160 -19.206 1.00 65.08  ? 549 HOH B O   1 
HETATM 1674 O  O   . HOH E 3 .  ? 8.796   -6.629  -14.433 1.00 69.29  ? 553 HOH B O   1 
HETATM 1675 O  O   . HOH E 3 .  ? -16.482 5.611   -30.494 1.00 87.16  ? 564 HOH B O   1 
HETATM 1676 O  O   . HOH E 3 .  ? 3.033   12.201  -14.341 1.00 48.93  ? 568 HOH B O   1 
HETATM 1677 O  O   . HOH E 3 .  ? 14.167  -8.866  -7.240  1.00 60.10  ? 591 HOH B O   1 
HETATM 1678 O  O   . HOH E 3 .  ? 22.223  5.037   -6.382  1.00 66.75  ? 595 HOH B O   1 
HETATM 1679 O  O   . HOH E 3 .  ? -37.962 -3.848  -14.505 1.00 36.25  ? 613 HOH B O   1 
HETATM 1680 O  O   . HOH E 3 .  ? -8.821  -13.394 -3.158  1.00 29.76  ? 617 HOH B O   1 
# 
